data_3I27
#
_entry.id   3I27
#
_cell.length_a   67.630
_cell.length_b   112.890
_cell.length_c   273.030
_cell.angle_alpha   90.00
_cell.angle_beta   90.00
_cell.angle_gamma   90.00
#
_symmetry.space_group_name_H-M   'P 21 21 21'
#
loop_
_entity.id
_entity.type
_entity.pdbx_description
1 polymer Hemagglutinin-esterase
2 branched beta-D-mannopyranose-(1-4)-2-acetamido-2-deoxy-beta-D-glucopyranose-(1-4)-2-acetamido-2-deoxy-beta-D-glucopyranose
3 branched 2-acetamido-2-deoxy-beta-D-glucopyranose-(1-4)-2-acetamido-2-deoxy-beta-D-glucopyranose
4 branched alpha-D-mannopyranose-(1-3)-[alpha-D-mannopyranose-(1-6)]alpha-D-mannopyranose-(1-6)-[alpha-D-mannopyranose-(1-3)]beta-D-mannopyranose-(1-4)-2-acetamido-2-deoxy-beta-D-glucopyranose-(1-4)-2-acetamido-2-deoxy-beta-D-glucopyranose
5 non-polymer 2-acetamido-2-deoxy-beta-D-glucopyranose
6 non-polymer 'methyl 9-S-acetyl-5-acetamido-3,5-dideoxy-9-thio-D-glycero-alpha-D-galacto-non-2-ulopyranosidonic acid'
7 water water
#
_entity_poly.entity_id   1
_entity_poly.type   'polypeptide(L)'
_entity_poly.pdbx_seq_one_letter_code
;ATPVTPYYGPGHITFDWCGFGDSRSDCTNPQSPMSLDIPQQLCPKFSSKSSSSMFLSLHWNNHSSFVSYDYFNCGVEKVF
YEGVNFSPRKQYSCWDEGVDGWIELKTRFYTKLYQMATTSRCIKLIQLQAPSSLPTLQAGVCRTNKQLPDNPRLALLSDT
VPTSVQFVLPGSSGTTICTKHLVPFCYLNHGCFTTGGSCLPFGVSYVSDSFYYGYYDATPQIGSTESHDYVCDYLFMEPG
TYNASTVGKFLVYPTKSYCMDTMNITVPVQAVQSIWSEQYASDDAIGQACKAPYCIFYNKTTPYTVTNGSDANHGDDEVR
MMMQGLLRNSSCISPQGSTPLALYSTEMIYEPNYGSCPQFYKLFDTSGNENIDVISSSDPLVPR
;
_entity_poly.pdbx_strand_id   A,B,C,D
#
loop_
_chem_comp.id
_chem_comp.type
_chem_comp.name
_chem_comp.formula
BMA D-saccharide, beta linking beta-D-mannopyranose 'C6 H12 O6'
MAN D-saccharide, alpha linking alpha-D-mannopyranose 'C6 H12 O6'
NAG D-saccharide, beta linking 2-acetamido-2-deoxy-beta-D-glucopyranose 'C8 H15 N O6'
SID D-saccharide 'methyl 9-S-acetyl-5-acetamido-3,5-dideoxy-9-thio-D-glycero-alpha-D-galacto-non-2-ulopyranosidonic acid' 'C14 H23 N O9 S'
#
# COMPACT_ATOMS: atom_id res chain seq x y z
N THR A 2 42.08 35.08 10.09
CA THR A 2 41.74 36.08 11.16
C THR A 2 40.84 35.38 12.26
N PRO A 3 40.85 35.86 13.51
CA PRO A 3 40.09 35.14 14.57
C PRO A 3 38.58 35.16 14.39
N VAL A 4 37.91 34.13 14.89
CA VAL A 4 36.45 34.06 14.78
C VAL A 4 35.82 33.76 16.15
N THR A 5 34.53 34.05 16.25
CA THR A 5 33.73 33.87 17.45
C THR A 5 32.47 33.14 17.05
N PRO A 6 32.12 32.04 17.75
CA PRO A 6 30.93 31.31 17.42
C PRO A 6 29.68 32.16 17.44
N TYR A 7 28.87 31.99 16.39
CA TYR A 7 27.62 32.69 16.29
C TYR A 7 26.56 31.75 16.84
N TYR A 8 25.97 32.13 17.98
CA TYR A 8 25.06 31.26 18.71
C TYR A 8 23.75 30.98 17.94
N GLY A 9 23.57 29.69 17.59
CA GLY A 9 22.45 29.29 16.75
C GLY A 9 22.87 28.23 15.79
N PRO A 10 21.89 27.60 15.10
CA PRO A 10 22.22 26.59 14.11
C PRO A 10 22.94 27.17 12.90
N GLY A 11 23.42 26.29 12.04
CA GLY A 11 24.19 26.68 10.88
C GLY A 11 24.32 25.51 9.92
N HIS A 12 24.95 25.75 8.78
CA HIS A 12 25.21 24.67 7.84
C HIS A 12 26.52 24.97 7.12
N ILE A 13 27.26 23.90 6.83
CA ILE A 13 28.54 24.00 6.14
C ILE A 13 28.37 23.83 4.65
N THR A 14 27.48 22.94 4.23
CA THR A 14 27.31 22.63 2.83
C THR A 14 25.94 23.09 2.35
N PHE A 15 25.74 22.99 1.04
CA PHE A 15 24.44 23.22 0.42
C PHE A 15 23.42 22.16 0.79
N ASP A 16 23.85 21.03 1.33
CA ASP A 16 22.95 19.87 1.49
C ASP A 16 22.39 19.80 2.90
N TRP A 17 21.49 20.72 3.22
CA TRP A 17 20.96 20.81 4.59
C TRP A 17 19.47 20.94 4.53
N CYS A 18 18.81 20.59 5.63
CA CYS A 18 17.38 20.67 5.69
C CYS A 18 16.87 20.95 7.09
N GLY A 19 15.62 21.38 7.16
CA GLY A 19 14.97 21.72 8.42
C GLY A 19 13.64 21.03 8.55
N PHE A 20 13.29 20.74 9.79
CA PHE A 20 12.02 20.17 10.15
C PHE A 20 11.36 21.11 11.18
N GLY A 21 10.12 21.50 10.94
CA GLY A 21 9.50 22.47 11.83
C GLY A 21 8.00 22.48 11.92
N ASP A 22 7.48 23.62 12.39
CA ASP A 22 6.07 23.80 12.71
C ASP A 22 5.59 25.18 12.21
N SER A 23 4.58 25.81 12.84
CA SER A 23 4.08 27.09 12.38
C SER A 23 5.16 28.15 12.25
N ARG A 24 6.16 28.10 13.15
CA ARG A 24 7.24 29.09 13.19
C ARG A 24 8.25 28.97 12.03
N SER A 25 8.05 28.02 11.14
CA SER A 25 8.83 27.93 9.90
C SER A 25 7.98 27.49 8.70
N ASP A 26 6.67 27.77 8.78
CA ASP A 26 5.70 27.40 7.77
C ASP A 26 5.24 28.64 7.04
N CYS A 27 5.78 28.84 5.84
CA CYS A 27 5.45 30.05 5.07
C CYS A 27 4.04 30.00 4.47
N THR A 28 3.37 28.85 4.56
CA THR A 28 1.98 28.75 4.13
C THR A 28 1.01 29.26 5.19
N ASN A 29 1.49 29.46 6.42
CA ASN A 29 0.65 30.08 7.46
C ASN A 29 0.14 31.47 7.00
N PRO A 30 -1.16 31.72 7.16
CA PRO A 30 -1.74 32.98 6.70
C PRO A 30 -1.11 34.22 7.35
N GLN A 31 -0.52 34.09 8.54
CA GLN A 31 0.16 35.23 9.18
C GLN A 31 1.63 35.38 8.80
N SER A 32 2.16 34.48 7.95
CA SER A 32 3.57 34.57 7.53
C SER A 32 3.81 35.83 6.70
N PRO A 33 4.93 36.53 6.88
CA PRO A 33 6.18 36.30 7.63
C PRO A 33 6.21 36.72 9.10
N MET A 34 5.14 37.34 9.58
CA MET A 34 5.06 37.79 10.96
C MET A 34 5.09 36.63 11.95
N SER A 35 4.61 35.47 11.51
CA SER A 35 4.52 34.30 12.37
C SER A 35 5.79 33.43 12.35
N LEU A 36 6.81 33.84 11.58
CA LEU A 36 8.06 33.06 11.44
C LEU A 36 9.11 33.39 12.49
N ASP A 37 9.87 32.38 12.90
CA ASP A 37 11.06 32.56 13.70
C ASP A 37 12.32 32.37 12.85
N ILE A 38 12.14 31.96 11.59
CA ILE A 38 13.26 31.77 10.66
C ILE A 38 13.15 32.83 9.55
N PRO A 39 14.26 33.10 8.88
CA PRO A 39 14.20 33.96 7.72
C PRO A 39 13.32 33.33 6.66
N GLN A 40 12.44 34.15 6.10
CA GLN A 40 11.42 33.74 5.18
C GLN A 40 12.02 33.04 3.97
N GLN A 41 13.20 33.47 3.57
CA GLN A 41 13.87 32.91 2.41
C GLN A 41 14.38 31.49 2.66
N LEU A 42 14.46 31.07 3.92
CA LEU A 42 14.78 29.69 4.23
C LEU A 42 13.56 28.76 4.36
N CYS A 43 12.35 29.27 4.20
CA CYS A 43 11.18 28.38 4.20
C CYS A 43 11.28 27.17 3.25
N PRO A 44 11.85 27.35 2.04
CA PRO A 44 11.89 26.16 1.16
C PRO A 44 12.84 25.04 1.65
N LYS A 45 13.70 25.36 2.62
CA LYS A 45 14.63 24.38 3.21
C LYS A 45 13.98 23.54 4.28
N PHE A 46 12.82 23.99 4.79
CA PHE A 46 12.11 23.34 5.87
C PHE A 46 10.91 22.51 5.39
N SER A 47 10.69 21.39 6.07
CA SER A 47 9.51 20.60 5.98
C SER A 47 8.77 20.91 7.29
N SER A 48 7.69 21.68 7.20
CA SER A 48 7.03 22.23 8.41
C SER A 48 5.55 22.40 8.17
N LYS A 49 4.77 22.31 9.24
CA LYS A 49 3.32 22.54 9.16
C LYS A 49 2.84 23.10 10.47
N SER A 50 2.06 24.17 10.37
CA SER A 50 1.39 24.78 11.53
C SER A 50 0.60 23.77 12.33
N SER A 51 0.86 23.79 13.63
CA SER A 51 0.17 22.99 14.65
C SER A 51 0.61 21.54 14.74
N SER A 52 1.58 21.14 13.92
CA SER A 52 2.05 19.77 13.95
C SER A 52 3.36 19.64 14.68
N SER A 53 3.73 18.38 14.93
CA SER A 53 5.06 18.00 15.32
C SER A 53 5.40 16.62 14.76
N MET A 54 6.69 16.31 14.72
CA MET A 54 7.14 15.01 14.24
C MET A 54 6.68 13.90 15.16
N PHE A 55 6.68 14.14 16.48
CA PHE A 55 6.12 13.17 17.43
C PHE A 55 4.65 12.92 17.22
N LEU A 56 3.88 14.02 17.20
CA LEU A 56 2.44 13.95 17.09
C LEU A 56 2.05 13.26 15.79
N SER A 57 2.76 13.60 14.70
CA SER A 57 2.44 13.00 13.40
C SER A 57 2.80 11.51 13.32
N LEU A 58 3.78 11.06 14.10
CA LEU A 58 4.07 9.64 14.18
C LEU A 58 2.86 8.85 14.71
N HIS A 59 2.30 9.31 15.83
CA HIS A 59 1.25 8.60 16.53
C HIS A 59 -0.16 8.83 16.02
N TRP A 60 -0.46 10.00 15.46
CA TRP A 60 -1.83 10.36 15.06
C TRP A 60 -1.94 10.80 13.62
N ASN A 61 -3.02 10.40 12.98
CA ASN A 61 -3.39 11.06 11.74
C ASN A 61 -4.25 12.28 12.15
N ASN A 62 -5.04 12.86 11.25
CA ASN A 62 -5.82 14.07 11.55
C ASN A 62 -7.08 13.81 12.39
N HIS A 63 -7.23 14.56 13.48
CA HIS A 63 -8.46 14.59 14.29
C HIS A 63 -8.68 16.05 14.66
N SER A 64 -9.80 16.36 15.31
CA SER A 64 -10.10 17.76 15.64
C SER A 64 -8.98 18.45 16.44
N SER A 65 -8.28 17.73 17.31
CA SER A 65 -7.16 18.33 18.10
C SER A 65 -5.77 17.87 17.69
N PHE A 66 -5.67 17.23 16.51
CA PHE A 66 -4.41 16.68 16.02
C PHE A 66 -4.18 17.03 14.55
N VAL A 67 -3.19 17.89 14.29
CA VAL A 67 -2.84 18.27 12.92
C VAL A 67 -1.62 17.42 12.51
N SER A 68 -1.91 16.41 11.69
CA SER A 68 -0.92 15.44 11.26
C SER A 68 -0.34 15.89 9.94
N TYR A 69 0.99 15.80 9.83
CA TYR A 69 1.71 16.20 8.65
C TYR A 69 2.66 15.12 8.14
N ASP A 70 2.75 15.00 6.84
CA ASP A 70 3.63 14.02 6.19
C ASP A 70 5.04 14.60 6.09
N TYR A 71 5.73 14.73 7.22
CA TYR A 71 7.08 15.27 7.25
C TYR A 71 7.99 14.50 6.30
N PHE A 72 8.85 15.25 5.60
CA PHE A 72 9.74 14.68 4.62
C PHE A 72 10.82 15.70 4.25
N ASN A 73 12.06 15.36 4.50
CA ASN A 73 13.15 16.20 4.02
C ASN A 73 14.47 15.41 3.92
N CYS A 74 15.40 15.90 3.11
CA CYS A 74 16.70 15.27 2.91
C CYS A 74 17.79 16.27 3.17
N GLY A 75 18.83 15.88 3.90
CA GLY A 75 19.99 16.75 4.12
C GLY A 75 21.01 16.00 4.92
N VAL A 76 22.28 16.06 4.52
CA VAL A 76 23.40 15.60 5.34
C VAL A 76 23.39 16.31 6.73
N GLU A 77 23.10 17.61 6.72
CA GLU A 77 22.99 18.44 7.92
C GLU A 77 21.52 18.75 8.19
N LYS A 78 21.13 18.72 9.46
CA LYS A 78 19.72 18.78 9.81
C LYS A 78 19.46 19.71 11.00
N VAL A 79 18.43 20.52 10.84
CA VAL A 79 18.03 21.47 11.86
C VAL A 79 16.57 21.21 12.23
N PHE A 80 16.35 20.83 13.49
CA PHE A 80 15.01 20.57 13.96
C PHE A 80 14.54 21.76 14.80
N TYR A 81 13.35 22.26 14.49
CA TYR A 81 12.72 23.29 15.30
C TYR A 81 11.20 23.07 15.41
N GLU A 82 10.84 22.05 16.17
CA GLU A 82 9.44 21.71 16.44
C GLU A 82 9.37 20.88 17.70
N GLY A 83 8.16 20.52 18.12
CA GLY A 83 8.03 19.75 19.33
C GLY A 83 6.98 20.34 20.23
N VAL A 84 6.86 21.67 20.21
CA VAL A 84 5.95 22.40 21.10
C VAL A 84 4.49 21.93 21.03
N ASN A 85 4.04 21.49 19.86
CA ASN A 85 2.65 21.16 19.67
C ASN A 85 2.21 19.84 20.30
N PHE A 86 3.17 19.13 20.92
CA PHE A 86 2.83 18.10 21.91
C PHE A 86 3.63 18.41 23.15
N SER A 87 2.97 19.14 24.05
CA SER A 87 3.51 19.63 25.31
C SER A 87 2.50 19.46 26.44
N PRO A 88 2.92 19.65 27.69
CA PRO A 88 1.94 19.50 28.76
C PRO A 88 0.77 20.43 28.63
N ARG A 89 0.93 21.56 27.91
CA ARG A 89 -0.20 22.41 27.63
C ARG A 89 -1.41 21.59 27.13
N LYS A 90 -1.12 20.64 26.25
CA LYS A 90 -2.15 19.84 25.58
C LYS A 90 -2.90 18.93 26.54
N GLN A 91 -2.25 18.59 27.66
CA GLN A 91 -2.83 17.69 28.69
C GLN A 91 -3.35 16.33 28.17
N TYR A 92 -2.61 15.77 27.21
CA TYR A 92 -2.97 14.49 26.64
C TYR A 92 -2.46 13.36 27.54
N SER A 93 -3.35 12.42 27.79
CA SER A 93 -2.99 11.10 28.24
C SER A 93 -4.12 10.14 27.80
N CYS A 94 -3.86 8.83 27.84
CA CYS A 94 -4.77 7.83 27.27
C CYS A 94 -5.24 6.83 28.34
N TRP A 95 -4.31 6.08 28.92
CA TRP A 95 -4.61 5.23 30.10
C TRP A 95 -4.11 5.91 31.37
N ASP A 96 -3.44 5.23 32.31
CA ASP A 96 -3.15 5.84 33.63
C ASP A 96 -1.77 6.48 33.72
N GLU A 97 -1.11 6.60 32.59
CA GLU A 97 0.25 7.12 32.55
C GLU A 97 0.36 8.63 32.80
N GLY A 98 -0.75 9.35 32.65
CA GLY A 98 -0.74 10.80 32.81
C GLY A 98 0.09 11.52 31.78
N VAL A 99 0.01 12.83 31.86
CA VAL A 99 0.75 13.71 30.97
C VAL A 99 2.27 13.47 31.05
N ASP A 100 2.77 13.24 32.25
CA ASP A 100 4.20 12.99 32.41
C ASP A 100 4.63 11.72 31.64
N GLY A 101 3.78 10.71 31.65
CA GLY A 101 4.01 9.52 30.84
C GLY A 101 4.25 9.87 29.38
N TRP A 102 3.41 10.73 28.84
CA TRP A 102 3.55 11.13 27.45
C TRP A 102 4.71 12.07 27.16
N ILE A 103 5.16 12.83 28.15
CA ILE A 103 6.38 13.65 27.97
C ILE A 103 7.59 12.70 27.92
N GLU A 104 7.55 11.60 28.69
CA GLU A 104 8.59 10.57 28.63
C GLU A 104 8.59 9.92 27.25
N LEU A 105 7.43 9.55 26.74
CA LEU A 105 7.37 8.95 25.42
C LEU A 105 7.91 9.93 24.37
N LYS A 106 7.48 11.19 24.46
CA LYS A 106 8.03 12.24 23.57
C LYS A 106 9.56 12.26 23.62
N THR A 107 10.14 12.23 24.82
CA THR A 107 11.59 12.26 24.97
C THR A 107 12.26 11.04 24.32
N ARG A 108 11.66 9.87 24.50
CA ARG A 108 12.15 8.65 23.89
C ARG A 108 12.15 8.74 22.38
N PHE A 109 11.08 9.29 21.83
CA PHE A 109 10.93 9.36 20.39
C PHE A 109 12.01 10.29 19.79
N TYR A 110 12.14 11.48 20.37
CA TYR A 110 13.10 12.41 19.79
C TYR A 110 14.53 11.88 19.97
N THR A 111 14.83 11.22 21.10
CA THR A 111 16.12 10.57 21.31
C THR A 111 16.49 9.63 20.16
N LYS A 112 15.54 8.76 19.78
CA LYS A 112 15.74 7.80 18.72
C LYS A 112 15.75 8.46 17.35
N LEU A 113 14.85 9.44 17.15
CA LEU A 113 14.79 10.17 15.88
C LEU A 113 16.15 10.81 15.57
N TYR A 114 16.69 11.54 16.54
CA TYR A 114 17.97 12.25 16.35
C TYR A 114 19.10 11.24 16.15
N GLN A 115 19.08 10.17 16.92
CA GLN A 115 20.12 9.11 16.80
C GLN A 115 20.15 8.53 15.39
N MET A 116 18.98 8.15 14.89
CA MET A 116 18.91 7.52 13.58
C MET A 116 19.20 8.52 12.47
N ALA A 117 18.80 9.76 12.69
CA ALA A 117 19.02 10.82 11.72
C ALA A 117 20.49 11.08 11.41
N THR A 118 21.39 10.87 12.37
CA THR A 118 22.82 11.13 12.17
C THR A 118 23.51 10.24 11.11
N THR A 119 22.93 9.10 10.75
CA THR A 119 23.48 8.26 9.68
C THR A 119 22.53 8.12 8.49
N SER A 120 21.62 9.06 8.36
CA SER A 120 20.68 9.12 7.25
C SER A 120 20.77 10.46 6.55
N ARG A 121 20.40 10.50 5.27
CA ARG A 121 20.22 11.76 4.60
C ARG A 121 18.71 12.16 4.52
N CYS A 122 17.85 11.24 4.08
CA CYS A 122 16.42 11.49 3.96
C CYS A 122 15.64 10.93 5.13
N ILE A 123 14.64 11.65 5.55
CA ILE A 123 13.75 11.21 6.62
C ILE A 123 12.34 11.49 6.11
N LYS A 124 11.51 10.45 6.07
CA LYS A 124 10.18 10.55 5.50
C LYS A 124 9.15 9.75 6.29
N LEU A 125 8.13 10.44 6.77
CA LEU A 125 7.02 9.79 7.48
C LEU A 125 6.09 9.15 6.44
N ILE A 126 5.97 7.83 6.52
CA ILE A 126 5.11 7.15 5.59
C ILE A 126 3.96 6.44 6.27
N GLN A 127 2.88 6.30 5.50
CA GLN A 127 1.76 5.44 5.85
C GLN A 127 2.06 4.03 5.39
N LEU A 128 2.11 3.09 6.33
CA LEU A 128 2.33 1.68 5.97
C LEU A 128 1.04 1.12 5.40
N GLN A 129 1.11 0.11 4.53
CA GLN A 129 -0.13 -0.56 4.10
C GLN A 129 -0.66 -1.40 5.25
N ALA A 130 -1.96 -1.54 5.33
CA ALA A 130 -2.59 -2.44 6.30
C ALA A 130 -2.06 -3.85 6.03
N PRO A 131 -1.88 -4.66 7.08
CA PRO A 131 -1.64 -6.09 6.86
C PRO A 131 -2.69 -6.68 5.91
N SER A 132 -2.26 -7.58 5.04
CA SER A 132 -3.10 -8.04 3.91
C SER A 132 -4.23 -8.88 4.40
N SER A 133 -3.96 -9.62 5.47
CA SER A 133 -4.94 -10.42 6.12
C SER A 133 -5.10 -9.86 7.54
N LEU A 134 -6.34 -9.50 7.88
CA LEU A 134 -6.72 -8.96 9.17
C LEU A 134 -8.05 -9.63 9.61
N PRO A 135 -8.08 -10.27 10.79
CA PRO A 135 -9.35 -10.76 11.29
C PRO A 135 -10.21 -9.61 11.77
N THR A 136 -11.45 -9.90 12.12
CA THR A 136 -12.33 -8.93 12.75
C THR A 136 -11.65 -8.28 13.97
N LEU A 137 -11.72 -6.97 14.01
CA LEU A 137 -11.05 -6.19 15.03
C LEU A 137 -11.99 -5.12 15.58
N GLN A 138 -11.93 -4.91 16.87
CA GLN A 138 -12.60 -3.79 17.53
C GLN A 138 -11.53 -2.80 17.99
N ALA A 139 -11.70 -1.54 17.64
CA ALA A 139 -10.72 -0.52 17.98
C ALA A 139 -10.58 -0.36 19.49
N GLY A 140 -9.35 -0.17 19.94
CA GLY A 140 -9.10 0.12 21.35
C GLY A 140 -9.61 1.52 21.66
N VAL A 141 -9.60 1.86 22.94
CA VAL A 141 -9.98 3.17 23.42
C VAL A 141 -9.00 3.60 24.49
N CYS A 142 -8.99 4.90 24.79
CA CYS A 142 -8.34 5.44 25.97
C CYS A 142 -9.33 5.46 27.14
N ARG A 143 -8.86 5.09 28.33
CA ARG A 143 -9.64 5.36 29.55
C ARG A 143 -10.03 6.80 29.67
N THR A 144 -9.17 7.73 29.25
CA THR A 144 -9.50 9.17 29.35
C THR A 144 -10.54 9.67 28.34
N ASN A 145 -10.93 8.84 27.37
CA ASN A 145 -11.76 9.23 26.25
C ASN A 145 -11.13 10.25 25.30
N LYS A 146 -9.82 10.48 25.45
CA LYS A 146 -9.08 11.22 24.42
C LYS A 146 -8.79 10.27 23.25
N GLN A 147 -8.20 10.83 22.20
CA GLN A 147 -8.04 10.11 20.94
C GLN A 147 -6.91 9.06 21.04
N LEU A 148 -7.27 7.80 20.86
CA LEU A 148 -6.26 6.74 20.90
C LEU A 148 -5.26 6.98 19.76
N PRO A 149 -3.98 6.73 19.99
CA PRO A 149 -3.08 6.83 18.82
C PRO A 149 -3.50 5.93 17.65
N ASP A 150 -3.36 6.43 16.44
CA ASP A 150 -3.61 5.66 15.24
C ASP A 150 -2.41 4.74 14.89
N ASN A 151 -1.25 5.06 15.46
CA ASN A 151 -0.03 4.31 15.24
C ASN A 151 0.73 4.18 16.57
N PRO A 152 1.02 2.96 17.00
CA PRO A 152 0.61 1.72 16.35
C PRO A 152 -0.87 1.49 16.60
N ARG A 153 -1.47 0.65 15.77
CA ARG A 153 -2.85 0.32 15.96
C ARG A 153 -2.91 -0.56 17.19
N LEU A 154 -3.87 -0.25 18.05
CA LEU A 154 -4.27 -1.12 19.17
C LEU A 154 -5.72 -1.49 18.97
N ALA A 155 -5.95 -2.81 18.89
CA ALA A 155 -7.26 -3.34 18.59
C ALA A 155 -7.49 -4.67 19.30
N LEU A 156 -8.76 -5.08 19.32
CA LEU A 156 -9.19 -6.28 20.01
C LEU A 156 -9.74 -7.31 19.02
N LEU A 157 -9.21 -8.51 19.11
CA LEU A 157 -9.71 -9.65 18.33
C LEU A 157 -10.96 -10.18 19.03
N SER A 158 -11.74 -10.96 18.29
CA SER A 158 -13.03 -11.49 18.78
C SER A 158 -12.89 -12.81 19.55
N ASP A 159 -11.67 -13.27 19.72
CA ASP A 159 -11.41 -14.47 20.53
C ASP A 159 -10.06 -14.30 21.26
N THR A 160 -9.65 -15.31 21.98
CA THR A 160 -8.36 -15.27 22.70
C THR A 160 -7.30 -16.18 22.04
N VAL A 161 -7.54 -16.54 20.78
CA VAL A 161 -6.61 -17.39 19.99
C VAL A 161 -5.27 -16.70 19.66
N PRO A 162 -4.12 -17.31 19.99
CA PRO A 162 -2.84 -16.75 19.58
C PRO A 162 -2.80 -16.52 18.05
N THR A 163 -2.42 -15.30 17.64
CA THR A 163 -2.52 -14.86 16.25
C THR A 163 -1.29 -14.02 15.81
N SER A 164 -0.99 -14.07 14.50
CA SER A 164 -0.07 -13.12 13.91
C SER A 164 -0.70 -12.56 12.63
N VAL A 165 -0.44 -11.29 12.37
CA VAL A 165 -0.66 -10.69 11.07
C VAL A 165 0.69 -10.17 10.56
N GLN A 166 0.82 -10.02 9.24
CA GLN A 166 2.08 -9.61 8.66
C GLN A 166 2.04 -8.16 8.22
N PHE A 167 3.03 -7.39 8.67
CA PHE A 167 3.18 -6.01 8.18
C PHE A 167 4.46 -5.83 7.37
N VAL A 168 4.43 -4.85 6.46
CA VAL A 168 5.54 -4.61 5.58
C VAL A 168 6.14 -3.23 5.83
N LEU A 169 7.41 -3.22 6.19
CA LEU A 169 8.20 -2.00 6.17
C LEU A 169 8.88 -1.96 4.80
N PRO A 170 8.48 -1.01 3.96
CA PRO A 170 8.95 -1.07 2.58
C PRO A 170 10.43 -0.73 2.41
N GLY A 171 11.00 -1.23 1.32
CA GLY A 171 12.38 -0.93 0.96
C GLY A 171 12.55 0.47 0.39
N SER A 172 11.46 1.08 -0.06
CA SER A 172 11.48 2.44 -0.61
C SER A 172 10.11 3.02 -0.55
N SER A 173 10.03 4.35 -0.67
CA SER A 173 8.79 5.09 -0.75
C SER A 173 9.06 6.21 -1.72
N GLY A 174 8.39 6.16 -2.87
CA GLY A 174 8.65 7.08 -3.96
C GLY A 174 10.10 6.99 -4.39
N THR A 175 10.78 8.13 -4.38
CA THR A 175 12.18 8.16 -4.77
C THR A 175 13.08 7.92 -3.57
N THR A 176 12.50 7.82 -2.37
CA THR A 176 13.32 7.70 -1.17
C THR A 176 13.59 6.22 -0.89
N ILE A 177 14.85 5.90 -0.60
CA ILE A 177 15.18 4.57 -0.17
C ILE A 177 14.96 4.46 1.33
N CYS A 178 14.34 3.38 1.78
CA CYS A 178 14.27 3.13 3.21
C CYS A 178 15.23 2.03 3.64
N THR A 179 16.42 2.39 4.10
CA THR A 179 17.38 1.42 4.60
C THR A 179 17.03 1.05 6.04
N LYS A 180 16.21 1.89 6.68
CA LYS A 180 15.74 1.63 8.01
C LYS A 180 14.43 2.38 8.29
N HIS A 181 13.77 1.95 9.37
CA HIS A 181 12.50 2.53 9.81
C HIS A 181 12.52 2.77 11.29
N LEU A 182 12.01 3.92 11.71
CA LEU A 182 11.72 4.19 13.11
C LEU A 182 10.23 3.87 13.32
N VAL A 183 9.99 2.88 14.19
CA VAL A 183 8.68 2.26 14.34
C VAL A 183 8.27 2.22 15.81
N PRO A 184 7.06 2.68 16.14
CA PRO A 184 6.72 2.54 17.57
C PRO A 184 6.19 1.15 17.90
N PHE A 185 6.56 0.67 19.08
CA PHE A 185 6.01 -0.55 19.68
C PHE A 185 5.40 -0.11 21.01
N CYS A 186 4.08 -0.28 21.15
CA CYS A 186 3.38 0.12 22.36
C CYS A 186 2.48 -1.00 22.88
N TYR A 187 2.08 -0.84 24.14
CA TYR A 187 1.32 -1.81 24.87
C TYR A 187 0.79 -1.18 26.13
N LEU A 188 -0.19 -1.86 26.74
CA LEU A 188 -0.73 -1.49 28.02
C LEU A 188 -0.07 -2.35 29.07
N ASN A 189 0.65 -1.73 29.99
CA ASN A 189 1.40 -2.45 31.01
C ASN A 189 0.59 -2.72 32.28
N HIS A 190 1.30 -3.25 33.29
CA HIS A 190 0.78 -3.51 34.62
C HIS A 190 -0.31 -4.59 34.66
N GLY A 191 0.08 -5.79 34.27
CA GLY A 191 -0.71 -6.98 34.58
C GLY A 191 -1.68 -7.38 33.47
N CYS A 192 -2.48 -8.38 33.76
CA CYS A 192 -3.49 -8.83 32.82
C CYS A 192 -4.57 -7.76 32.70
N PHE A 193 -5.28 -7.79 31.58
CA PHE A 193 -6.28 -6.78 31.23
C PHE A 193 -7.62 -7.50 31.13
N THR A 194 -8.57 -7.06 31.95
CA THR A 194 -9.89 -7.69 32.03
C THR A 194 -10.77 -7.24 30.87
N THR A 195 -11.11 -8.17 30.00
CA THR A 195 -12.08 -7.88 28.92
C THR A 195 -12.58 -9.23 28.40
N GLY A 196 -13.79 -9.25 27.85
CA GLY A 196 -14.38 -10.50 27.35
C GLY A 196 -14.43 -11.65 28.36
N GLY A 197 -14.73 -11.28 29.61
CA GLY A 197 -15.00 -12.27 30.65
C GLY A 197 -13.83 -12.80 31.46
N SER A 198 -12.61 -12.31 31.22
CA SER A 198 -11.47 -12.64 32.08
C SER A 198 -10.33 -11.65 32.06
N CYS A 199 -9.39 -11.85 32.99
CA CYS A 199 -8.21 -11.04 33.04
C CYS A 199 -7.18 -11.71 32.10
N LEU A 200 -7.07 -11.18 30.90
CA LEU A 200 -6.29 -11.76 29.83
C LEU A 200 -4.86 -11.24 29.85
N PRO A 201 -3.90 -12.16 29.61
CA PRO A 201 -2.52 -11.71 29.45
C PRO A 201 -2.43 -10.68 28.33
N PHE A 202 -1.61 -9.67 28.54
CA PHE A 202 -1.33 -8.69 27.51
C PHE A 202 0.05 -9.07 26.97
N GLY A 203 0.06 -9.66 25.80
CA GLY A 203 1.27 -10.12 25.17
C GLY A 203 1.28 -9.87 23.69
N VAL A 204 2.13 -8.93 23.26
CA VAL A 204 2.28 -8.61 21.85
C VAL A 204 3.73 -8.51 21.49
N SER A 205 4.03 -8.69 20.20
CA SER A 205 5.41 -8.65 19.75
C SER A 205 5.53 -8.38 18.25
N TYR A 206 6.68 -7.82 17.88
CA TYR A 206 7.10 -7.72 16.51
C TYR A 206 8.24 -8.74 16.28
N VAL A 207 8.09 -9.57 15.28
CA VAL A 207 9.00 -10.69 15.07
C VAL A 207 9.28 -10.93 13.58
N SER A 208 10.54 -11.24 13.27
CA SER A 208 10.94 -11.91 12.01
C SER A 208 12.00 -12.94 12.35
N ASP A 209 12.52 -13.59 11.32
CA ASP A 209 13.66 -14.47 11.46
C ASP A 209 14.85 -13.76 12.11
N SER A 210 15.00 -12.46 11.91
CA SER A 210 16.17 -11.73 12.42
C SER A 210 15.85 -10.66 13.46
N PHE A 211 14.64 -10.71 14.06
CA PHE A 211 14.17 -9.64 14.93
C PHE A 211 13.15 -10.14 15.94
N TYR A 212 13.32 -9.68 17.18
CA TYR A 212 12.33 -9.84 18.23
C TYR A 212 12.27 -8.63 19.14
N TYR A 213 11.07 -8.13 19.35
CA TYR A 213 10.81 -7.18 20.41
C TYR A 213 9.43 -7.46 20.95
N GLY A 214 9.31 -7.62 22.27
CA GLY A 214 8.00 -8.02 22.83
C GLY A 214 7.74 -7.61 24.26
N TYR A 215 6.48 -7.78 24.66
CA TYR A 215 6.02 -7.51 26.01
C TYR A 215 5.01 -8.61 26.37
N TYR A 216 5.10 -9.13 27.60
CA TYR A 216 4.14 -10.11 28.10
C TYR A 216 3.90 -9.88 29.57
N ASP A 217 2.63 -9.84 29.96
CA ASP A 217 2.28 -9.80 31.37
C ASP A 217 0.92 -10.41 31.60
N ALA A 218 0.92 -11.45 32.42
CA ALA A 218 -0.30 -12.13 32.79
C ALA A 218 -0.59 -11.93 34.28
N THR A 219 0.18 -11.10 34.96
CA THR A 219 0.06 -11.05 36.43
C THR A 219 -1.17 -10.25 36.93
N PRO A 220 -1.88 -10.78 37.93
CA PRO A 220 -2.97 -10.11 38.65
C PRO A 220 -2.64 -8.76 39.26
N THR A 225 -8.29 -1.71 42.34
CA THR A 225 -8.22 -0.99 41.06
C THR A 225 -7.32 -1.68 40.01
N GLU A 226 -7.86 -1.94 38.82
CA GLU A 226 -7.04 -2.39 37.70
C GLU A 226 -6.46 -1.19 36.94
N SER A 227 -5.16 -1.06 36.96
CA SER A 227 -4.50 0.08 36.38
C SER A 227 -3.58 -0.37 35.25
N HIS A 228 -3.47 0.43 34.18
CA HIS A 228 -2.53 0.17 33.10
C HIS A 228 -2.02 1.50 32.56
N ASP A 229 -0.74 1.52 32.16
CA ASP A 229 -0.18 2.64 31.42
C ASP A 229 0.02 2.28 29.93
N TYR A 230 -0.26 3.23 29.05
CA TYR A 230 0.12 3.13 27.63
C TYR A 230 1.59 3.53 27.55
N VAL A 231 2.43 2.57 27.16
CA VAL A 231 3.87 2.73 27.10
C VAL A 231 4.33 2.45 25.68
N CYS A 232 5.29 3.23 25.19
CA CYS A 232 5.90 2.90 23.88
C CYS A 232 7.40 2.89 23.94
N ASP A 233 7.98 2.04 23.08
CA ASP A 233 9.41 2.09 22.72
C ASP A 233 9.51 2.36 21.20
N TYR A 234 10.57 3.05 20.79
CA TYR A 234 10.77 3.47 19.40
C TYR A 234 11.94 2.68 18.83
N LEU A 235 11.64 1.83 17.85
CA LEU A 235 12.55 0.77 17.42
C LEU A 235 13.17 1.07 16.05
N PHE A 236 14.45 0.72 15.92
CA PHE A 236 15.15 0.67 14.64
C PHE A 236 14.77 -0.63 13.98
N MET A 237 14.10 -0.58 12.85
CA MET A 237 13.73 -1.81 12.15
C MET A 237 14.16 -1.77 10.68
N GLU A 238 14.76 -2.87 10.19
CA GLU A 238 15.19 -2.92 8.79
C GLU A 238 13.95 -3.12 7.90
N PRO A 239 14.03 -2.67 6.64
CA PRO A 239 12.97 -3.04 5.72
C PRO A 239 12.80 -4.55 5.71
N GLY A 240 11.59 -4.99 5.41
CA GLY A 240 11.23 -6.41 5.47
C GLY A 240 9.78 -6.62 5.87
N THR A 241 9.38 -7.89 5.88
CA THR A 241 8.05 -8.31 6.34
C THR A 241 8.22 -8.88 7.74
N TYR A 242 7.35 -8.46 8.64
CA TYR A 242 7.37 -8.89 10.06
C TYR A 242 6.00 -9.45 10.49
N ASN A 243 6.00 -10.25 11.54
CA ASN A 243 4.76 -10.56 12.25
C ASN A 243 4.49 -9.58 13.37
N ALA A 244 3.27 -9.06 13.44
CA ALA A 244 2.73 -8.48 14.67
C ALA A 244 1.98 -9.65 15.30
N SER A 245 2.57 -10.19 16.37
CA SER A 245 2.06 -11.39 17.03
C SER A 245 1.43 -11.07 18.37
N THR A 246 0.46 -11.89 18.76
CA THR A 246 -0.18 -11.75 20.06
C THR A 246 -0.43 -13.11 20.64
N VAL A 247 -0.39 -13.18 21.98
CA VAL A 247 -0.78 -14.39 22.69
C VAL A 247 -2.30 -14.53 22.74
N GLY A 248 -3.01 -13.50 22.28
CA GLY A 248 -4.44 -13.56 22.17
C GLY A 248 -5.09 -12.28 22.61
N LYS A 249 -6.19 -11.95 21.93
CA LYS A 249 -7.09 -10.82 22.18
C LYS A 249 -6.54 -9.48 21.70
N PHE A 250 -5.41 -9.09 22.26
CA PHE A 250 -4.86 -7.77 21.95
C PHE A 250 -3.96 -7.83 20.74
N LEU A 251 -4.14 -6.87 19.84
CA LEU A 251 -3.31 -6.82 18.65
C LEU A 251 -2.70 -5.42 18.49
N VAL A 252 -1.39 -5.37 18.32
CA VAL A 252 -0.64 -4.12 18.09
C VAL A 252 0.24 -4.30 16.86
N TYR A 253 0.07 -3.43 15.87
CA TYR A 253 0.93 -3.41 14.71
C TYR A 253 1.07 -1.97 14.18
N PRO A 254 2.23 -1.66 13.56
CA PRO A 254 2.45 -0.26 13.15
C PRO A 254 1.64 0.15 11.88
N THR A 255 1.18 1.40 11.82
CA THR A 255 0.50 1.94 10.64
C THR A 255 1.27 3.08 9.99
N LYS A 256 2.27 3.62 10.69
CA LYS A 256 3.18 4.63 10.13
C LYS A 256 4.62 4.36 10.58
N SER A 257 5.57 4.90 9.84
CA SER A 257 6.99 4.86 10.22
C SER A 257 7.74 6.03 9.63
N TYR A 258 8.86 6.38 10.24
CA TYR A 258 9.85 7.21 9.56
C TYR A 258 10.78 6.32 8.79
N CYS A 259 10.65 6.36 7.45
CA CYS A 259 11.59 5.76 6.52
C CYS A 259 12.82 6.65 6.41
N MET A 260 13.99 6.06 6.61
CA MET A 260 15.27 6.76 6.43
C MET A 260 16.20 5.97 5.54
N ASP A 261 17.05 6.71 4.83
CA ASP A 261 18.09 6.07 4.01
C ASP A 261 19.39 6.07 4.81
N THR A 262 20.48 5.69 4.15
CA THR A 262 21.78 5.69 4.76
C THR A 262 22.73 6.60 3.98
N MET A 263 23.58 7.30 4.73
CA MET A 263 24.78 7.96 4.19
C MET A 263 25.97 7.40 4.97
N ASN A 264 27.15 7.44 4.38
CA ASN A 264 28.30 6.74 5.00
C ASN A 264 29.17 7.67 5.80
N ILE A 265 28.51 8.65 6.42
CA ILE A 265 29.12 9.60 7.32
C ILE A 265 28.15 9.71 8.50
N THR A 266 28.68 10.06 9.66
CA THR A 266 27.89 10.25 10.84
C THR A 266 27.97 11.75 11.18
N VAL A 267 26.85 12.48 10.99
CA VAL A 267 26.76 13.92 11.23
C VAL A 267 25.70 14.26 12.30
N PRO A 268 26.14 14.87 13.42
CA PRO A 268 25.22 15.21 14.46
C PRO A 268 24.15 16.16 13.93
N VAL A 269 22.93 15.98 14.37
CA VAL A 269 21.86 16.90 14.03
C VAL A 269 21.87 18.04 15.02
N GLN A 270 21.01 19.02 14.71
CA GLN A 270 20.88 20.24 15.46
C GLN A 270 19.43 20.40 15.86
N ALA A 271 19.15 20.72 17.13
CA ALA A 271 17.77 21.02 17.54
C ALA A 271 17.69 22.30 18.35
N VAL A 272 16.72 23.13 18.01
CA VAL A 272 16.45 24.36 18.75
C VAL A 272 15.26 24.16 19.72
N GLN A 273 15.41 24.69 20.93
CA GLN A 273 14.37 24.61 21.93
C GLN A 273 13.01 25.15 21.40
N SER A 274 11.98 24.30 21.54
CA SER A 274 10.66 24.54 20.97
C SER A 274 9.69 24.57 22.15
N ILE A 275 9.31 25.78 22.56
CA ILE A 275 8.46 26.00 23.73
C ILE A 275 7.39 27.04 23.47
N TRP A 276 6.47 27.15 24.42
CA TRP A 276 5.41 28.15 24.43
C TRP A 276 5.85 29.36 25.23
N SER A 277 5.21 30.50 25.00
CA SER A 277 5.22 31.60 25.95
C SER A 277 4.95 31.14 27.39
N GLU A 278 5.36 31.99 28.32
CA GLU A 278 5.37 31.68 29.74
C GLU A 278 3.99 31.37 30.38
N GLN A 279 2.90 31.83 29.77
CA GLN A 279 1.58 31.52 30.33
C GLN A 279 1.15 30.06 30.05
N TYR A 280 1.85 29.35 29.15
CA TYR A 280 1.52 27.96 28.89
C TYR A 280 2.62 26.98 29.34
N ALA A 281 2.22 25.73 29.46
CA ALA A 281 3.04 24.69 30.01
C ALA A 281 3.84 24.03 28.90
N SER A 282 5.17 24.17 28.98
CA SER A 282 6.12 23.56 28.04
C SER A 282 6.86 22.44 28.76
N ASP A 283 7.71 21.72 28.05
CA ASP A 283 8.54 20.69 28.66
C ASP A 283 9.96 20.86 28.14
N ASP A 284 10.88 20.03 28.63
CA ASP A 284 12.25 20.05 28.11
C ASP A 284 12.62 18.71 27.44
N ALA A 285 11.65 18.10 26.78
CA ALA A 285 11.87 16.87 26.04
C ALA A 285 12.95 17.05 24.97
N ILE A 286 12.96 18.19 24.29
CA ILE A 286 13.94 18.42 23.25
C ILE A 286 15.33 18.48 23.87
N GLY A 287 15.48 19.23 24.97
CA GLY A 287 16.76 19.33 25.67
C GLY A 287 17.23 18.00 26.25
N GLN A 288 16.28 17.17 26.67
CA GLN A 288 16.63 15.89 27.26
C GLN A 288 16.96 14.86 26.17
N ALA A 289 16.35 15.00 25.00
CA ALA A 289 16.54 14.12 23.87
C ALA A 289 17.82 14.44 23.08
N CYS A 290 18.15 15.74 22.96
CA CYS A 290 19.24 16.21 22.10
C CYS A 290 20.54 16.33 22.89
N LYS A 291 21.31 15.25 22.90
CA LYS A 291 22.49 15.07 23.75
C LYS A 291 23.66 14.68 22.89
N ALA A 292 24.87 14.98 23.36
CA ALA A 292 26.08 14.44 22.76
C ALA A 292 25.99 12.94 22.85
N PRO A 293 26.56 12.23 21.85
CA PRO A 293 27.30 12.73 20.70
C PRO A 293 26.48 12.93 19.44
N TYR A 294 25.17 12.68 19.48
CA TYR A 294 24.35 12.66 18.25
C TYR A 294 23.61 13.98 17.93
N CYS A 295 23.58 14.91 18.86
CA CYS A 295 22.71 16.07 18.65
C CYS A 295 23.25 17.28 19.40
N ILE A 296 23.26 18.40 18.71
CA ILE A 296 23.74 19.67 19.20
C ILE A 296 22.49 20.52 19.54
N PHE A 297 22.31 20.77 20.84
CA PHE A 297 21.12 21.43 21.35
C PHE A 297 21.39 22.92 21.57
N TYR A 298 20.55 23.76 20.97
CA TYR A 298 20.57 25.19 21.18
C TYR A 298 19.36 25.58 22.03
N ASN A 299 19.61 25.77 23.32
CA ASN A 299 18.56 26.14 24.23
C ASN A 299 18.28 27.63 24.13
N LYS A 300 17.08 28.02 24.55
CA LYS A 300 16.77 29.43 24.77
C LYS A 300 17.25 29.82 26.16
N THR A 301 17.82 31.02 26.29
CA THR A 301 18.21 31.61 27.56
C THR A 301 17.14 32.63 28.06
N THR A 302 16.18 32.97 27.19
CA THR A 302 15.07 33.86 27.51
C THR A 302 13.76 33.11 27.32
N PRO A 303 12.66 33.62 27.91
CA PRO A 303 11.33 33.14 27.61
C PRO A 303 10.97 33.39 26.15
N TYR A 304 9.92 32.71 25.68
CA TYR A 304 9.35 32.97 24.36
C TYR A 304 8.68 34.35 24.37
N THR A 305 9.34 35.30 23.71
CA THR A 305 9.05 36.74 23.85
C THR A 305 9.01 37.35 22.48
N VAL A 306 7.84 37.86 22.14
CA VAL A 306 7.53 38.42 20.85
C VAL A 306 7.29 39.92 20.97
N THR A 307 8.08 40.69 20.23
CA THR A 307 7.85 42.14 20.14
C THR A 307 7.34 42.56 18.74
N ASN A 308 7.60 41.77 17.71
CA ASN A 308 7.20 42.16 16.35
C ASN A 308 6.83 40.89 15.57
N GLY A 309 5.78 40.22 16.05
CA GLY A 309 5.31 38.96 15.46
C GLY A 309 3.80 38.91 15.44
N SER A 310 3.24 37.77 15.03
CA SER A 310 1.78 37.64 14.84
C SER A 310 0.96 37.51 16.14
N ASP A 311 1.56 36.94 17.17
CA ASP A 311 0.92 36.80 18.49
C ASP A 311 1.99 36.44 19.49
N ALA A 312 1.63 36.20 20.74
CA ALA A 312 2.62 35.95 21.80
C ALA A 312 3.43 34.66 21.63
N ASN A 313 3.00 33.77 20.74
CA ASN A 313 3.73 32.52 20.53
C ASN A 313 4.36 32.35 19.14
N HIS A 314 4.45 33.46 18.39
CA HIS A 314 5.06 33.45 17.07
C HIS A 314 5.86 34.71 16.83
N GLY A 315 7.18 34.56 16.74
CA GLY A 315 8.13 35.61 16.43
C GLY A 315 9.07 35.90 17.58
N ASP A 316 9.66 34.86 18.18
CA ASP A 316 10.56 35.01 19.33
C ASP A 316 11.83 35.73 18.94
N ASP A 317 12.23 36.74 19.71
CA ASP A 317 13.39 37.54 19.32
C ASP A 317 14.68 36.74 19.41
N GLU A 318 14.81 35.97 20.48
CA GLU A 318 15.99 35.16 20.67
C GLU A 318 16.17 34.16 19.52
N VAL A 319 15.15 33.35 19.25
CA VAL A 319 15.27 32.35 18.20
C VAL A 319 15.46 32.98 16.81
N ARG A 320 14.74 34.05 16.53
CA ARG A 320 15.01 34.80 15.30
C ARG A 320 16.49 35.16 15.11
N MET A 321 17.16 35.58 16.18
CA MET A 321 18.56 35.98 16.11
C MET A 321 19.40 34.72 15.87
N MET A 322 19.06 33.64 16.57
CA MET A 322 19.72 32.35 16.40
C MET A 322 19.65 31.81 14.97
N MET A 323 18.48 31.93 14.37
CA MET A 323 18.23 31.36 13.03
C MET A 323 18.92 32.15 11.94
N GLN A 324 19.29 33.41 12.22
CA GLN A 324 20.19 34.16 11.32
C GLN A 324 21.47 33.35 11.05
N GLY A 325 21.86 32.47 11.96
CA GLY A 325 23.06 31.64 11.78
C GLY A 325 23.03 30.75 10.54
N LEU A 326 21.81 30.37 10.14
CA LEU A 326 21.59 29.61 8.96
C LEU A 326 21.84 30.41 7.68
N LEU A 327 22.07 31.71 7.78
CA LEU A 327 22.45 32.51 6.60
C LEU A 327 23.98 32.72 6.51
N ARG A 328 24.71 32.25 7.51
CA ARG A 328 26.12 32.56 7.59
C ARG A 328 27.01 31.59 6.79
N ASN A 329 28.21 32.07 6.49
CA ASN A 329 29.32 31.28 5.99
C ASN A 329 29.97 30.55 7.19
N SER A 330 29.88 29.21 7.18
CA SER A 330 30.34 28.40 8.29
C SER A 330 31.13 27.20 7.76
N SER A 331 32.22 26.84 8.45
CA SER A 331 32.89 25.55 8.25
C SER A 331 32.91 24.68 9.52
N CYS A 332 32.36 25.21 10.61
CA CYS A 332 32.38 24.54 11.92
C CYS A 332 31.03 24.77 12.56
N ILE A 333 30.40 23.67 13.03
CA ILE A 333 29.11 23.70 13.70
C ILE A 333 29.28 23.06 15.09
N SER A 334 28.82 23.75 16.14
CA SER A 334 29.09 23.35 17.53
C SER A 334 27.97 23.87 18.44
N PRO A 335 27.93 23.45 19.72
CA PRO A 335 26.87 23.96 20.61
C PRO A 335 27.03 25.43 20.94
N GLN A 336 28.23 25.97 20.69
CA GLN A 336 28.48 27.39 20.86
C GLN A 336 28.01 28.15 19.66
N GLY A 337 27.74 27.43 18.58
CA GLY A 337 27.33 28.05 17.34
C GLY A 337 28.31 27.79 16.21
N SER A 338 28.18 28.58 15.16
CA SER A 338 28.98 28.37 13.95
C SER A 338 30.15 29.38 13.79
N THR A 339 31.17 28.95 13.08
CA THR A 339 32.22 29.83 12.62
C THR A 339 32.61 29.49 11.19
N PRO A 340 33.03 30.52 10.44
CA PRO A 340 33.68 30.27 9.18
C PRO A 340 35.07 29.65 9.43
N LEU A 341 35.74 29.21 8.37
CA LEU A 341 37.09 28.62 8.45
C LEU A 341 38.10 29.59 9.03
N ALA A 342 38.82 29.17 10.08
CA ALA A 342 39.77 30.06 10.76
C ALA A 342 40.73 29.22 11.60
N LEU A 343 41.83 29.83 12.00
CA LEU A 343 42.77 29.18 12.89
C LEU A 343 42.33 29.24 14.34
N TYR A 344 41.90 30.40 14.79
CA TYR A 344 41.64 30.62 16.21
C TYR A 344 40.23 31.08 16.52
N SER A 345 39.68 30.49 17.58
CA SER A 345 38.40 30.89 18.14
C SER A 345 38.61 31.74 19.39
N THR A 346 37.81 32.81 19.55
CA THR A 346 37.82 33.64 20.75
C THR A 346 37.17 32.93 21.95
N GLU A 347 36.51 31.80 21.74
CA GLU A 347 36.01 31.03 22.87
C GLU A 347 36.09 29.54 22.66
N MET A 348 35.96 28.83 23.76
CA MET A 348 36.16 27.42 23.77
C MET A 348 34.98 26.79 23.04
N ILE A 349 35.29 25.82 22.17
CA ILE A 349 34.28 25.11 21.41
C ILE A 349 34.16 23.68 21.95
N TYR A 350 32.93 23.28 22.25
CA TYR A 350 32.64 22.02 22.94
C TYR A 350 31.96 21.04 21.97
N GLU A 351 31.60 19.87 22.47
CA GLU A 351 31.02 18.79 21.68
C GLU A 351 29.51 18.63 21.90
N PRO A 352 28.81 18.10 20.90
CA PRO A 352 29.36 17.62 19.65
C PRO A 352 29.64 18.77 18.69
N ASN A 353 30.65 18.60 17.85
CA ASN A 353 30.88 19.54 16.74
C ASN A 353 31.28 18.81 15.47
N TYR A 354 31.13 19.47 14.35
CA TYR A 354 31.59 18.90 13.10
C TYR A 354 32.07 19.98 12.14
N GLY A 355 32.83 19.55 11.13
CA GLY A 355 33.40 20.44 10.13
C GLY A 355 34.87 20.54 10.45
N SER A 356 35.50 21.65 10.06
CA SER A 356 36.87 21.92 10.43
C SER A 356 36.82 23.08 11.40
N CYS A 357 37.16 22.82 12.66
CA CYS A 357 36.92 23.85 13.70
C CYS A 357 38.20 24.57 14.14
N PRO A 358 38.07 25.87 14.45
CA PRO A 358 39.22 26.60 14.95
C PRO A 358 39.53 26.16 16.38
N GLN A 359 40.78 26.33 16.77
CA GLN A 359 41.20 25.95 18.12
C GLN A 359 41.19 27.18 19.02
N PHE A 360 41.01 26.93 20.31
CA PHE A 360 40.87 28.02 21.31
C PHE A 360 42.14 28.85 21.36
N TYR A 361 41.98 30.16 21.21
CA TYR A 361 43.14 31.05 21.03
C TYR A 361 44.20 30.94 22.12
N LYS A 362 43.76 30.77 23.37
CA LYS A 362 44.69 30.87 24.51
C LYS A 362 45.71 29.73 24.50
N LEU A 363 45.36 28.61 23.86
CA LEU A 363 46.26 27.46 23.75
C LEU A 363 47.54 27.76 22.98
N PHE A 364 47.51 28.78 22.13
CA PHE A 364 48.68 29.16 21.32
C PHE A 364 49.38 30.47 21.73
N ASP A 365 49.03 30.98 22.89
CA ASP A 365 49.52 32.29 23.32
C ASP A 365 50.99 32.21 23.67
N THR A 366 51.76 33.20 23.26
CA THR A 366 53.21 33.18 23.47
C THR A 366 53.70 34.38 24.32
N SER A 367 52.85 34.82 25.25
CA SER A 367 53.03 36.07 26.04
C SER A 367 54.08 36.05 27.16
N GLY A 368 54.28 34.96 27.90
CA GLY A 368 53.24 34.10 28.39
C GLY A 368 52.69 34.70 29.70
N ASN A 369 51.63 35.48 29.56
CA ASN A 369 50.82 35.94 30.67
C ASN A 369 49.84 34.84 31.07
N GLU A 370 49.62 33.87 30.20
CA GLU A 370 48.57 32.85 30.41
C GLU A 370 49.14 31.49 30.82
N THR B 2 54.51 24.51 10.44
CA THR B 2 54.67 23.18 9.73
C THR B 2 53.66 22.07 10.16
N PRO B 3 52.95 21.52 9.18
CA PRO B 3 51.94 20.51 9.50
C PRO B 3 52.48 19.21 10.15
N VAL B 4 51.74 18.68 11.11
CA VAL B 4 52.10 17.45 11.78
C VAL B 4 51.29 16.31 11.19
N THR B 5 51.85 15.11 11.33
CA THR B 5 51.25 13.91 10.82
C THR B 5 50.73 13.11 12.00
N PRO B 6 49.44 12.73 11.99
CA PRO B 6 48.96 11.91 13.09
C PRO B 6 49.75 10.61 13.20
N TYR B 7 50.02 10.20 14.43
CA TYR B 7 50.73 8.95 14.68
C TYR B 7 49.69 7.84 14.83
N TYR B 8 49.68 6.91 13.87
CA TYR B 8 48.59 5.92 13.79
C TYR B 8 48.68 4.95 14.97
N GLY B 9 47.61 4.96 15.78
CA GLY B 9 47.51 4.15 16.97
C GLY B 9 46.74 4.91 18.02
N PRO B 10 46.39 4.21 19.11
CA PRO B 10 45.72 4.89 20.18
C PRO B 10 46.60 5.92 20.88
N GLY B 11 45.97 6.76 21.69
CA GLY B 11 46.71 7.75 22.47
C GLY B 11 45.93 8.25 23.66
N HIS B 12 46.51 9.22 24.36
CA HIS B 12 45.83 9.82 25.49
C HIS B 12 46.28 11.27 25.66
N ILE B 13 45.35 12.12 26.12
CA ILE B 13 45.60 13.57 26.34
C ILE B 13 46.07 13.88 27.75
N THR B 14 45.60 13.13 28.76
CA THR B 14 46.08 13.34 30.13
C THR B 14 46.51 12.01 30.73
N PHE B 15 47.04 12.05 31.95
CA PHE B 15 47.32 10.83 32.71
C PHE B 15 46.09 9.93 32.99
N ASP B 16 44.87 10.47 32.91
CA ASP B 16 43.68 9.73 33.38
C ASP B 16 43.12 8.87 32.24
N TRP B 17 43.86 7.81 31.93
CA TRP B 17 43.48 6.87 30.88
C TRP B 17 43.75 5.46 31.37
N CYS B 18 43.07 4.49 30.78
CA CYS B 18 43.26 3.11 31.15
C CYS B 18 43.15 2.19 29.94
N GLY B 19 43.62 0.97 30.15
CA GLY B 19 43.54 -0.08 29.14
C GLY B 19 42.79 -1.28 29.66
N PHE B 20 42.14 -2.00 28.72
CA PHE B 20 41.58 -3.31 28.98
C PHE B 20 42.19 -4.31 27.95
N GLY B 21 42.67 -5.45 28.42
CA GLY B 21 43.40 -6.35 27.56
C GLY B 21 43.43 -7.82 27.91
N ASP B 22 44.30 -8.50 27.17
CA ASP B 22 44.49 -9.93 27.27
C ASP B 22 45.98 -10.26 27.38
N SER B 23 46.40 -11.45 26.96
CA SER B 23 47.80 -11.84 27.12
C SER B 23 48.77 -10.81 26.57
N ARG B 24 48.34 -10.13 25.51
CA ARG B 24 49.20 -9.20 24.79
C ARG B 24 49.45 -7.89 25.49
N SER B 25 48.84 -7.71 26.66
CA SER B 25 49.16 -6.60 27.55
C SER B 25 49.20 -7.07 29.00
N ASP B 26 49.55 -8.34 29.23
CA ASP B 26 49.59 -8.94 30.56
C ASP B 26 51.05 -9.25 30.93
N CYS B 27 51.64 -8.38 31.75
CA CYS B 27 53.03 -8.54 32.17
C CYS B 27 53.30 -9.74 33.08
N THR B 28 52.23 -10.31 33.64
CA THR B 28 52.34 -11.52 34.47
C THR B 28 52.52 -12.80 33.63
N ASN B 29 52.28 -12.73 32.34
CA ASN B 29 52.53 -13.86 31.46
C ASN B 29 54.00 -14.30 31.57
N PRO B 30 54.25 -15.62 31.75
CA PRO B 30 55.64 -16.05 31.90
C PRO B 30 56.56 -15.70 30.71
N GLN B 31 56.01 -15.51 29.51
CA GLN B 31 56.81 -15.15 28.35
C GLN B 31 57.00 -13.63 28.20
N SER B 32 56.45 -12.84 29.12
CA SER B 32 56.58 -11.38 29.04
C SER B 32 58.03 -10.97 29.19
N PRO B 33 58.49 -9.90 28.50
CA PRO B 33 57.79 -8.98 27.61
C PRO B 33 57.74 -9.42 26.13
N MET B 34 58.28 -10.60 25.82
CA MET B 34 58.26 -11.14 24.44
C MET B 34 56.85 -11.37 23.92
N SER B 35 55.94 -11.70 24.83
CA SER B 35 54.52 -11.93 24.51
C SER B 35 53.65 -10.64 24.44
N LEU B 36 54.21 -9.47 24.74
CA LEU B 36 53.40 -8.22 24.78
C LEU B 36 53.30 -7.56 23.41
N ASP B 37 52.17 -6.92 23.16
CA ASP B 37 52.02 -5.97 22.05
C ASP B 37 52.08 -4.49 22.49
N ILE B 38 52.12 -4.24 23.79
CA ILE B 38 52.28 -2.89 24.33
C ILE B 38 53.71 -2.72 24.92
N PRO B 39 54.15 -1.48 25.13
CA PRO B 39 55.40 -1.29 25.87
C PRO B 39 55.23 -1.79 27.32
N GLN B 40 56.21 -2.56 27.78
CA GLN B 40 56.20 -3.13 29.11
C GLN B 40 55.80 -2.12 30.19
N GLN B 41 56.31 -0.90 30.06
CA GLN B 41 56.14 0.11 31.10
C GLN B 41 54.70 0.62 31.20
N LEU B 42 53.86 0.29 30.21
CA LEU B 42 52.45 0.58 30.30
C LEU B 42 51.57 -0.54 30.87
N CYS B 43 52.13 -1.72 31.15
CA CYS B 43 51.36 -2.78 31.80
C CYS B 43 50.54 -2.30 33.01
N PRO B 44 51.12 -1.41 33.86
CA PRO B 44 50.34 -0.93 35.02
C PRO B 44 49.08 -0.13 34.65
N LYS B 45 48.98 0.39 33.42
CA LYS B 45 47.79 1.12 32.99
C LYS B 45 46.67 0.21 32.48
N PHE B 46 46.97 -1.08 32.30
CA PHE B 46 46.02 -2.04 31.74
C PHE B 46 45.46 -2.97 32.78
N SER B 47 44.19 -3.32 32.60
CA SER B 47 43.56 -4.44 33.32
C SER B 47 43.47 -5.56 32.30
N SER B 48 44.29 -6.58 32.49
CA SER B 48 44.44 -7.59 31.46
C SER B 48 44.69 -8.96 32.05
N LYS B 49 44.24 -9.98 31.35
CA LYS B 49 44.49 -11.36 31.73
C LYS B 49 44.71 -12.29 30.53
N SER B 50 45.86 -12.96 30.46
CA SER B 50 46.16 -13.96 29.40
C SER B 50 44.99 -14.93 29.25
N SER B 51 44.57 -15.14 27.99
CA SER B 51 43.47 -16.04 27.60
C SER B 51 42.04 -15.57 27.88
N SER B 52 41.87 -14.40 28.49
CA SER B 52 40.54 -13.87 28.75
C SER B 52 40.11 -12.78 27.77
N SER B 53 38.82 -12.45 27.86
CA SER B 53 38.26 -11.27 27.20
C SER B 53 37.13 -10.78 28.07
N MET B 54 36.69 -9.55 27.81
CA MET B 54 35.61 -8.93 28.58
C MET B 54 34.25 -9.58 28.33
N PHE B 55 34.02 -9.97 27.09
CA PHE B 55 32.83 -10.72 26.71
C PHE B 55 32.81 -12.10 27.36
N LEU B 56 33.91 -12.83 27.26
CA LEU B 56 33.96 -14.14 27.87
C LEU B 56 33.72 -14.06 29.41
N SER B 57 34.34 -13.09 30.05
CA SER B 57 34.30 -12.99 31.48
C SER B 57 32.93 -12.55 31.97
N LEU B 58 32.18 -11.82 31.15
CA LEU B 58 30.80 -11.50 31.52
C LEU B 58 29.95 -12.77 31.68
N HIS B 59 30.13 -13.72 30.79
CA HIS B 59 29.22 -14.86 30.66
C HIS B 59 29.69 -16.06 31.46
N TRP B 60 31.03 -16.21 31.57
CA TRP B 60 31.62 -17.36 32.25
C TRP B 60 32.58 -17.00 33.39
N ASN B 61 32.54 -17.83 34.42
CA ASN B 61 33.66 -17.94 35.37
C ASN B 61 34.66 -18.95 34.80
N ASN B 62 35.62 -19.40 35.59
CA ASN B 62 36.67 -20.32 35.11
C ASN B 62 36.16 -21.75 34.85
N HIS B 63 36.47 -22.27 33.67
CA HIS B 63 36.20 -23.66 33.29
C HIS B 63 37.37 -24.12 32.43
N SER B 64 37.40 -25.40 32.05
CA SER B 64 38.60 -25.93 31.37
C SER B 64 39.04 -25.02 30.22
N SER B 65 38.19 -24.67 29.29
CA SER B 65 38.68 -23.78 28.23
C SER B 65 38.17 -22.32 28.30
N PHE B 66 37.88 -21.85 29.51
CA PHE B 66 37.41 -20.49 29.75
C PHE B 66 38.22 -19.87 30.87
N VAL B 67 39.00 -18.84 30.52
CA VAL B 67 39.78 -18.10 31.51
C VAL B 67 39.01 -16.78 31.76
N SER B 68 38.37 -16.70 32.92
CA SER B 68 37.60 -15.57 33.36
C SER B 68 38.46 -14.64 34.24
N TYR B 69 38.27 -13.34 34.06
CA TYR B 69 39.03 -12.33 34.77
C TYR B 69 38.13 -11.22 35.28
N ASP B 70 38.39 -10.81 36.52
CA ASP B 70 37.62 -9.73 37.11
C ASP B 70 38.11 -8.39 36.58
N TYR B 71 37.83 -8.14 35.30
CA TYR B 71 38.22 -6.88 34.69
C TYR B 71 37.81 -5.68 35.58
N PHE B 72 38.67 -4.66 35.65
CA PHE B 72 38.45 -3.49 36.52
C PHE B 72 39.44 -2.39 36.21
N ASN B 73 38.95 -1.27 35.71
CA ASN B 73 39.82 -0.14 35.51
C ASN B 73 39.03 1.14 35.42
N CYS B 74 39.74 2.25 35.68
CA CYS B 74 39.19 3.59 35.60
C CYS B 74 40.04 4.50 34.73
N GLY B 75 39.35 5.32 33.96
CA GLY B 75 39.98 6.28 33.12
C GLY B 75 38.94 7.06 32.35
N VAL B 76 39.17 8.36 32.24
CA VAL B 76 38.38 9.18 31.37
C VAL B 76 38.53 8.75 29.89
N GLU B 77 39.78 8.51 29.49
CA GLU B 77 40.08 7.91 28.20
C GLU B 77 40.33 6.41 28.37
N LYS B 78 40.02 5.63 27.35
CA LYS B 78 40.02 4.15 27.45
C LYS B 78 40.46 3.49 26.17
N VAL B 79 41.40 2.55 26.31
CA VAL B 79 41.93 1.79 25.18
C VAL B 79 41.58 0.32 25.41
N PHE B 80 40.84 -0.25 24.47
CA PHE B 80 40.46 -1.65 24.54
C PHE B 80 41.30 -2.42 23.55
N TYR B 81 41.99 -3.46 24.03
CA TYR B 81 42.69 -4.36 23.15
C TYR B 81 42.50 -5.80 23.63
N GLU B 82 41.31 -6.30 23.36
CA GLU B 82 40.94 -7.65 23.70
C GLU B 82 39.81 -8.04 22.85
N GLY B 83 39.43 -9.30 22.92
CA GLY B 83 38.32 -9.80 22.12
C GLY B 83 38.63 -11.16 21.52
N VAL B 84 39.88 -11.37 21.11
CA VAL B 84 40.26 -12.54 20.34
C VAL B 84 40.01 -13.87 21.03
N ASN B 85 40.09 -13.90 22.35
CA ASN B 85 39.87 -15.13 23.09
C ASN B 85 38.42 -15.60 23.14
N PHE B 86 37.52 -14.85 22.52
CA PHE B 86 36.26 -15.44 22.05
C PHE B 86 36.07 -15.16 20.56
N SER B 87 36.50 -16.11 19.74
CA SER B 87 36.45 -16.00 18.30
C SER B 87 35.98 -17.35 17.70
N PRO B 88 35.77 -17.42 16.38
CA PRO B 88 35.36 -18.68 15.77
C PRO B 88 36.36 -19.83 15.94
N ARG B 89 37.64 -19.52 16.22
CA ARG B 89 38.64 -20.57 16.51
C ARG B 89 38.15 -21.49 17.65
N LYS B 90 37.42 -20.91 18.60
CA LYS B 90 36.98 -21.61 19.80
C LYS B 90 35.85 -22.61 19.47
N GLN B 91 35.17 -22.39 18.36
CA GLN B 91 34.07 -23.24 17.89
C GLN B 91 32.91 -23.40 18.91
N TYR B 92 32.66 -22.35 19.68
CA TYR B 92 31.65 -22.43 20.75
C TYR B 92 30.26 -22.19 20.20
N SER B 93 29.36 -23.07 20.62
CA SER B 93 27.94 -22.73 20.60
C SER B 93 27.25 -23.58 21.68
N CYS B 94 26.02 -23.20 22.01
CA CYS B 94 25.34 -23.77 23.19
C CYS B 94 24.04 -24.45 22.77
N TRP B 95 23.15 -23.69 22.15
CA TRP B 95 21.96 -24.28 21.52
C TRP B 95 22.13 -24.35 19.97
N ASP B 96 21.09 -24.14 19.16
CA ASP B 96 21.23 -24.37 17.76
C ASP B 96 21.72 -23.15 17.01
N GLU B 97 22.23 -22.15 17.72
CA GLU B 97 22.57 -20.88 17.07
C GLU B 97 23.85 -20.94 16.27
N GLY B 98 24.65 -21.98 16.50
CA GLY B 98 25.92 -22.14 15.78
C GLY B 98 26.95 -21.12 16.19
N VAL B 99 28.15 -21.28 15.65
CA VAL B 99 29.29 -20.42 16.00
C VAL B 99 28.94 -18.94 15.69
N ASP B 100 28.26 -18.69 14.56
CA ASP B 100 27.95 -17.32 14.12
C ASP B 100 26.98 -16.59 15.03
N GLY B 101 26.08 -17.38 15.62
CA GLY B 101 25.19 -16.86 16.64
C GLY B 101 25.95 -16.24 17.77
N TRP B 102 27.04 -16.87 18.21
CA TRP B 102 27.82 -16.27 19.30
C TRP B 102 28.71 -15.11 18.85
N ILE B 103 29.13 -15.11 17.60
CA ILE B 103 29.85 -13.94 17.06
C ILE B 103 28.91 -12.72 17.04
N GLU B 104 27.64 -12.95 16.70
CA GLU B 104 26.61 -11.91 16.83
C GLU B 104 26.48 -11.41 18.27
N LEU B 105 26.41 -12.32 19.25
CA LEU B 105 26.24 -11.91 20.65
C LEU B 105 27.46 -11.12 21.11
N LYS B 106 28.65 -11.59 20.73
CA LYS B 106 29.88 -10.87 21.01
C LYS B 106 29.79 -9.43 20.50
N THR B 107 29.33 -9.29 19.27
CA THR B 107 29.20 -7.97 18.65
C THR B 107 28.21 -7.09 19.40
N ARG B 108 27.10 -7.67 19.84
CA ARG B 108 26.10 -6.90 20.61
C ARG B 108 26.70 -6.43 21.93
N PHE B 109 27.44 -7.31 22.58
CA PHE B 109 28.03 -6.97 23.86
C PHE B 109 29.04 -5.83 23.77
N TYR B 110 30.02 -5.95 22.88
CA TYR B 110 31.00 -4.86 22.74
C TYR B 110 30.37 -3.53 22.35
N THR B 111 29.38 -3.57 21.45
CA THR B 111 28.62 -2.37 21.06
C THR B 111 28.04 -1.65 22.28
N LYS B 112 27.37 -2.42 23.14
CA LYS B 112 26.78 -1.88 24.37
C LYS B 112 27.88 -1.43 25.35
N LEU B 113 28.94 -2.23 25.48
CA LEU B 113 30.03 -1.89 26.37
C LEU B 113 30.64 -0.57 25.98
N TYR B 114 30.97 -0.42 24.70
CA TYR B 114 31.63 0.80 24.23
C TYR B 114 30.73 2.01 24.44
N GLN B 115 29.45 1.90 24.10
CA GLN B 115 28.49 3.00 24.28
C GLN B 115 28.41 3.48 25.73
N MET B 116 28.17 2.56 26.64
CA MET B 116 28.03 2.90 28.06
C MET B 116 29.34 3.46 28.65
N ALA B 117 30.46 2.91 28.21
CA ALA B 117 31.79 3.32 28.67
C ALA B 117 32.12 4.80 28.40
N THR B 118 31.54 5.38 27.35
CA THR B 118 31.82 6.76 26.99
C THR B 118 31.35 7.78 28.01
N THR B 119 30.45 7.40 28.91
CA THR B 119 30.00 8.29 29.95
C THR B 119 30.26 7.75 31.32
N SER B 120 31.26 6.91 31.41
CA SER B 120 31.67 6.30 32.64
C SER B 120 33.15 6.54 32.78
N ARG B 121 33.64 6.52 34.00
CA ARG B 121 35.06 6.54 34.22
C ARG B 121 35.53 5.13 34.61
N CYS B 122 34.84 4.51 35.57
CA CYS B 122 35.22 3.21 36.09
C CYS B 122 34.32 2.13 35.47
N ILE B 123 34.96 1.00 35.14
CA ILE B 123 34.26 -0.19 34.68
C ILE B 123 34.78 -1.38 35.50
N LYS B 124 33.89 -2.10 36.17
CA LYS B 124 34.28 -3.15 37.09
C LYS B 124 33.32 -4.35 36.96
N LEU B 125 33.88 -5.51 36.63
CA LEU B 125 33.07 -6.73 36.50
C LEU B 125 32.89 -7.24 37.90
N ILE B 126 31.64 -7.42 38.29
CA ILE B 126 31.31 -7.79 39.66
C ILE B 126 30.44 -9.05 39.65
N GLN B 127 30.52 -9.80 40.75
CA GLN B 127 29.63 -10.91 41.00
C GLN B 127 28.38 -10.37 41.71
N LEU B 128 27.21 -10.84 41.30
CA LEU B 128 25.99 -10.45 41.99
C LEU B 128 25.66 -11.48 43.04
N GLN B 129 25.02 -11.03 44.12
CA GLN B 129 24.56 -11.92 45.17
C GLN B 129 23.52 -12.89 44.63
N ALA B 130 23.63 -14.14 45.05
CA ALA B 130 22.64 -15.15 44.72
C ALA B 130 21.29 -14.67 45.30
N PRO B 131 20.19 -14.80 44.55
CA PRO B 131 18.90 -14.36 45.10
C PRO B 131 18.53 -15.11 46.37
N SER B 132 17.89 -14.43 47.32
CA SER B 132 17.42 -15.11 48.53
C SER B 132 16.25 -16.02 48.23
N SER B 133 16.14 -17.08 49.02
CA SER B 133 15.02 -18.00 48.99
C SER B 133 14.79 -18.61 47.61
N LEU B 134 15.87 -19.08 47.00
CA LEU B 134 15.76 -19.73 45.72
C LEU B 134 14.92 -20.98 45.86
N PRO B 135 14.13 -21.28 44.84
CA PRO B 135 13.41 -22.54 44.79
C PRO B 135 14.33 -23.65 44.35
N THR B 136 13.84 -24.87 44.37
CA THR B 136 14.61 -25.99 43.85
C THR B 136 14.83 -25.77 42.34
N LEU B 137 16.10 -25.86 41.93
CA LEU B 137 16.52 -25.63 40.56
C LEU B 137 17.45 -26.70 40.01
N GLN B 138 17.20 -27.13 38.77
CA GLN B 138 18.08 -28.03 38.03
C GLN B 138 18.87 -27.20 37.00
N ALA B 139 20.19 -27.38 36.96
CA ALA B 139 21.05 -26.63 36.04
C ALA B 139 20.56 -26.81 34.62
N GLY B 140 20.59 -25.75 33.83
CA GLY B 140 20.39 -25.88 32.38
C GLY B 140 21.61 -26.47 31.75
N VAL B 141 21.47 -26.88 30.49
CA VAL B 141 22.56 -27.48 29.74
C VAL B 141 22.50 -26.94 28.34
N CYS B 142 23.66 -26.97 27.64
CA CYS B 142 23.67 -26.67 26.23
C CYS B 142 23.28 -27.95 25.50
N ARG B 143 22.56 -27.81 24.40
CA ARG B 143 22.33 -28.90 23.47
C ARG B 143 23.64 -29.46 22.90
N THR B 144 24.66 -28.62 22.75
CA THR B 144 25.98 -28.99 22.22
C THR B 144 26.82 -29.68 23.30
N ASN B 145 26.32 -29.62 24.53
CA ASN B 145 27.02 -30.07 25.73
C ASN B 145 28.31 -29.33 26.01
N LYS B 146 28.48 -28.15 25.39
CA LYS B 146 29.52 -27.24 25.81
C LYS B 146 29.06 -26.47 27.07
N GLN B 147 29.93 -25.62 27.59
CA GLN B 147 29.73 -25.06 28.89
C GLN B 147 28.65 -23.99 28.83
N LEU B 148 27.57 -24.22 29.57
CA LEU B 148 26.48 -23.23 29.69
C LEU B 148 26.99 -21.96 30.33
N PRO B 149 26.59 -20.79 29.81
CA PRO B 149 26.99 -19.58 30.53
C PRO B 149 26.59 -19.63 32.00
N ASP B 150 27.48 -19.12 32.85
CA ASP B 150 27.22 -18.95 34.28
C ASP B 150 26.35 -17.70 34.48
N ASN B 151 26.42 -16.81 33.50
CA ASN B 151 25.72 -15.52 33.53
C ASN B 151 25.09 -15.16 32.18
N PRO B 152 23.76 -14.94 32.15
CA PRO B 152 22.87 -15.11 33.26
C PRO B 152 22.67 -16.59 33.53
N ARG B 153 22.19 -16.92 34.70
CA ARG B 153 21.90 -18.29 35.02
C ARG B 153 20.62 -18.72 34.32
N LEU B 154 20.68 -19.87 33.66
CA LEU B 154 19.52 -20.52 33.10
C LEU B 154 19.32 -21.83 33.87
N ALA B 155 18.15 -21.96 34.50
CA ALA B 155 17.86 -23.14 35.33
C ALA B 155 16.42 -23.56 35.19
N LEU B 156 16.12 -24.79 35.60
CA LEU B 156 14.79 -25.41 35.46
C LEU B 156 14.14 -25.60 36.82
N LEU B 157 12.97 -25.00 37.00
CA LEU B 157 12.18 -25.20 38.19
C LEU B 157 11.54 -26.59 38.10
N SER B 158 11.07 -27.14 39.23
CA SER B 158 10.38 -28.43 39.22
C SER B 158 8.94 -28.40 38.69
N ASP B 159 8.33 -27.22 38.68
CA ASP B 159 6.90 -27.06 38.33
C ASP B 159 6.78 -26.11 37.14
N THR B 160 5.55 -25.77 36.74
CA THR B 160 5.32 -24.92 35.58
C THR B 160 4.52 -23.66 35.91
N VAL B 161 4.42 -23.30 37.19
CA VAL B 161 3.58 -22.19 37.61
C VAL B 161 4.40 -20.90 37.65
N PRO B 162 3.76 -19.73 37.47
CA PRO B 162 4.59 -18.52 37.42
C PRO B 162 5.29 -18.25 38.73
N THR B 163 6.49 -17.69 38.66
CA THR B 163 7.20 -17.33 39.89
C THR B 163 8.25 -16.28 39.63
N SER B 164 8.86 -15.83 40.70
CA SER B 164 9.78 -14.71 40.66
C SER B 164 10.84 -14.88 41.73
N VAL B 165 12.07 -14.45 41.46
CA VAL B 165 13.08 -14.31 42.52
C VAL B 165 13.66 -12.91 42.38
N GLN B 166 14.26 -12.40 43.46
CA GLN B 166 14.77 -11.02 43.48
C GLN B 166 16.29 -10.97 43.35
N PHE B 167 16.78 -10.13 42.46
CA PHE B 167 18.20 -9.91 42.37
C PHE B 167 18.52 -8.44 42.58
N VAL B 168 19.71 -8.19 43.13
CA VAL B 168 20.16 -6.85 43.46
C VAL B 168 21.33 -6.45 42.60
N LEU B 169 21.17 -5.33 41.90
CA LEU B 169 22.30 -4.66 41.25
C LEU B 169 22.76 -3.56 42.19
N PRO B 170 23.94 -3.73 42.78
CA PRO B 170 24.27 -2.81 43.89
C PRO B 170 24.62 -1.38 43.46
N GLY B 171 24.41 -0.43 44.36
CA GLY B 171 24.79 0.96 44.13
C GLY B 171 26.30 1.22 44.21
N SER B 172 27.04 0.27 44.77
CA SER B 172 28.50 0.38 44.82
C SER B 172 29.15 -0.99 44.98
N SER B 173 30.44 -1.06 44.66
CA SER B 173 31.25 -2.25 44.86
C SER B 173 32.62 -1.76 45.32
N GLY B 174 33.02 -2.07 46.54
CA GLY B 174 34.23 -1.45 47.10
C GLY B 174 34.12 0.06 47.03
N THR B 175 35.13 0.74 46.47
CA THR B 175 35.09 2.21 46.36
C THR B 175 34.58 2.68 45.00
N THR B 176 34.17 1.75 44.15
CA THR B 176 33.60 2.11 42.86
C THR B 176 32.09 2.28 42.99
N ILE B 177 31.58 3.39 42.47
CA ILE B 177 30.16 3.67 42.49
C ILE B 177 29.46 3.15 41.26
N CYS B 178 28.46 2.30 41.44
CA CYS B 178 27.71 1.79 40.28
C CYS B 178 26.52 2.69 39.98
N THR B 179 26.65 3.65 39.07
CA THR B 179 25.50 4.44 38.66
C THR B 179 24.67 3.71 37.59
N LYS B 180 25.27 2.69 37.00
CA LYS B 180 24.57 1.83 36.05
C LYS B 180 25.28 0.48 35.93
N HIS B 181 24.61 -0.47 35.30
CA HIS B 181 25.08 -1.83 35.10
C HIS B 181 24.83 -2.31 33.68
N LEU B 182 25.82 -2.97 33.09
CA LEU B 182 25.64 -3.72 31.86
C LEU B 182 25.33 -5.15 32.28
N VAL B 183 24.13 -5.61 31.94
CA VAL B 183 23.58 -6.88 32.43
C VAL B 183 23.02 -7.68 31.23
N PRO B 184 23.38 -8.96 31.12
CA PRO B 184 22.81 -9.70 30.02
C PRO B 184 21.45 -10.29 30.34
N PHE B 185 20.59 -10.30 29.33
CA PHE B 185 19.28 -10.92 29.38
C PHE B 185 19.26 -11.93 28.27
N CYS B 186 19.06 -13.19 28.62
CA CYS B 186 19.17 -14.27 27.61
C CYS B 186 17.99 -15.21 27.72
N TYR B 187 17.72 -15.90 26.62
CA TYR B 187 16.59 -16.82 26.55
C TYR B 187 16.82 -17.80 25.40
N LEU B 188 16.00 -18.86 25.38
CA LEU B 188 15.99 -19.83 24.27
C LEU B 188 14.73 -19.55 23.40
N ASN B 189 14.99 -19.17 22.15
CA ASN B 189 13.95 -18.69 21.27
C ASN B 189 13.32 -19.81 20.45
N HIS B 190 12.49 -19.39 19.49
CA HIS B 190 11.81 -20.23 18.50
C HIS B 190 10.80 -21.19 19.12
N GLY B 191 9.78 -20.63 19.76
CA GLY B 191 8.58 -21.39 20.14
C GLY B 191 8.64 -22.06 21.49
N CYS B 192 7.62 -22.85 21.79
CA CYS B 192 7.56 -23.59 23.03
C CYS B 192 8.68 -24.63 23.15
N PHE B 193 9.04 -24.95 24.39
CA PHE B 193 10.19 -25.81 24.68
C PHE B 193 9.66 -27.08 25.37
N THR B 194 9.95 -28.23 24.79
CA THR B 194 9.36 -29.46 25.30
C THR B 194 10.17 -29.97 26.47
N THR B 195 9.59 -29.91 27.65
CA THR B 195 10.22 -30.51 28.83
C THR B 195 9.10 -30.83 29.82
N GLY B 196 9.36 -31.79 30.68
CA GLY B 196 8.38 -32.32 31.62
C GLY B 196 7.24 -33.02 30.92
N GLY B 197 7.44 -33.48 29.68
CA GLY B 197 6.38 -34.14 28.91
C GLY B 197 5.37 -33.29 28.13
N SER B 198 5.54 -31.98 28.07
CA SER B 198 4.79 -31.21 27.08
C SER B 198 5.59 -30.00 26.60
N CYS B 199 5.04 -29.30 25.61
CA CYS B 199 5.74 -28.17 25.02
C CYS B 199 5.31 -26.90 25.76
N LEU B 200 6.19 -26.35 26.57
CA LEU B 200 5.87 -25.26 27.51
C LEU B 200 6.24 -23.90 26.93
N PRO B 201 5.46 -22.86 27.28
CA PRO B 201 5.89 -21.51 26.92
C PRO B 201 7.27 -21.14 27.50
N PHE B 202 8.10 -20.43 26.73
CA PHE B 202 9.36 -19.90 27.27
C PHE B 202 9.15 -18.42 27.46
N GLY B 203 8.95 -18.04 28.73
CA GLY B 203 8.58 -16.66 29.12
C GLY B 203 9.36 -16.18 30.31
N VAL B 204 10.29 -15.26 30.08
CA VAL B 204 11.17 -14.77 31.15
C VAL B 204 11.31 -13.25 31.02
N SER B 205 11.60 -12.59 32.13
CA SER B 205 11.66 -11.16 32.16
C SER B 205 12.46 -10.67 33.39
N TYR B 206 13.02 -9.46 33.24
CA TYR B 206 13.55 -8.67 34.37
C TYR B 206 12.64 -7.46 34.54
N VAL B 207 12.14 -7.26 35.74
CA VAL B 207 11.10 -6.26 35.97
C VAL B 207 11.34 -5.58 37.31
N SER B 208 11.12 -4.26 37.34
CA SER B 208 10.98 -3.51 38.61
C SER B 208 9.83 -2.52 38.47
N ASP B 209 9.64 -1.68 39.48
CA ASP B 209 8.66 -0.58 39.40
C ASP B 209 8.98 0.35 38.25
N SER B 210 10.24 0.39 37.87
CA SER B 210 10.68 1.35 36.90
C SER B 210 11.37 0.71 35.72
N PHE B 211 11.24 -0.62 35.55
CA PHE B 211 11.97 -1.35 34.48
C PHE B 211 11.23 -2.59 33.94
N TYR B 212 11.31 -2.82 32.63
CA TYR B 212 10.77 -4.04 31.99
C TYR B 212 11.56 -4.40 30.75
N TYR B 213 12.03 -5.64 30.73
CA TYR B 213 12.57 -6.29 29.55
C TYR B 213 12.20 -7.77 29.64
N GLY B 214 11.70 -8.34 28.54
CA GLY B 214 11.24 -9.72 28.57
C GLY B 214 11.08 -10.36 27.24
N TYR B 215 10.86 -11.67 27.30
CA TYR B 215 10.66 -12.47 26.12
C TYR B 215 9.59 -13.49 26.44
N TYR B 216 8.69 -13.73 25.48
CA TYR B 216 7.66 -14.74 25.60
C TYR B 216 7.39 -15.41 24.24
N ASP B 217 7.39 -16.73 24.22
CA ASP B 217 6.96 -17.49 23.05
C ASP B 217 6.36 -18.84 23.49
N ALA B 218 5.14 -19.10 23.04
CA ALA B 218 4.51 -20.41 23.16
C ALA B 218 4.08 -20.96 21.79
N THR B 219 4.67 -20.47 20.70
CA THR B 219 4.28 -20.95 19.38
C THR B 219 4.52 -22.47 19.26
N PRO B 220 3.48 -23.20 18.84
CA PRO B 220 3.64 -24.65 18.71
C PRO B 220 4.71 -24.99 17.67
N GLN B 221 5.38 -26.12 17.89
CA GLN B 221 6.38 -26.63 16.95
C GLN B 221 5.71 -27.40 15.80
N ILE B 222 6.41 -27.49 14.67
CA ILE B 222 5.97 -28.24 13.50
C ILE B 222 6.75 -29.56 13.37
N GLY B 223 6.03 -30.67 13.35
CA GLY B 223 6.64 -31.99 13.26
C GLY B 223 7.71 -32.21 14.30
N SER B 224 8.86 -32.73 13.86
CA SER B 224 10.03 -32.98 14.72
C SER B 224 11.10 -31.91 14.56
N THR B 225 10.69 -30.73 14.13
CA THR B 225 11.63 -29.69 13.81
C THR B 225 11.96 -28.82 15.03
N GLU B 226 11.61 -29.22 16.25
CA GLU B 226 11.87 -28.30 17.38
C GLU B 226 13.35 -27.88 17.44
N SER B 227 13.58 -26.57 17.47
CA SER B 227 14.91 -25.98 17.51
C SER B 227 14.84 -24.70 18.36
N HIS B 228 15.89 -24.43 19.13
CA HIS B 228 16.01 -23.20 19.86
C HIS B 228 17.42 -22.64 19.73
N ASP B 229 17.52 -21.32 19.75
CA ASP B 229 18.80 -20.61 19.79
C ASP B 229 18.93 -19.93 21.14
N TYR B 230 20.16 -19.90 21.66
CA TYR B 230 20.46 -19.19 22.88
C TYR B 230 20.71 -17.75 22.41
N VAL B 231 19.86 -16.82 22.81
CA VAL B 231 19.99 -15.42 22.40
C VAL B 231 20.15 -14.51 23.64
N CYS B 232 20.94 -13.45 23.50
CA CYS B 232 21.09 -12.48 24.56
C CYS B 232 20.97 -11.05 24.07
N ASP B 233 20.43 -10.19 24.93
CA ASP B 233 20.44 -8.72 24.77
C ASP B 233 21.24 -8.17 25.94
N TYR B 234 22.02 -7.12 25.72
CA TYR B 234 22.90 -6.58 26.77
C TYR B 234 22.28 -5.25 27.20
N LEU B 235 21.82 -5.23 28.44
CA LEU B 235 20.95 -4.17 28.94
C LEU B 235 21.67 -3.19 29.86
N PHE B 236 21.31 -1.92 29.71
CA PHE B 236 21.61 -0.85 30.65
C PHE B 236 20.59 -0.91 31.79
N MET B 237 21.05 -1.10 33.02
CA MET B 237 20.15 -1.19 34.17
C MET B 237 20.71 -0.38 35.34
N GLU B 238 19.83 0.37 36.00
CA GLU B 238 20.18 1.19 37.15
C GLU B 238 20.34 0.29 38.34
N PRO B 239 21.16 0.71 39.33
CA PRO B 239 21.21 -0.04 40.59
C PRO B 239 19.84 -0.10 41.23
N GLY B 240 19.56 -1.17 41.95
CA GLY B 240 18.26 -1.40 42.52
C GLY B 240 17.95 -2.87 42.64
N THR B 241 16.76 -3.15 43.16
CA THR B 241 16.26 -4.51 43.28
C THR B 241 15.31 -4.76 42.14
N TYR B 242 15.35 -5.96 41.59
CA TYR B 242 14.56 -6.31 40.42
C TYR B 242 14.04 -7.71 40.64
N ASN B 243 12.98 -8.06 39.94
CA ASN B 243 12.53 -9.44 39.89
C ASN B 243 12.99 -10.09 38.60
N ALA B 244 13.59 -11.28 38.71
CA ALA B 244 13.70 -12.20 37.60
C ALA B 244 12.43 -13.04 37.63
N SER B 245 11.58 -12.85 36.64
CA SER B 245 10.27 -13.48 36.58
C SER B 245 10.18 -14.50 35.47
N THR B 246 9.26 -15.44 35.66
CA THR B 246 8.99 -16.42 34.65
C THR B 246 7.54 -16.78 34.67
N VAL B 247 7.01 -17.10 33.49
CA VAL B 247 5.70 -17.69 33.38
C VAL B 247 5.66 -19.15 33.86
N GLY B 248 6.83 -19.74 34.15
CA GLY B 248 6.89 -21.10 34.68
C GLY B 248 8.01 -21.89 34.02
N LYS B 249 8.59 -22.82 34.81
CA LYS B 249 9.61 -23.81 34.42
C LYS B 249 11.03 -23.25 34.24
N PHE B 250 11.17 -22.29 33.33
CA PHE B 250 12.47 -21.76 32.98
C PHE B 250 12.75 -20.51 33.80
N LEU B 251 13.94 -20.46 34.42
CA LEU B 251 14.34 -19.30 35.23
C LEU B 251 15.62 -18.72 34.70
N VAL B 252 15.63 -17.41 34.46
CA VAL B 252 16.83 -16.67 34.03
C VAL B 252 17.05 -15.48 34.93
N TYR B 253 18.19 -15.43 35.60
CA TYR B 253 18.58 -14.27 36.37
C TYR B 253 20.08 -14.07 36.27
N PRO B 254 20.54 -12.81 36.33
CA PRO B 254 21.94 -12.54 36.17
C PRO B 254 22.73 -12.81 37.46
N THR B 255 24.00 -13.16 37.25
CA THR B 255 24.89 -13.47 38.35
C THR B 255 26.17 -12.61 38.31
N LYS B 256 26.37 -11.85 37.23
CA LYS B 256 27.48 -10.90 37.14
C LYS B 256 27.02 -9.67 36.35
N SER B 257 27.71 -8.54 36.53
CA SER B 257 27.52 -7.38 35.68
C SER B 257 28.77 -6.52 35.62
N TYR B 258 28.81 -5.66 34.60
CA TYR B 258 29.77 -4.57 34.59
C TYR B 258 29.12 -3.38 35.30
N CYS B 259 29.64 -3.09 36.48
CA CYS B 259 29.32 -1.87 37.24
C CYS B 259 30.13 -0.71 36.66
N MET B 260 29.45 0.40 36.38
CA MET B 260 30.11 1.60 35.85
C MET B 260 29.62 2.80 36.60
N ASP B 261 30.51 3.76 36.78
CA ASP B 261 30.10 5.03 37.39
C ASP B 261 29.74 6.04 36.30
N THR B 262 29.66 7.31 36.68
CA THR B 262 29.23 8.36 35.77
C THR B 262 30.25 9.51 35.76
N MET B 263 30.65 9.98 34.58
CA MET B 263 31.38 11.24 34.47
C MET B 263 30.55 12.12 33.59
N ASN B 264 30.73 13.42 33.70
CA ASN B 264 29.74 14.35 33.12
C ASN B 264 30.20 14.90 31.77
N ILE B 265 31.19 14.24 31.18
CA ILE B 265 31.60 14.49 29.80
C ILE B 265 31.43 13.17 29.06
N THR B 266 31.18 13.24 27.74
CA THR B 266 31.15 12.04 26.93
C THR B 266 32.45 11.97 26.09
N VAL B 267 33.20 10.87 26.24
CA VAL B 267 34.49 10.70 25.57
C VAL B 267 34.52 9.36 24.83
N PRO B 268 34.77 9.41 23.51
CA PRO B 268 34.75 8.15 22.78
C PRO B 268 35.85 7.21 23.29
N VAL B 269 35.58 5.91 23.27
CA VAL B 269 36.59 4.95 23.60
C VAL B 269 37.43 4.64 22.36
N GLN B 270 38.53 3.94 22.58
CA GLN B 270 39.44 3.49 21.52
C GLN B 270 39.52 1.96 21.54
N ALA B 271 39.26 1.33 20.40
CA ALA B 271 39.42 -0.12 20.29
C ALA B 271 40.45 -0.48 19.21
N VAL B 272 41.39 -1.34 19.55
CA VAL B 272 42.33 -1.89 18.57
C VAL B 272 41.93 -3.28 18.13
N GLN B 273 42.03 -3.55 16.81
CA GLN B 273 41.63 -4.83 16.25
C GLN B 273 42.36 -5.99 16.94
N SER B 274 41.59 -7.00 17.37
CA SER B 274 42.10 -8.10 18.20
C SER B 274 41.84 -9.42 17.52
N ILE B 275 42.87 -9.98 16.86
CA ILE B 275 42.71 -11.17 15.97
C ILE B 275 43.81 -12.20 16.16
N TRP B 276 43.61 -13.37 15.58
CA TRP B 276 44.62 -14.43 15.54
C TRP B 276 45.45 -14.32 14.27
N SER B 277 46.61 -14.97 14.27
CA SER B 277 47.39 -15.23 13.07
C SER B 277 46.50 -15.95 12.09
N GLU B 278 46.85 -15.92 10.80
CA GLU B 278 46.02 -16.54 9.79
C GLU B 278 46.10 -18.05 9.77
N GLN B 279 46.72 -18.68 10.77
CA GLN B 279 46.52 -20.12 11.00
C GLN B 279 45.13 -20.47 11.52
N TYR B 280 44.41 -19.47 12.05
CA TYR B 280 43.19 -19.68 12.80
C TYR B 280 42.08 -18.73 12.36
N ALA B 281 40.86 -19.08 12.72
CA ALA B 281 39.67 -18.29 12.36
C ALA B 281 39.49 -17.15 13.35
N SER B 282 39.49 -15.91 12.82
CA SER B 282 39.13 -14.73 13.60
C SER B 282 37.74 -14.18 13.19
N ASP B 283 37.26 -13.16 13.89
CA ASP B 283 36.05 -12.46 13.47
C ASP B 283 36.30 -10.96 13.45
N ASP B 284 35.31 -10.21 12.99
CA ASP B 284 35.35 -8.74 12.97
C ASP B 284 34.34 -8.13 13.94
N ALA B 285 34.05 -8.80 15.06
CA ALA B 285 33.09 -8.27 16.07
C ALA B 285 33.54 -6.94 16.66
N ILE B 286 34.84 -6.84 16.90
CA ILE B 286 35.39 -5.58 17.42
C ILE B 286 35.19 -4.43 16.44
N GLY B 287 35.56 -4.63 15.18
CA GLY B 287 35.30 -3.63 14.14
C GLY B 287 33.82 -3.27 13.90
N GLN B 288 32.94 -4.25 13.99
CA GLN B 288 31.52 -4.00 13.86
C GLN B 288 30.91 -3.30 15.08
N ALA B 289 31.46 -3.54 16.26
CA ALA B 289 30.99 -2.90 17.48
C ALA B 289 31.56 -1.49 17.67
N CYS B 290 32.79 -1.26 17.21
CA CYS B 290 33.45 0.00 17.46
C CYS B 290 33.18 1.00 16.35
N LYS B 291 32.12 1.78 16.53
CA LYS B 291 31.60 2.65 15.51
C LYS B 291 31.51 4.10 15.97
N ALA B 292 31.64 5.03 15.03
CA ALA B 292 31.32 6.41 15.33
C ALA B 292 29.86 6.41 15.81
N PRO B 293 29.50 7.28 16.75
CA PRO B 293 30.30 8.36 17.33
C PRO B 293 30.93 7.99 18.66
N TYR B 294 30.81 6.73 19.07
CA TYR B 294 31.15 6.34 20.44
C TYR B 294 32.47 5.63 20.56
N CYS B 295 33.04 5.18 19.44
CA CYS B 295 34.28 4.43 19.52
C CYS B 295 35.16 4.71 18.33
N ILE B 296 36.46 4.78 18.59
CA ILE B 296 37.43 5.08 17.56
C ILE B 296 38.14 3.76 17.29
N PHE B 297 37.96 3.21 16.08
CA PHE B 297 38.49 1.89 15.76
C PHE B 297 39.83 2.01 15.04
N TYR B 298 40.84 1.39 15.64
CA TYR B 298 42.14 1.24 14.99
C TYR B 298 42.27 -0.16 14.44
N ASN B 299 42.00 -0.29 13.17
CA ASN B 299 42.08 -1.61 12.53
C ASN B 299 43.51 -1.92 12.18
N LYS B 300 43.80 -3.19 11.96
CA LYS B 300 45.10 -3.63 11.41
C LYS B 300 45.00 -3.69 9.90
N THR B 301 46.05 -3.19 9.22
CA THR B 301 46.16 -3.28 7.79
C THR B 301 46.98 -4.50 7.39
N THR B 302 47.60 -5.17 8.34
CA THR B 302 48.33 -6.38 8.07
C THR B 302 47.74 -7.50 8.93
N PRO B 303 47.97 -8.77 8.52
CA PRO B 303 47.65 -9.87 9.44
C PRO B 303 48.50 -9.78 10.72
N TYR B 304 48.16 -10.59 11.70
CA TYR B 304 48.89 -10.66 12.92
C TYR B 304 50.22 -11.37 12.56
N THR B 305 51.31 -10.63 12.73
CA THR B 305 52.60 -10.90 12.10
C THR B 305 53.71 -10.71 13.13
N VAL B 306 54.20 -11.84 13.64
CA VAL B 306 55.26 -11.80 14.65
C VAL B 306 56.64 -12.09 14.05
N THR B 307 57.58 -11.18 14.30
CA THR B 307 59.00 -11.39 13.94
C THR B 307 59.94 -11.52 15.15
N ASN B 308 59.59 -10.92 16.28
CA ASN B 308 60.36 -11.05 17.52
C ASN B 308 59.40 -11.12 18.70
N GLY B 309 58.64 -12.21 18.79
CA GLY B 309 57.74 -12.39 19.91
C GLY B 309 57.82 -13.80 20.41
N SER B 310 56.84 -14.21 21.23
CA SER B 310 56.91 -15.49 21.96
C SER B 310 56.39 -16.68 21.13
N ASP B 311 55.47 -16.40 20.22
CA ASP B 311 54.88 -17.39 19.33
C ASP B 311 54.10 -16.63 18.25
N ALA B 312 53.46 -17.31 17.31
CA ALA B 312 52.82 -16.63 16.15
C ALA B 312 51.71 -15.67 16.56
N ASN B 313 51.21 -15.80 17.77
CA ASN B 313 50.08 -15.00 18.20
C ASN B 313 50.38 -13.97 19.27
N HIS B 314 51.68 -13.74 19.52
CA HIS B 314 52.06 -12.72 20.50
C HIS B 314 53.27 -11.93 20.03
N GLY B 315 53.06 -10.65 19.79
CA GLY B 315 54.09 -9.68 19.43
C GLY B 315 53.96 -9.15 18.02
N ASP B 316 52.75 -8.73 17.64
CA ASP B 316 52.52 -8.21 16.29
C ASP B 316 53.26 -6.89 16.06
N ASP B 317 54.04 -6.83 14.98
CA ASP B 317 54.81 -5.62 14.65
C ASP B 317 53.92 -4.36 14.47
N GLU B 318 52.83 -4.52 13.71
CA GLU B 318 51.94 -3.39 13.47
C GLU B 318 51.33 -2.86 14.80
N VAL B 319 50.73 -3.72 15.60
CA VAL B 319 50.15 -3.27 16.88
C VAL B 319 51.22 -2.74 17.83
N ARG B 320 52.39 -3.33 17.82
CA ARG B 320 53.47 -2.79 18.64
C ARG B 320 53.80 -1.34 18.24
N MET B 321 53.79 -1.06 16.94
CA MET B 321 54.07 0.29 16.47
C MET B 321 52.93 1.22 16.89
N MET B 322 51.69 0.76 16.79
CA MET B 322 50.54 1.59 17.18
C MET B 322 50.56 1.95 18.66
N MET B 323 50.94 0.98 19.50
CA MET B 323 50.90 1.18 20.93
C MET B 323 51.99 2.13 21.42
N GLN B 324 53.03 2.40 20.61
CA GLN B 324 54.01 3.46 20.92
C GLN B 324 53.31 4.82 21.14
N GLY B 325 52.17 5.00 20.46
CA GLY B 325 51.37 6.23 20.59
C GLY B 325 50.99 6.58 22.01
N LEU B 326 50.80 5.57 22.84
CA LEU B 326 50.42 5.76 24.25
C LEU B 326 51.54 6.27 25.16
N LEU B 327 52.76 6.35 24.64
CA LEU B 327 53.92 6.84 25.40
C LEU B 327 54.04 8.37 25.38
N ARG B 328 53.19 9.06 24.63
CA ARG B 328 53.13 10.54 24.70
C ARG B 328 51.80 11.02 25.27
N ASN B 329 51.81 12.24 25.81
CA ASN B 329 50.61 13.00 26.05
C ASN B 329 50.40 13.79 24.77
N SER B 330 49.30 13.52 24.10
CA SER B 330 48.96 14.14 22.86
C SER B 330 47.95 15.22 23.17
N SER B 331 47.52 15.96 22.15
CA SER B 331 46.41 16.90 22.29
C SER B 331 45.14 16.55 21.54
N CYS B 332 45.27 15.70 20.54
CA CYS B 332 44.19 15.33 19.64
C CYS B 332 44.23 13.82 19.47
N ILE B 333 43.09 13.17 19.65
CA ILE B 333 42.96 11.72 19.51
C ILE B 333 41.93 11.51 18.38
N SER B 334 42.25 10.67 17.41
CA SER B 334 41.43 10.52 16.21
C SER B 334 41.60 9.14 15.57
N PRO B 335 40.74 8.78 14.60
CA PRO B 335 40.95 7.50 13.89
C PRO B 335 42.25 7.45 13.06
N GLN B 336 42.82 8.61 12.73
CA GLN B 336 44.11 8.68 12.05
C GLN B 336 45.25 8.58 13.02
N GLY B 337 44.94 8.72 14.31
CA GLY B 337 45.94 8.61 15.33
C GLY B 337 46.02 9.90 16.11
N SER B 338 47.13 10.06 16.84
CA SER B 338 47.26 11.18 17.74
C SER B 338 48.17 12.26 17.19
N THR B 339 47.98 13.49 17.66
CA THR B 339 48.87 14.60 17.35
C THR B 339 49.16 15.41 18.60
N PRO B 340 50.28 16.11 18.61
CA PRO B 340 50.44 17.13 19.65
C PRO B 340 49.65 18.38 19.29
N LEU B 341 49.80 19.44 20.08
CA LEU B 341 49.15 20.72 19.78
C LEU B 341 49.81 21.34 18.58
N ALA B 342 49.04 21.58 17.53
CA ALA B 342 49.57 22.13 16.30
C ALA B 342 48.49 22.87 15.53
N LEU B 343 48.90 23.81 14.70
CA LEU B 343 47.94 24.46 13.83
C LEU B 343 47.44 23.51 12.74
N TYR B 344 48.36 22.81 12.07
CA TYR B 344 48.02 22.10 10.85
C TYR B 344 48.36 20.60 10.84
N SER B 345 47.56 19.87 10.09
CA SER B 345 47.73 18.45 9.94
C SER B 345 48.09 18.19 8.48
N THR B 346 48.94 17.18 8.25
CA THR B 346 49.30 16.77 6.91
C THR B 346 48.15 16.08 6.18
N GLU B 347 47.13 15.63 6.91
CA GLU B 347 45.97 14.97 6.30
C GLU B 347 44.69 15.27 7.06
N MET B 348 43.57 14.97 6.42
CA MET B 348 42.25 15.20 7.02
C MET B 348 42.14 14.36 8.27
N ILE B 349 41.69 14.97 9.36
CA ILE B 349 41.40 14.27 10.60
C ILE B 349 39.87 14.02 10.69
N TYR B 350 39.50 12.74 10.73
CA TYR B 350 38.09 12.32 10.73
C TYR B 350 37.54 12.09 12.15
N GLU B 351 36.27 11.69 12.22
CA GLU B 351 35.53 11.46 13.47
C GLU B 351 35.42 9.97 13.77
N PRO B 352 35.26 9.60 15.05
CA PRO B 352 35.27 10.51 16.19
C PRO B 352 36.66 10.98 16.52
N ASN B 353 36.76 12.22 16.95
CA ASN B 353 38.00 12.72 17.52
C ASN B 353 37.68 13.57 18.75
N TYR B 354 38.66 13.73 19.63
CA TYR B 354 38.57 14.69 20.71
C TYR B 354 39.90 15.33 21.07
N GLY B 355 39.80 16.39 21.89
CA GLY B 355 40.91 17.22 22.28
C GLY B 355 40.90 18.47 21.40
N SER B 356 42.07 19.07 21.20
CA SER B 356 42.19 20.21 20.28
C SER B 356 42.98 19.72 19.09
N CYS B 357 42.32 19.67 17.94
CA CYS B 357 42.86 19.02 16.75
C CYS B 357 43.33 20.02 15.69
N PRO B 358 44.52 19.79 15.11
CA PRO B 358 44.98 20.61 14.00
C PRO B 358 44.06 20.42 12.80
N GLN B 359 44.07 21.40 11.92
CA GLN B 359 43.24 21.38 10.74
C GLN B 359 44.08 21.02 9.52
N PHE B 360 43.44 20.31 8.60
CA PHE B 360 44.06 19.95 7.34
C PHE B 360 44.66 21.16 6.63
N TYR B 361 45.97 21.13 6.35
CA TYR B 361 46.69 22.33 5.89
C TYR B 361 46.21 22.84 4.53
N LYS B 362 45.75 21.95 3.67
CA LYS B 362 45.31 22.35 2.34
C LYS B 362 44.10 23.28 2.41
N LEU B 363 43.33 23.22 3.49
CA LEU B 363 42.18 24.14 3.68
C LEU B 363 42.59 25.60 3.75
N PHE B 364 43.82 25.84 4.20
CA PHE B 364 44.35 27.18 4.35
C PHE B 364 45.32 27.55 3.21
N ASP B 365 45.65 26.57 2.36
CA ASP B 365 46.35 26.71 1.04
C ASP B 365 47.75 26.10 1.06
N THR C 2 -14.61 -33.20 -47.43
CA THR C 2 -14.24 -32.16 -48.45
C THR C 2 -14.25 -30.70 -47.90
N PRO C 3 -13.17 -30.29 -47.20
CA PRO C 3 -13.17 -29.01 -46.45
C PRO C 3 -13.54 -27.81 -47.32
N VAL C 4 -14.26 -26.84 -46.77
CA VAL C 4 -14.72 -25.69 -47.52
C VAL C 4 -14.00 -24.41 -47.03
N THR C 5 -14.07 -23.36 -47.86
CA THR C 5 -13.37 -22.12 -47.57
C THR C 5 -14.39 -21.03 -47.36
N PRO C 6 -14.33 -20.37 -46.18
CA PRO C 6 -15.19 -19.22 -45.99
C PRO C 6 -15.07 -18.18 -47.11
N TYR C 7 -16.22 -17.65 -47.54
CA TYR C 7 -16.28 -16.59 -48.55
C TYR C 7 -16.28 -15.26 -47.82
N TYR C 8 -15.21 -14.50 -48.02
CA TYR C 8 -14.99 -13.29 -47.23
C TYR C 8 -16.03 -12.21 -47.44
N GLY C 9 -16.72 -11.90 -46.36
CA GLY C 9 -17.69 -10.83 -46.33
C GLY C 9 -18.93 -11.24 -45.57
N PRO C 10 -19.89 -10.32 -45.47
CA PRO C 10 -21.06 -10.62 -44.67
C PRO C 10 -21.94 -11.70 -45.29
N GLY C 11 -22.98 -12.07 -44.55
CA GLY C 11 -23.88 -13.14 -44.96
C GLY C 11 -25.10 -13.21 -44.07
N HIS C 12 -25.98 -14.14 -44.40
CA HIS C 12 -27.15 -14.41 -43.59
C HIS C 12 -27.50 -15.89 -43.70
N ILE C 13 -28.21 -16.38 -42.68
CA ILE C 13 -28.61 -17.79 -42.57
C ILE C 13 -30.07 -17.95 -42.91
N THR C 14 -30.90 -16.96 -42.60
CA THR C 14 -32.31 -17.02 -42.91
C THR C 14 -32.72 -15.77 -43.66
N PHE C 15 -34.01 -15.72 -44.05
CA PHE C 15 -34.61 -14.55 -44.68
C PHE C 15 -34.64 -13.34 -43.76
N ASP C 16 -34.60 -13.59 -42.45
CA ASP C 16 -34.81 -12.54 -41.45
C ASP C 16 -33.49 -11.82 -41.15
N TRP C 17 -32.99 -11.12 -42.17
CA TRP C 17 -31.82 -10.29 -42.03
C TRP C 17 -32.13 -8.93 -42.61
N CYS C 18 -31.34 -7.93 -42.21
CA CYS C 18 -31.53 -6.58 -42.72
C CYS C 18 -30.21 -5.84 -42.74
N GLY C 19 -30.18 -4.80 -43.58
CA GLY C 19 -29.01 -3.95 -43.73
C GLY C 19 -29.27 -2.51 -43.31
N PHE C 20 -28.21 -1.84 -42.87
CA PHE C 20 -28.24 -0.40 -42.59
C PHE C 20 -27.09 0.25 -43.36
N GLY C 21 -27.41 1.26 -44.17
CA GLY C 21 -26.38 1.89 -44.99
C GLY C 21 -26.58 3.35 -45.37
N ASP C 22 -25.87 3.74 -46.43
CA ASP C 22 -25.79 5.13 -46.91
C ASP C 22 -25.98 5.14 -48.43
N SER C 23 -25.36 6.07 -49.17
CA SER C 23 -25.52 6.12 -50.63
C SER C 23 -25.12 4.82 -51.33
N ARG C 24 -24.06 4.16 -50.85
CA ARG C 24 -23.53 2.92 -51.48
C ARG C 24 -24.41 1.67 -51.37
N SER C 25 -25.54 1.78 -50.68
CA SER C 25 -26.56 0.73 -50.68
C SER C 25 -27.93 1.38 -50.86
N ASP C 26 -27.92 2.55 -51.51
CA ASP C 26 -29.13 3.34 -51.74
C ASP C 26 -29.48 3.36 -53.24
N CYS C 27 -30.54 2.62 -53.58
CA CYS C 27 -31.03 2.54 -54.96
C CYS C 27 -31.86 3.76 -55.38
N THR C 28 -32.23 4.65 -54.45
CA THR C 28 -32.88 5.91 -54.83
C THR C 28 -31.87 6.99 -55.23
N ASN C 29 -30.57 6.65 -55.19
CA ASN C 29 -29.54 7.53 -55.72
C ASN C 29 -29.68 7.68 -57.23
N PRO C 30 -29.63 8.94 -57.74
CA PRO C 30 -29.68 9.20 -59.17
C PRO C 30 -28.69 8.37 -59.99
N GLN C 31 -27.51 8.07 -59.43
CA GLN C 31 -26.44 7.35 -60.15
C GLN C 31 -26.48 5.83 -59.95
N SER C 32 -27.50 5.32 -59.27
CA SER C 32 -27.62 3.86 -59.06
C SER C 32 -27.91 3.17 -60.39
N PRO C 33 -27.38 1.96 -60.60
CA PRO C 33 -26.57 1.10 -59.71
C PRO C 33 -25.02 1.29 -59.78
N MET C 34 -24.55 2.28 -60.53
CA MET C 34 -23.11 2.53 -60.64
C MET C 34 -22.49 2.96 -59.31
N SER C 35 -23.31 3.61 -58.49
CA SER C 35 -22.91 4.12 -57.20
C SER C 35 -23.09 3.11 -56.05
N LEU C 36 -23.54 1.89 -56.35
CA LEU C 36 -23.79 0.85 -55.31
C LEU C 36 -22.55 -0.02 -55.05
N ASP C 37 -22.35 -0.36 -53.78
CA ASP C 37 -21.35 -1.34 -53.37
C ASP C 37 -21.99 -2.71 -53.11
N ILE C 38 -23.32 -2.75 -53.10
CA ILE C 38 -24.06 -3.99 -52.88
C ILE C 38 -24.73 -4.40 -54.20
N PRO C 39 -25.10 -5.68 -54.33
CA PRO C 39 -25.93 -6.05 -55.47
C PRO C 39 -27.27 -5.29 -55.40
N GLN C 40 -27.75 -4.86 -56.56
CA GLN C 40 -28.95 -4.03 -56.67
C GLN C 40 -30.22 -4.70 -56.14
N GLN C 41 -30.37 -6.00 -56.34
CA GLN C 41 -31.58 -6.71 -55.87
C GLN C 41 -31.66 -6.82 -54.34
N LEU C 42 -30.56 -6.53 -53.64
CA LEU C 42 -30.53 -6.52 -52.17
C LEU C 42 -30.84 -5.14 -51.55
N CYS C 43 -31.05 -4.13 -52.38
CA CYS C 43 -31.41 -2.78 -51.90
C CYS C 43 -32.59 -2.75 -50.95
N PRO C 44 -33.66 -3.52 -51.23
CA PRO C 44 -34.84 -3.48 -50.36
C PRO C 44 -34.60 -4.07 -48.96
N LYS C 45 -33.55 -4.86 -48.81
CA LYS C 45 -33.18 -5.37 -47.49
C LYS C 45 -32.60 -4.26 -46.60
N PHE C 46 -32.19 -3.16 -47.24
CA PHE C 46 -31.48 -2.08 -46.59
C PHE C 46 -32.35 -0.88 -46.31
N SER C 47 -32.12 -0.30 -45.14
CA SER C 47 -32.60 1.03 -44.81
C SER C 47 -31.37 1.93 -44.94
N SER C 48 -31.27 2.64 -46.06
CA SER C 48 -30.09 3.44 -46.40
C SER C 48 -30.46 4.78 -47.04
N LYS C 49 -29.58 5.77 -46.91
CA LYS C 49 -29.83 7.11 -47.43
C LYS C 49 -28.54 7.83 -47.76
N SER C 50 -28.46 8.39 -48.98
CA SER C 50 -27.27 9.07 -49.48
C SER C 50 -26.86 10.21 -48.56
N SER C 51 -25.55 10.31 -48.30
CA SER C 51 -24.94 11.36 -47.45
C SER C 51 -25.32 11.31 -45.95
N SER C 52 -26.05 10.29 -45.53
CA SER C 52 -26.44 10.15 -44.11
C SER C 52 -25.62 9.09 -43.41
N SER C 53 -25.72 9.08 -42.09
CA SER C 53 -25.27 7.93 -41.30
C SER C 53 -26.13 7.83 -40.05
N MET C 54 -26.10 6.65 -39.42
CA MET C 54 -26.85 6.42 -38.19
C MET C 54 -26.37 7.30 -37.03
N PHE C 55 -25.06 7.57 -36.98
CA PHE C 55 -24.51 8.49 -35.97
C PHE C 55 -24.98 9.91 -36.22
N LEU C 56 -24.72 10.39 -37.43
CA LEU C 56 -25.10 11.74 -37.86
C LEU C 56 -26.57 11.98 -37.54
N SER C 57 -27.40 11.01 -37.93
CA SER C 57 -28.85 11.17 -37.86
C SER C 57 -29.39 11.24 -36.42
N LEU C 58 -28.70 10.56 -35.51
CA LEU C 58 -29.07 10.56 -34.09
C LEU C 58 -28.96 11.96 -33.49
N HIS C 59 -27.82 12.59 -33.74
CA HIS C 59 -27.51 13.90 -33.17
C HIS C 59 -28.16 15.09 -33.89
N TRP C 60 -28.38 14.95 -35.20
CA TRP C 60 -28.85 16.07 -36.05
C TRP C 60 -30.05 15.73 -36.91
N ASN C 61 -30.99 16.68 -37.00
CA ASN C 61 -32.00 16.69 -38.06
C ASN C 61 -31.35 17.37 -39.30
N ASN C 62 -32.13 17.67 -40.33
CA ASN C 62 -31.56 18.23 -41.59
C ASN C 62 -30.98 19.65 -41.44
N HIS C 63 -29.72 19.84 -41.87
CA HIS C 63 -29.12 21.18 -42.05
C HIS C 63 -28.32 21.17 -43.36
N SER C 64 -27.76 22.30 -43.76
CA SER C 64 -27.17 22.40 -45.11
C SER C 64 -25.99 21.44 -45.38
N SER C 65 -25.41 20.85 -44.34
CA SER C 65 -24.38 19.80 -44.50
C SER C 65 -24.72 18.53 -43.69
N PHE C 66 -25.96 18.43 -43.24
CA PHE C 66 -26.42 17.31 -42.43
C PHE C 66 -27.65 16.71 -43.09
N VAL C 67 -27.48 15.58 -43.75
CA VAL C 67 -28.59 14.83 -44.31
C VAL C 67 -29.04 13.80 -43.28
N SER C 68 -30.12 14.11 -42.57
CA SER C 68 -30.61 13.25 -41.51
C SER C 68 -31.72 12.37 -42.06
N TYR C 69 -31.84 11.16 -41.50
CA TYR C 69 -32.68 10.11 -42.05
C TYR C 69 -33.37 9.32 -40.94
N ASP C 70 -34.62 8.94 -41.17
CA ASP C 70 -35.37 8.11 -40.25
C ASP C 70 -35.02 6.63 -40.49
N TYR C 71 -33.79 6.25 -40.13
CA TYR C 71 -33.37 4.86 -40.22
C TYR C 71 -34.40 3.96 -39.54
N PHE C 72 -34.64 2.81 -40.15
CA PHE C 72 -35.60 1.84 -39.60
C PHE C 72 -35.49 0.51 -40.32
N ASN C 73 -35.11 -0.53 -39.58
CA ASN C 73 -35.15 -1.87 -40.13
C ASN C 73 -35.25 -2.94 -39.05
N CYS C 74 -35.75 -4.12 -39.42
CA CYS C 74 -35.85 -5.26 -38.52
C CYS C 74 -35.22 -6.48 -39.14
N GLY C 75 -34.38 -7.18 -38.36
CA GLY C 75 -33.79 -8.44 -38.81
C GLY C 75 -33.08 -9.11 -37.64
N VAL C 76 -33.21 -10.43 -37.52
CA VAL C 76 -32.44 -11.19 -36.53
C VAL C 76 -30.98 -11.02 -36.82
N GLU C 77 -30.62 -11.15 -38.10
CA GLU C 77 -29.25 -10.90 -38.55
C GLU C 77 -29.17 -9.48 -39.13
N LYS C 78 -28.04 -8.80 -38.91
CA LYS C 78 -27.93 -7.38 -39.23
C LYS C 78 -26.57 -7.08 -39.83
N VAL C 79 -26.58 -6.38 -40.97
CA VAL C 79 -25.38 -5.95 -41.68
C VAL C 79 -25.32 -4.43 -41.68
N PHE C 80 -24.23 -3.88 -41.13
CA PHE C 80 -24.04 -2.44 -41.11
C PHE C 80 -22.96 -2.03 -42.10
N TYR C 81 -23.33 -1.12 -43.01
CA TYR C 81 -22.37 -0.56 -43.94
C TYR C 81 -22.62 0.94 -44.11
N GLU C 82 -22.34 1.69 -43.04
CA GLU C 82 -22.31 3.14 -43.08
C GLU C 82 -21.41 3.70 -41.97
N GLY C 83 -21.22 5.01 -42.00
CA GLY C 83 -20.42 5.70 -41.00
C GLY C 83 -19.48 6.75 -41.60
N VAL C 84 -19.19 6.63 -42.89
CA VAL C 84 -18.18 7.50 -43.52
C VAL C 84 -18.65 8.95 -43.58
N ASN C 85 -19.96 9.14 -43.64
CA ASN C 85 -20.55 10.47 -43.74
C ASN C 85 -20.44 11.31 -42.47
N PHE C 86 -19.94 10.71 -41.39
CA PHE C 86 -19.29 11.48 -40.33
C PHE C 86 -17.89 10.92 -40.09
N SER C 87 -16.89 11.53 -40.74
CA SER C 87 -15.47 11.20 -40.56
C SER C 87 -14.64 12.50 -40.55
N PRO C 88 -13.31 12.40 -40.30
CA PRO C 88 -12.47 13.61 -40.29
C PRO C 88 -12.67 14.54 -41.50
N ARG C 89 -12.93 13.96 -42.67
CA ARG C 89 -13.25 14.75 -43.86
C ARG C 89 -14.21 15.91 -43.55
N LYS C 90 -15.20 15.65 -42.69
CA LYS C 90 -16.24 16.65 -42.38
C LYS C 90 -15.72 17.89 -41.62
N GLN C 91 -14.61 17.72 -40.91
CA GLN C 91 -14.02 18.77 -40.06
C GLN C 91 -14.98 19.35 -39.02
N TYR C 92 -15.86 18.51 -38.46
CA TYR C 92 -16.80 19.02 -37.45
C TYR C 92 -16.20 19.00 -36.05
N SER C 93 -16.42 20.10 -35.33
CA SER C 93 -16.32 20.13 -33.88
C SER C 93 -17.26 21.25 -33.40
N CYS C 94 -17.52 21.30 -32.10
CA CYS C 94 -18.53 22.22 -31.55
C CYS C 94 -17.92 23.15 -30.49
N TRP C 95 -17.33 22.55 -29.46
CA TRP C 95 -16.48 23.28 -28.52
C TRP C 95 -14.99 22.89 -28.70
N ASP C 96 -14.23 22.71 -27.62
CA ASP C 96 -12.78 22.55 -27.73
C ASP C 96 -12.29 21.10 -27.86
N GLU C 97 -13.23 20.15 -28.01
CA GLU C 97 -12.92 18.72 -28.10
C GLU C 97 -12.18 18.32 -29.37
N GLY C 98 -12.29 19.15 -30.41
CA GLY C 98 -11.62 18.90 -31.68
C GLY C 98 -12.32 17.85 -32.51
N VAL C 99 -11.94 17.75 -33.77
CA VAL C 99 -12.47 16.72 -34.66
C VAL C 99 -12.24 15.31 -34.09
N ASP C 100 -11.11 15.12 -33.41
CA ASP C 100 -10.79 13.84 -32.78
C ASP C 100 -11.81 13.48 -31.69
N GLY C 101 -12.13 14.46 -30.83
CA GLY C 101 -13.13 14.27 -29.81
C GLY C 101 -14.40 13.69 -30.40
N TRP C 102 -14.74 14.13 -31.61
CA TRP C 102 -15.95 13.66 -32.26
C TRP C 102 -15.82 12.28 -32.87
N ILE C 103 -14.62 11.91 -33.35
CA ILE C 103 -14.37 10.51 -33.72
C ILE C 103 -14.54 9.62 -32.48
N GLU C 104 -14.07 10.09 -31.32
CA GLU C 104 -14.26 9.36 -30.05
C GLU C 104 -15.74 9.14 -29.74
N LEU C 105 -16.56 10.18 -29.90
CA LEU C 105 -18.00 10.05 -29.69
C LEU C 105 -18.66 9.09 -30.68
N LYS C 106 -18.28 9.21 -31.95
CA LYS C 106 -18.74 8.30 -32.99
C LYS C 106 -18.51 6.86 -32.56
N THR C 107 -17.27 6.55 -32.16
CA THR C 107 -16.88 5.22 -31.70
C THR C 107 -17.75 4.73 -30.54
N ARG C 108 -17.98 5.60 -29.57
CA ARG C 108 -18.83 5.27 -28.42
C ARG C 108 -20.27 4.96 -28.84
N PHE C 109 -20.78 5.75 -29.78
CA PHE C 109 -22.13 5.50 -30.29
C PHE C 109 -22.22 4.15 -30.98
N TYR C 110 -21.26 3.84 -31.85
CA TYR C 110 -21.31 2.59 -32.61
C TYR C 110 -21.10 1.36 -31.73
N THR C 111 -20.26 1.46 -30.71
CA THR C 111 -20.14 0.38 -29.75
C THR C 111 -21.49 0.10 -29.09
N LYS C 112 -22.11 1.15 -28.55
CA LYS C 112 -23.37 0.99 -27.85
C LYS C 112 -24.47 0.49 -28.77
N LEU C 113 -24.56 1.05 -29.98
CA LEU C 113 -25.54 0.56 -30.96
C LEU C 113 -25.34 -0.92 -31.34
N TYR C 114 -24.11 -1.34 -31.62
CA TYR C 114 -23.85 -2.75 -31.95
C TYR C 114 -24.26 -3.65 -30.77
N GLN C 115 -23.80 -3.28 -29.57
CA GLN C 115 -24.12 -4.03 -28.35
C GLN C 115 -25.62 -4.19 -28.21
N MET C 116 -26.36 -3.10 -28.26
CA MET C 116 -27.81 -3.13 -28.05
C MET C 116 -28.52 -3.94 -29.14
N ALA C 117 -28.10 -3.74 -30.39
CA ALA C 117 -28.66 -4.46 -31.53
C ALA C 117 -28.63 -5.99 -31.43
N THR C 118 -27.66 -6.57 -30.71
CA THR C 118 -27.52 -8.03 -30.66
C THR C 118 -28.74 -8.71 -30.01
N THR C 119 -29.44 -8.00 -29.13
CA THR C 119 -30.65 -8.52 -28.48
C THR C 119 -31.94 -7.86 -28.98
N SER C 120 -31.88 -7.27 -30.18
CA SER C 120 -33.05 -6.65 -30.76
C SER C 120 -33.26 -7.20 -32.17
N ARG C 121 -34.49 -7.09 -32.64
CA ARG C 121 -34.78 -7.37 -34.04
C ARG C 121 -34.91 -6.05 -34.79
N CYS C 122 -35.74 -5.14 -34.25
CA CYS C 122 -36.01 -3.83 -34.85
C CYS C 122 -35.23 -2.70 -34.24
N ILE C 123 -34.68 -1.85 -35.10
CA ILE C 123 -34.06 -0.60 -34.69
C ILE C 123 -34.72 0.55 -35.48
N LYS C 124 -35.38 1.49 -34.79
CA LYS C 124 -36.03 2.65 -35.41
C LYS C 124 -35.60 3.99 -34.79
N LEU C 125 -35.04 4.88 -35.61
CA LEU C 125 -34.72 6.23 -35.16
C LEU C 125 -36.02 7.01 -35.06
N ILE C 126 -36.33 7.48 -33.85
CA ILE C 126 -37.60 8.14 -33.61
C ILE C 126 -37.41 9.56 -33.13
N GLN C 127 -38.42 10.40 -33.39
CA GLN C 127 -38.52 11.73 -32.79
C GLN C 127 -39.30 11.59 -31.51
N LEU C 128 -38.94 12.39 -30.51
CA LEU C 128 -39.53 12.33 -29.20
C LEU C 128 -40.41 13.55 -28.99
N GLN C 129 -41.58 13.33 -28.38
CA GLN C 129 -42.48 14.42 -27.99
C GLN C 129 -41.69 15.46 -27.19
N ALA C 130 -41.75 16.71 -27.60
CA ALA C 130 -41.13 17.78 -26.81
C ALA C 130 -41.85 17.84 -25.46
N PRO C 131 -41.16 18.28 -24.40
CA PRO C 131 -41.81 18.33 -23.07
C PRO C 131 -43.04 19.24 -23.04
N SER C 132 -44.16 18.69 -22.58
CA SER C 132 -45.47 19.37 -22.58
C SER C 132 -45.41 20.75 -21.97
N SER C 133 -44.59 20.90 -20.93
CA SER C 133 -44.30 22.19 -20.35
C SER C 133 -42.87 22.57 -20.72
N LEU C 134 -42.66 23.83 -21.11
CA LEU C 134 -41.37 24.31 -21.59
C LEU C 134 -41.22 25.79 -21.27
N PRO C 135 -40.29 26.14 -20.36
CA PRO C 135 -40.05 27.55 -20.08
C PRO C 135 -39.22 28.19 -21.17
N THR C 136 -39.08 29.51 -21.15
CA THR C 136 -38.28 30.21 -22.16
C THR C 136 -36.91 29.56 -22.23
N LEU C 137 -36.42 29.35 -23.44
CA LEU C 137 -35.10 28.78 -23.65
C LEU C 137 -34.39 29.50 -24.78
N GLN C 138 -33.10 29.76 -24.60
CA GLN C 138 -32.25 30.27 -25.67
C GLN C 138 -31.35 29.15 -26.19
N ALA C 139 -31.32 28.97 -27.51
CA ALA C 139 -30.55 27.90 -28.12
C ALA C 139 -29.06 28.06 -27.78
N GLY C 140 -28.42 26.94 -27.47
CA GLY C 140 -26.98 26.91 -27.27
C GLY C 140 -26.30 27.10 -28.61
N VAL C 141 -25.00 27.33 -28.57
CA VAL C 141 -24.20 27.48 -29.78
C VAL C 141 -22.88 26.77 -29.60
N CYS C 142 -22.30 26.33 -30.72
CA CYS C 142 -20.93 25.83 -30.73
C CYS C 142 -20.00 27.04 -30.65
N ARG C 143 -18.88 26.89 -29.96
CA ARG C 143 -17.84 27.91 -29.99
C ARG C 143 -17.29 28.03 -31.42
N THR C 144 -17.30 26.93 -32.16
CA THR C 144 -16.76 26.87 -33.52
C THR C 144 -17.65 27.49 -34.59
N ASN C 145 -18.85 27.93 -34.23
CA ASN C 145 -19.86 28.43 -35.18
C ASN C 145 -20.31 27.36 -36.18
N LYS C 146 -20.11 26.10 -35.82
CA LYS C 146 -20.65 25.01 -36.61
C LYS C 146 -21.99 24.63 -35.98
N GLN C 147 -22.67 23.64 -36.56
CA GLN C 147 -24.04 23.35 -36.18
C GLN C 147 -24.15 22.57 -34.87
N LEU C 148 -24.85 23.17 -33.91
CA LEU C 148 -25.12 22.54 -32.63
C LEU C 148 -25.96 21.28 -32.85
N PRO C 149 -25.58 20.15 -32.20
CA PRO C 149 -26.47 18.98 -32.28
C PRO C 149 -27.91 19.28 -31.81
N ASP C 150 -28.88 18.79 -32.58
CA ASP C 150 -30.29 18.93 -32.24
C ASP C 150 -30.71 17.90 -31.20
N ASN C 151 -29.88 16.86 -31.03
CA ASN C 151 -30.12 15.83 -30.05
C ASN C 151 -28.79 15.42 -29.39
N PRO C 152 -28.69 15.55 -28.05
CA PRO C 152 -29.69 16.12 -27.16
C PRO C 152 -29.75 17.64 -27.35
N ARG C 153 -30.89 18.23 -27.02
CA ARG C 153 -31.00 19.68 -27.06
C ARG C 153 -30.23 20.28 -25.91
N LEU C 154 -29.30 21.18 -26.26
CA LEU C 154 -28.61 22.04 -25.30
C LEU C 154 -29.19 23.45 -25.44
N ALA C 155 -29.72 23.99 -24.35
CA ALA C 155 -30.40 25.29 -24.39
C ALA C 155 -30.21 26.04 -23.06
N LEU C 156 -30.34 27.37 -23.09
CA LEU C 156 -30.05 28.23 -21.95
C LEU C 156 -31.32 28.79 -21.33
N LEU C 157 -31.44 28.64 -20.01
CA LEU C 157 -32.55 29.22 -19.27
C LEU C 157 -32.32 30.71 -19.02
N SER C 158 -33.39 31.39 -18.61
CA SER C 158 -33.35 32.81 -18.28
C SER C 158 -32.69 33.06 -16.93
N ASP C 159 -32.86 32.11 -16.01
CA ASP C 159 -32.36 32.23 -14.66
C ASP C 159 -31.34 31.13 -14.40
N THR C 160 -30.85 31.07 -13.17
CA THR C 160 -29.85 30.09 -12.78
C THR C 160 -30.36 29.21 -11.64
N VAL C 161 -31.68 29.15 -11.47
CA VAL C 161 -32.30 28.35 -10.42
C VAL C 161 -32.54 26.90 -10.89
N PRO C 162 -32.26 25.91 -10.01
CA PRO C 162 -32.50 24.51 -10.38
C PRO C 162 -33.90 24.29 -10.94
N THR C 163 -34.01 23.43 -11.95
CA THR C 163 -35.30 23.16 -12.57
C THR C 163 -35.31 21.79 -13.27
N SER C 164 -36.52 21.39 -13.70
CA SER C 164 -36.74 20.10 -14.38
C SER C 164 -37.83 20.20 -15.45
N VAL C 165 -37.61 19.55 -16.57
CA VAL C 165 -38.67 19.26 -17.53
C VAL C 165 -38.82 17.74 -17.62
N GLN C 166 -40.02 17.29 -17.95
CA GLN C 166 -40.32 15.88 -17.99
C GLN C 166 -40.37 15.42 -19.44
N PHE C 167 -39.63 14.36 -19.78
CA PHE C 167 -39.65 13.83 -21.15
C PHE C 167 -40.03 12.36 -21.19
N VAL C 168 -40.56 11.93 -22.34
CA VAL C 168 -41.10 10.58 -22.47
C VAL C 168 -40.37 9.79 -23.56
N LEU C 169 -39.95 8.59 -23.18
CA LEU C 169 -39.42 7.60 -24.11
C LEU C 169 -40.54 6.61 -24.32
N PRO C 170 -41.13 6.60 -25.53
CA PRO C 170 -42.39 5.91 -25.71
C PRO C 170 -42.26 4.39 -25.62
N GLY C 171 -43.35 3.74 -25.21
CA GLY C 171 -43.44 2.28 -25.16
C GLY C 171 -43.48 1.64 -26.54
N SER C 172 -43.93 2.39 -27.53
CA SER C 172 -43.98 1.90 -28.91
C SER C 172 -43.94 3.06 -29.90
N SER C 173 -43.85 2.71 -31.19
CA SER C 173 -43.73 3.70 -32.24
C SER C 173 -44.23 3.07 -33.54
N GLY C 174 -45.50 3.29 -33.83
CA GLY C 174 -46.16 2.61 -34.93
C GLY C 174 -46.29 1.13 -34.59
N THR C 175 -45.91 0.27 -35.52
CA THR C 175 -45.93 -1.17 -35.30
C THR C 175 -44.79 -1.63 -34.39
N THR C 176 -43.75 -0.81 -34.22
CA THR C 176 -42.56 -1.20 -33.49
C THR C 176 -42.70 -1.05 -31.98
N ILE C 177 -42.34 -2.10 -31.26
CA ILE C 177 -42.28 -2.05 -29.80
C ILE C 177 -40.92 -1.43 -29.43
N CYS C 178 -40.92 -0.48 -28.50
CA CYS C 178 -39.65 0.02 -27.95
C CYS C 178 -39.49 -0.57 -26.55
N THR C 179 -38.76 -1.68 -26.47
CA THR C 179 -38.47 -2.30 -25.18
C THR C 179 -37.30 -1.57 -24.56
N LYS C 180 -36.49 -0.92 -25.40
CA LYS C 180 -35.39 -0.07 -24.92
C LYS C 180 -35.11 1.10 -25.85
N HIS C 181 -34.31 2.04 -25.36
CA HIS C 181 -33.92 3.20 -26.14
C HIS C 181 -32.42 3.44 -26.00
N LEU C 182 -31.76 3.77 -27.10
CA LEU C 182 -30.39 4.32 -27.09
C LEU C 182 -30.52 5.84 -27.11
N VAL C 183 -30.02 6.50 -26.06
CA VAL C 183 -30.24 7.93 -25.88
C VAL C 183 -28.93 8.64 -25.54
N PRO C 184 -28.63 9.75 -26.24
CA PRO C 184 -27.43 10.50 -25.92
C PRO C 184 -27.62 11.39 -24.71
N PHE C 185 -26.57 11.45 -23.90
CA PHE C 185 -26.49 12.35 -22.76
C PHE C 185 -25.15 13.04 -22.95
N CYS C 186 -25.21 14.36 -23.13
CA CYS C 186 -24.03 15.14 -23.41
C CYS C 186 -23.93 16.35 -22.50
N TYR C 187 -22.71 16.85 -22.38
CA TYR C 187 -22.43 17.98 -21.52
C TYR C 187 -21.12 18.66 -21.89
N LEU C 188 -20.98 19.90 -21.45
CA LEU C 188 -19.72 20.63 -21.61
C LEU C 188 -18.91 20.49 -20.32
N ASN C 189 -17.71 19.91 -20.44
CA ASN C 189 -16.92 19.57 -19.28
C ASN C 189 -15.82 20.59 -18.98
N HIS C 190 -14.99 20.26 -17.99
CA HIS C 190 -13.90 21.12 -17.53
C HIS C 190 -14.40 22.41 -16.89
N GLY C 191 -15.11 22.25 -15.77
CA GLY C 191 -15.33 23.31 -14.80
C GLY C 191 -16.59 24.12 -14.98
N CYS C 192 -16.76 25.14 -14.16
CA CYS C 192 -17.88 26.05 -14.29
C CYS C 192 -17.82 26.77 -15.65
N PHE C 193 -18.97 27.21 -16.13
CA PHE C 193 -19.11 27.80 -17.45
C PHE C 193 -19.60 29.23 -17.33
N THR C 194 -18.79 30.18 -17.79
CA THR C 194 -19.13 31.61 -17.77
C THR C 194 -20.26 31.99 -18.72
N THR C 195 -21.30 32.63 -18.19
CA THR C 195 -22.39 33.21 -18.98
C THR C 195 -23.12 34.28 -18.15
N GLY C 196 -23.43 35.41 -18.77
CA GLY C 196 -23.90 36.59 -18.04
C GLY C 196 -22.91 37.05 -16.99
N GLY C 197 -21.61 36.95 -17.32
CA GLY C 197 -20.53 37.48 -16.47
C GLY C 197 -20.27 36.77 -15.16
N SER C 198 -20.65 35.49 -15.08
CA SER C 198 -20.46 34.70 -13.86
C SER C 198 -20.22 33.24 -14.24
N CYS C 199 -19.19 32.64 -13.62
CA CYS C 199 -18.84 31.27 -13.89
C CYS C 199 -19.81 30.34 -13.13
N LEU C 200 -20.74 29.75 -13.88
CA LEU C 200 -21.83 28.97 -13.32
C LEU C 200 -21.51 27.47 -13.34
N PRO C 201 -21.98 26.72 -12.33
CA PRO C 201 -21.87 25.26 -12.37
C PRO C 201 -22.61 24.67 -13.58
N PHE C 202 -21.98 23.69 -14.23
CA PHE C 202 -22.64 22.91 -15.27
C PHE C 202 -22.99 21.56 -14.66
N GLY C 203 -24.27 21.36 -14.43
CA GLY C 203 -24.75 20.13 -13.85
C GLY C 203 -26.06 19.70 -14.48
N VAL C 204 -26.05 18.57 -15.18
CA VAL C 204 -27.25 18.08 -15.84
C VAL C 204 -27.42 16.59 -15.62
N SER C 205 -28.67 16.13 -15.60
CA SER C 205 -28.96 14.73 -15.39
C SER C 205 -30.24 14.28 -16.04
N TYR C 206 -30.28 12.99 -16.39
CA TYR C 206 -31.53 12.31 -16.69
C TYR C 206 -31.83 11.44 -15.48
N VAL C 207 -33.04 11.57 -14.95
CA VAL C 207 -33.41 10.96 -13.68
C VAL C 207 -34.84 10.48 -13.67
N SER C 208 -35.04 9.28 -13.10
CA SER C 208 -36.36 8.75 -12.76
C SER C 208 -36.24 8.10 -11.37
N ASP C 209 -37.24 7.33 -10.98
CA ASP C 209 -37.20 6.61 -9.71
C ASP C 209 -36.26 5.42 -9.81
N SER C 210 -36.23 4.81 -10.99
CA SER C 210 -35.33 3.69 -11.28
C SER C 210 -34.02 4.11 -11.97
N PHE C 211 -33.85 5.39 -12.31
CA PHE C 211 -32.71 5.77 -13.14
C PHE C 211 -31.97 7.04 -12.70
N TYR C 212 -30.65 7.01 -12.83
CA TYR C 212 -29.84 8.23 -12.70
C TYR C 212 -28.62 8.20 -13.62
N TYR C 213 -28.46 9.26 -14.40
CA TYR C 213 -27.20 9.52 -15.06
C TYR C 213 -27.00 11.02 -15.06
N GLY C 214 -25.87 11.47 -14.53
CA GLY C 214 -25.65 12.89 -14.33
C GLY C 214 -24.20 13.30 -14.46
N TYR C 215 -24.01 14.62 -14.56
CA TYR C 215 -22.70 15.22 -14.58
C TYR C 215 -22.81 16.50 -13.78
N TYR C 216 -21.77 16.79 -13.00
CA TYR C 216 -21.71 18.03 -12.24
C TYR C 216 -20.27 18.47 -12.15
N ASP C 217 -20.03 19.74 -12.43
CA ASP C 217 -18.72 20.31 -12.20
C ASP C 217 -18.84 21.81 -11.94
N ALA C 218 -18.38 22.22 -10.74
CA ALA C 218 -18.42 23.61 -10.29
C ALA C 218 -17.00 24.18 -10.09
N THR C 219 -15.98 23.46 -10.55
CA THR C 219 -14.60 23.89 -10.37
C THR C 219 -14.38 25.22 -11.04
N PRO C 220 -13.67 26.14 -10.37
CA PRO C 220 -13.25 27.36 -11.05
C PRO C 220 -12.01 27.12 -11.90
N GLU C 226 -10.38 29.45 -19.77
CA GLU C 226 -11.60 28.62 -19.76
C GLU C 226 -11.80 27.81 -21.07
N SER C 227 -11.72 26.49 -20.93
CA SER C 227 -11.91 25.57 -22.05
C SER C 227 -12.97 24.52 -21.68
N HIS C 228 -13.78 24.09 -22.64
CA HIS C 228 -14.85 23.09 -22.41
C HIS C 228 -15.00 22.13 -23.60
N ASP C 229 -15.02 20.82 -23.35
CA ASP C 229 -15.30 19.84 -24.41
C ASP C 229 -16.77 19.44 -24.41
N TYR C 230 -17.33 19.30 -25.62
CA TYR C 230 -18.63 18.67 -25.82
C TYR C 230 -18.41 17.17 -25.70
N VAL C 231 -19.04 16.54 -24.71
CA VAL C 231 -18.85 15.11 -24.46
C VAL C 231 -20.22 14.42 -24.37
N CYS C 232 -20.30 13.20 -24.92
CA CYS C 232 -21.54 12.42 -24.84
C CYS C 232 -21.26 11.01 -24.38
N ASP C 233 -22.21 10.46 -23.63
CA ASP C 233 -22.32 9.01 -23.46
C ASP C 233 -23.65 8.62 -24.08
N TYR C 234 -23.72 7.39 -24.56
CA TYR C 234 -24.90 6.85 -25.24
C TYR C 234 -25.51 5.82 -24.29
N LEU C 235 -26.68 6.16 -23.74
CA LEU C 235 -27.24 5.43 -22.63
C LEU C 235 -28.34 4.46 -23.08
N PHE C 236 -28.31 3.26 -22.52
CA PHE C 236 -29.44 2.32 -22.56
C PHE C 236 -30.51 2.81 -21.59
N MET C 237 -31.70 3.08 -22.09
CA MET C 237 -32.80 3.58 -21.24
C MET C 237 -34.12 2.86 -21.51
N GLU C 238 -34.76 2.37 -20.45
CA GLU C 238 -36.06 1.73 -20.58
C GLU C 238 -37.09 2.80 -20.93
N PRO C 239 -38.13 2.42 -21.69
CA PRO C 239 -39.17 3.41 -21.98
C PRO C 239 -39.90 3.81 -20.70
N GLY C 240 -40.38 5.03 -20.67
CA GLY C 240 -41.04 5.59 -19.48
C GLY C 240 -40.92 7.11 -19.51
N THR C 241 -41.21 7.73 -18.36
CA THR C 241 -41.09 9.18 -18.23
C THR C 241 -39.89 9.52 -17.35
N TYR C 242 -39.17 10.56 -17.74
CA TYR C 242 -37.93 10.95 -17.06
C TYR C 242 -37.89 12.47 -16.87
N ASN C 243 -37.17 12.92 -15.85
CA ASN C 243 -36.90 14.34 -15.65
C ASN C 243 -35.53 14.69 -16.27
N ALA C 244 -35.51 15.66 -17.18
CA ALA C 244 -34.26 16.27 -17.65
C ALA C 244 -33.94 17.40 -16.69
N SER C 245 -32.96 17.16 -15.81
CA SER C 245 -32.72 18.00 -14.65
C SER C 245 -31.47 18.85 -14.79
N THR C 246 -31.48 20.00 -14.12
CA THR C 246 -30.35 20.91 -14.14
C THR C 246 -30.19 21.61 -12.79
N VAL C 247 -28.96 21.91 -12.42
CA VAL C 247 -28.68 22.75 -11.25
C VAL C 247 -28.90 24.24 -11.59
N GLY C 248 -29.24 24.54 -12.84
CA GLY C 248 -29.60 25.90 -13.23
C GLY C 248 -28.94 26.31 -14.53
N LYS C 249 -29.55 27.29 -15.20
CA LYS C 249 -29.05 27.85 -16.46
C LYS C 249 -29.11 26.89 -17.65
N PHE C 250 -28.27 25.86 -17.61
CA PHE C 250 -28.07 24.96 -18.75
C PHE C 250 -29.09 23.85 -18.73
N LEU C 251 -29.73 23.60 -19.87
CA LEU C 251 -30.68 22.48 -19.99
C LEU C 251 -30.25 21.56 -21.11
N VAL C 252 -30.24 20.25 -20.81
CA VAL C 252 -29.98 19.22 -21.80
C VAL C 252 -31.10 18.20 -21.71
N TYR C 253 -31.83 18.01 -22.80
CA TYR C 253 -32.83 16.94 -22.89
C TYR C 253 -32.86 16.30 -24.29
N PRO C 254 -33.14 15.00 -24.35
CA PRO C 254 -33.12 14.32 -25.64
C PRO C 254 -34.36 14.63 -26.48
N THR C 255 -34.18 14.62 -27.79
CA THR C 255 -35.25 14.83 -28.77
C THR C 255 -35.36 13.68 -29.78
N LYS C 256 -34.39 12.74 -29.76
CA LYS C 256 -34.42 11.56 -30.63
C LYS C 256 -33.81 10.37 -29.89
N SER C 257 -34.11 9.17 -30.36
CA SER C 257 -33.56 7.94 -29.79
C SER C 257 -33.68 6.79 -30.76
N TYR C 258 -32.84 5.78 -30.58
CA TYR C 258 -33.03 4.54 -31.31
C TYR C 258 -33.92 3.69 -30.45
N CYS C 259 -35.16 3.62 -30.87
CA CYS C 259 -36.14 2.72 -30.30
C CYS C 259 -35.78 1.32 -30.79
N MET C 260 -35.72 0.36 -29.87
CA MET C 260 -35.49 -1.04 -30.23
C MET C 260 -36.40 -1.95 -29.44
N ASP C 261 -36.74 -3.09 -30.04
CA ASP C 261 -37.49 -4.14 -29.34
C ASP C 261 -36.53 -5.23 -28.86
N THR C 262 -37.07 -6.35 -28.42
CA THR C 262 -36.26 -7.42 -27.83
C THR C 262 -36.55 -8.74 -28.52
N MET C 263 -35.49 -9.46 -28.88
CA MET C 263 -35.64 -10.86 -29.29
C MET C 263 -35.03 -11.75 -28.22
N ASN C 264 -35.51 -13.00 -28.18
CA ASN C 264 -35.13 -13.96 -27.13
C ASN C 264 -33.73 -14.57 -27.31
N ILE C 265 -33.00 -14.22 -28.38
CA ILE C 265 -31.65 -14.78 -28.59
C ILE C 265 -30.64 -13.66 -28.82
N THR C 266 -29.36 -13.96 -28.69
CA THR C 266 -28.31 -12.97 -28.85
C THR C 266 -27.48 -13.32 -30.08
N VAL C 267 -27.50 -12.44 -31.06
CA VAL C 267 -26.87 -12.72 -32.35
C VAL C 267 -25.89 -11.56 -32.66
N PRO C 268 -24.60 -11.86 -32.87
CA PRO C 268 -23.69 -10.76 -33.18
C PRO C 268 -24.12 -10.05 -34.44
N VAL C 269 -23.94 -8.73 -34.46
CA VAL C 269 -24.13 -7.97 -35.71
C VAL C 269 -22.88 -8.06 -36.59
N GLN C 270 -23.05 -7.64 -37.84
CA GLN C 270 -21.97 -7.59 -38.80
C GLN C 270 -21.77 -6.14 -39.24
N ALA C 271 -20.51 -5.72 -39.33
CA ALA C 271 -20.19 -4.37 -39.83
C ALA C 271 -19.05 -4.43 -40.85
N VAL C 272 -19.19 -3.67 -41.94
CA VAL C 272 -18.21 -3.62 -43.02
C VAL C 272 -17.50 -2.25 -42.94
N GLN C 273 -16.16 -2.28 -42.92
CA GLN C 273 -15.38 -1.03 -42.92
C GLN C 273 -15.95 0.00 -43.89
N SER C 274 -16.12 1.24 -43.40
CA SER C 274 -16.79 2.32 -44.11
C SER C 274 -15.87 3.53 -44.19
N ILE C 275 -15.28 3.75 -45.36
CA ILE C 275 -14.25 4.77 -45.50
C ILE C 275 -14.33 5.51 -46.85
N TRP C 276 -13.62 6.64 -46.94
CA TRP C 276 -13.42 7.37 -48.21
C TRP C 276 -12.21 6.84 -48.95
N SER C 277 -12.09 7.17 -50.23
CA SER C 277 -10.84 6.96 -50.99
C SER C 277 -9.65 7.65 -50.28
N GLU C 278 -8.43 7.27 -50.66
CA GLU C 278 -7.22 7.75 -49.97
C GLU C 278 -7.03 9.28 -49.91
N GLN C 279 -7.65 10.03 -50.83
CA GLN C 279 -7.49 11.49 -50.82
C GLN C 279 -8.25 12.21 -49.69
N TYR C 280 -9.23 11.55 -49.08
CA TYR C 280 -10.00 12.17 -47.99
C TYR C 280 -9.66 11.49 -46.69
N ALA C 281 -9.85 12.20 -45.58
CA ALA C 281 -9.48 11.71 -44.26
C ALA C 281 -10.58 10.78 -43.72
N SER C 282 -10.21 9.55 -43.37
CA SER C 282 -11.16 8.58 -42.80
C SER C 282 -10.87 8.39 -41.31
N ASP C 283 -11.63 7.51 -40.66
CA ASP C 283 -11.34 7.11 -39.29
C ASP C 283 -11.56 5.62 -39.14
N ASP C 284 -11.14 5.06 -38.02
CA ASP C 284 -11.40 3.66 -37.72
C ASP C 284 -12.42 3.44 -36.60
N ALA C 285 -13.43 4.31 -36.54
CA ALA C 285 -14.45 4.24 -35.48
C ALA C 285 -15.28 2.96 -35.57
N ILE C 286 -15.54 2.48 -36.79
CA ILE C 286 -16.34 1.25 -36.96
C ILE C 286 -15.53 0.03 -36.54
N GLY C 287 -14.28 -0.04 -36.99
CA GLY C 287 -13.37 -1.10 -36.56
C GLY C 287 -13.16 -1.13 -35.06
N GLN C 288 -13.06 0.03 -34.46
CA GLN C 288 -12.85 0.09 -33.02
C GLN C 288 -14.14 -0.25 -32.25
N ALA C 289 -15.30 0.09 -32.81
CA ALA C 289 -16.58 -0.24 -32.21
C ALA C 289 -16.97 -1.70 -32.42
N CYS C 290 -16.63 -2.27 -33.58
CA CYS C 290 -17.09 -3.60 -33.93
C CYS C 290 -16.13 -4.64 -33.37
N LYS C 291 -16.40 -5.09 -32.16
CA LYS C 291 -15.54 -6.04 -31.47
C LYS C 291 -16.32 -7.27 -30.99
N ALA C 292 -15.59 -8.37 -30.83
CA ALA C 292 -16.13 -9.54 -30.18
C ALA C 292 -16.54 -9.12 -28.76
N PRO C 293 -17.62 -9.71 -28.20
CA PRO C 293 -18.43 -10.80 -28.72
C PRO C 293 -19.71 -10.37 -29.44
N TYR C 294 -19.92 -9.05 -29.59
CA TYR C 294 -21.19 -8.51 -30.05
C TYR C 294 -21.24 -8.12 -31.54
N CYS C 295 -20.08 -8.07 -32.21
CA CYS C 295 -20.00 -7.56 -33.59
C CYS C 295 -18.91 -8.31 -34.38
N ILE C 296 -19.23 -8.64 -35.63
CA ILE C 296 -18.29 -9.25 -36.56
C ILE C 296 -17.86 -8.16 -37.56
N PHE C 297 -16.58 -7.82 -37.52
CA PHE C 297 -16.02 -6.71 -38.34
C PHE C 297 -15.34 -7.22 -39.60
N TYR C 298 -15.83 -6.77 -40.75
CA TYR C 298 -15.17 -7.06 -42.02
C TYR C 298 -14.44 -5.79 -42.48
N ASN C 299 -13.14 -5.81 -42.26
CA ASN C 299 -12.28 -4.70 -42.68
C ASN C 299 -11.98 -4.80 -44.15
N LYS C 300 -11.55 -3.68 -44.74
CA LYS C 300 -10.93 -3.65 -46.06
C LYS C 300 -9.43 -3.82 -45.92
N THR C 301 -8.86 -4.64 -46.80
CA THR C 301 -7.42 -4.86 -46.90
C THR C 301 -6.86 -4.06 -48.08
N THR C 302 -7.74 -3.44 -48.87
CA THR C 302 -7.32 -2.57 -49.96
C THR C 302 -7.91 -1.19 -49.71
N PRO C 303 -7.33 -0.14 -50.31
CA PRO C 303 -7.99 1.17 -50.26
C PRO C 303 -9.34 1.13 -51.00
N TYR C 304 -10.18 2.13 -50.80
CA TYR C 304 -11.45 2.20 -51.54
C TYR C 304 -11.14 2.51 -53.01
N THR C 305 -11.24 1.47 -53.85
CA THR C 305 -10.82 1.55 -55.26
C THR C 305 -11.98 1.28 -56.23
N VAL C 306 -12.25 2.27 -57.09
CA VAL C 306 -13.39 2.26 -58.00
C VAL C 306 -12.94 2.23 -59.47
N THR C 307 -13.34 1.19 -60.18
CA THR C 307 -12.99 1.01 -61.58
C THR C 307 -14.23 1.09 -62.48
N ASN C 308 -15.35 0.52 -62.03
CA ASN C 308 -16.65 0.72 -62.69
C ASN C 308 -17.69 1.30 -61.71
N GLY C 309 -17.59 2.60 -61.45
CA GLY C 309 -18.49 3.29 -60.50
C GLY C 309 -18.90 4.69 -60.93
N SER C 310 -19.58 5.38 -60.02
CA SER C 310 -20.12 6.72 -60.31
C SER C 310 -19.11 7.83 -59.98
N ASP C 311 -18.23 7.60 -59.01
CA ASP C 311 -17.11 8.52 -58.76
C ASP C 311 -15.99 7.80 -57.98
N ALA C 312 -15.02 8.54 -57.44
CA ALA C 312 -13.92 7.92 -56.70
C ALA C 312 -14.38 7.25 -55.37
N ASN C 313 -15.57 7.59 -54.89
CA ASN C 313 -16.02 7.11 -53.59
C ASN C 313 -17.31 6.30 -53.60
N HIS C 314 -17.65 5.78 -54.78
CA HIS C 314 -18.80 4.90 -54.95
C HIS C 314 -18.48 3.77 -55.93
N GLY C 315 -18.59 2.53 -55.44
CA GLY C 315 -18.39 1.34 -56.28
C GLY C 315 -17.05 0.66 -56.05
N ASP C 316 -16.72 0.41 -54.78
CA ASP C 316 -15.46 -0.25 -54.43
C ASP C 316 -15.49 -1.72 -54.84
N ASP C 317 -14.50 -2.14 -55.61
CA ASP C 317 -14.41 -3.52 -56.08
C ASP C 317 -14.41 -4.56 -54.93
N GLU C 318 -13.54 -4.35 -53.93
CA GLU C 318 -13.37 -5.31 -52.83
C GLU C 318 -14.68 -5.50 -52.04
N VAL C 319 -15.39 -4.40 -51.76
CA VAL C 319 -16.62 -4.47 -50.97
C VAL C 319 -17.76 -5.02 -51.84
N ARG C 320 -17.80 -4.65 -53.11
CA ARG C 320 -18.76 -5.28 -54.02
C ARG C 320 -18.62 -6.80 -54.00
N MET C 321 -17.37 -7.27 -53.96
CA MET C 321 -17.05 -8.70 -53.92
C MET C 321 -17.49 -9.30 -52.57
N MET C 322 -17.12 -8.63 -51.50
CA MET C 322 -17.57 -9.02 -50.16
C MET C 322 -19.11 -9.12 -50.08
N MET C 323 -19.82 -8.11 -50.57
CA MET C 323 -21.31 -8.09 -50.52
C MET C 323 -22.01 -9.20 -51.33
N GLN C 324 -21.29 -9.80 -52.28
CA GLN C 324 -21.80 -10.97 -52.99
C GLN C 324 -22.14 -12.10 -51.98
N GLY C 325 -21.43 -12.13 -50.86
CA GLY C 325 -21.71 -13.04 -49.76
C GLY C 325 -23.17 -13.08 -49.33
N LEU C 326 -23.83 -11.92 -49.39
CA LEU C 326 -25.21 -11.77 -48.99
C LEU C 326 -26.21 -12.41 -49.97
N LEU C 327 -25.73 -12.84 -51.14
CA LEU C 327 -26.63 -13.46 -52.09
C LEU C 327 -26.87 -14.94 -51.77
N ARG C 328 -26.13 -15.47 -50.79
CA ARG C 328 -26.13 -16.89 -50.49
C ARG C 328 -26.92 -17.15 -49.21
N ASN C 329 -27.66 -18.25 -49.19
CA ASN C 329 -28.24 -18.77 -47.98
C ASN C 329 -27.19 -19.64 -47.27
N SER C 330 -26.45 -19.04 -46.34
CA SER C 330 -25.34 -19.71 -45.65
C SER C 330 -25.81 -20.46 -44.37
N SER C 331 -24.94 -21.27 -43.79
CA SER C 331 -25.24 -21.89 -42.47
C SER C 331 -24.33 -21.37 -41.36
N CYS C 332 -23.20 -20.77 -41.73
CA CYS C 332 -22.25 -20.30 -40.77
C CYS C 332 -21.72 -18.91 -41.15
N ILE C 333 -21.80 -18.00 -40.17
CA ILE C 333 -21.31 -16.61 -40.30
C ILE C 333 -20.16 -16.41 -39.33
N SER C 334 -19.08 -15.80 -39.78
CA SER C 334 -17.92 -15.58 -38.96
C SER C 334 -17.08 -14.42 -39.51
N PRO C 335 -16.08 -13.96 -38.75
CA PRO C 335 -15.16 -12.94 -39.28
C PRO C 335 -14.44 -13.38 -40.57
N GLN C 336 -14.32 -14.68 -40.82
CA GLN C 336 -13.68 -15.20 -42.03
C GLN C 336 -14.62 -15.20 -43.24
N GLY C 337 -15.90 -14.89 -42.98
CA GLY C 337 -16.93 -14.89 -43.99
C GLY C 337 -17.90 -16.04 -43.74
N SER C 338 -18.66 -16.38 -44.78
CA SER C 338 -19.75 -17.32 -44.66
C SER C 338 -19.37 -18.69 -45.23
N THR C 339 -20.06 -19.72 -44.76
CA THR C 339 -19.95 -21.06 -45.34
C THR C 339 -21.31 -21.72 -45.47
N PRO C 340 -21.40 -22.72 -46.35
CA PRO C 340 -22.54 -23.59 -46.33
C PRO C 340 -22.39 -24.61 -45.21
N LEU C 341 -23.35 -25.51 -45.14
CA LEU C 341 -23.31 -26.58 -44.17
C LEU C 341 -22.19 -27.54 -44.58
N ALA C 342 -21.24 -27.76 -43.69
CA ALA C 342 -20.11 -28.63 -44.03
C ALA C 342 -19.40 -29.14 -42.81
N LEU C 343 -18.78 -30.31 -42.95
CA LEU C 343 -18.02 -30.91 -41.86
C LEU C 343 -16.74 -30.16 -41.54
N TYR C 344 -15.99 -29.78 -42.56
CA TYR C 344 -14.66 -29.22 -42.36
C TYR C 344 -14.44 -27.86 -43.02
N SER C 345 -13.62 -27.03 -42.37
CA SER C 345 -13.18 -25.74 -42.92
C SER C 345 -11.71 -25.83 -43.30
N THR C 346 -11.33 -25.19 -44.41
CA THR C 346 -9.92 -25.15 -44.86
C THR C 346 -9.04 -24.32 -43.92
N GLU C 347 -9.68 -23.46 -43.12
CA GLU C 347 -9.01 -22.57 -42.17
C GLU C 347 -9.79 -22.48 -40.84
N MET C 348 -9.06 -22.14 -39.78
CA MET C 348 -9.66 -21.87 -38.46
C MET C 348 -10.77 -20.82 -38.61
N ILE C 349 -11.95 -21.11 -38.07
CA ILE C 349 -13.07 -20.15 -38.05
C ILE C 349 -13.11 -19.48 -36.66
N TYR C 350 -13.01 -18.16 -36.61
CA TYR C 350 -12.82 -17.44 -35.35
C TYR C 350 -14.12 -16.88 -34.76
N GLU C 351 -14.01 -16.36 -33.54
CA GLU C 351 -15.13 -15.72 -32.87
C GLU C 351 -15.14 -14.22 -33.19
N PRO C 352 -16.33 -13.61 -33.23
CA PRO C 352 -17.61 -14.24 -33.00
C PRO C 352 -18.12 -14.89 -34.27
N ASN C 353 -18.81 -16.01 -34.08
CA ASN C 353 -19.44 -16.71 -35.17
C ASN C 353 -20.78 -17.31 -34.68
N TYR C 354 -21.67 -17.64 -35.62
CA TYR C 354 -22.95 -18.24 -35.25
C TYR C 354 -23.54 -19.04 -36.39
N GLY C 355 -24.47 -19.93 -36.04
CA GLY C 355 -25.05 -20.91 -36.97
C GLY C 355 -24.41 -22.26 -36.74
N SER C 356 -24.38 -23.12 -37.76
CA SER C 356 -23.68 -24.40 -37.66
C SER C 356 -22.39 -24.34 -38.48
N CYS C 357 -21.26 -24.31 -37.76
CA CYS C 357 -19.98 -24.01 -38.39
C CYS C 357 -19.07 -25.22 -38.59
N PRO C 358 -18.42 -25.30 -39.76
CA PRO C 358 -17.45 -26.36 -39.95
C PRO C 358 -16.26 -26.23 -39.03
N GLN C 359 -15.65 -27.36 -38.72
CA GLN C 359 -14.49 -27.39 -37.86
C GLN C 359 -13.22 -27.46 -38.72
N PHE C 360 -12.15 -26.87 -38.21
CA PHE C 360 -10.88 -26.79 -38.93
C PHE C 360 -10.36 -28.21 -39.22
N TYR C 361 -10.09 -28.50 -40.51
CA TYR C 361 -9.87 -29.87 -40.95
C TYR C 361 -8.68 -30.50 -40.26
N LYS C 362 -7.69 -29.67 -39.92
CA LYS C 362 -6.46 -30.15 -39.32
C LYS C 362 -6.68 -30.82 -37.96
N LEU C 363 -7.69 -30.36 -37.22
CA LEU C 363 -8.04 -31.01 -35.94
C LEU C 363 -8.37 -32.48 -36.08
N PHE C 364 -8.85 -32.88 -37.26
CA PHE C 364 -9.23 -34.25 -37.52
C PHE C 364 -8.25 -34.90 -38.48
N THR D 2 -17.67 -41.45 -33.85
CA THR D 2 -18.94 -41.61 -33.12
C THR D 2 -19.42 -40.24 -32.63
N PRO D 3 -20.73 -40.03 -32.62
CA PRO D 3 -21.25 -38.79 -32.07
C PRO D 3 -21.02 -38.66 -30.55
N VAL D 4 -21.30 -37.48 -30.02
CA VAL D 4 -21.09 -37.20 -28.61
C VAL D 4 -22.26 -36.42 -28.05
N THR D 5 -22.42 -36.54 -26.73
CA THR D 5 -23.51 -35.94 -26.02
C THR D 5 -22.92 -34.96 -25.01
N PRO D 6 -23.31 -33.69 -25.07
CA PRO D 6 -22.86 -32.74 -24.05
C PRO D 6 -23.13 -33.27 -22.62
N TYR D 7 -22.11 -33.17 -21.76
CA TYR D 7 -22.22 -33.59 -20.37
C TYR D 7 -22.55 -32.34 -19.57
N TYR D 8 -23.73 -32.30 -18.96
CA TYR D 8 -24.24 -31.07 -18.33
C TYR D 8 -23.43 -30.67 -17.10
N GLY D 9 -22.85 -29.48 -17.16
CA GLY D 9 -22.00 -28.98 -16.13
C GLY D 9 -20.89 -28.19 -16.78
N PRO D 10 -20.11 -27.50 -15.95
CA PRO D 10 -18.96 -26.78 -16.41
C PRO D 10 -17.89 -27.75 -16.94
N GLY D 11 -16.92 -27.23 -17.67
CA GLY D 11 -15.82 -28.03 -18.14
C GLY D 11 -14.66 -27.13 -18.56
N HIS D 12 -13.58 -27.73 -19.02
CA HIS D 12 -12.41 -26.98 -19.46
C HIS D 12 -11.75 -27.70 -20.64
N ILE D 13 -11.22 -26.91 -21.57
CA ILE D 13 -10.53 -27.39 -22.77
C ILE D 13 -9.01 -27.44 -22.56
N THR D 14 -8.47 -26.48 -21.80
CA THR D 14 -7.02 -26.43 -21.59
C THR D 14 -6.67 -26.60 -20.13
N PHE D 15 -5.38 -26.74 -19.86
CA PHE D 15 -4.88 -26.83 -18.49
C PHE D 15 -4.98 -25.48 -17.78
N ASP D 16 -5.17 -24.41 -18.55
CA ASP D 16 -5.15 -23.07 -17.97
C ASP D 16 -6.57 -22.60 -17.67
N TRP D 17 -7.16 -23.18 -16.64
CA TRP D 17 -8.48 -22.78 -16.16
C TRP D 17 -8.41 -22.61 -14.66
N CYS D 18 -9.39 -21.93 -14.11
CA CYS D 18 -9.45 -21.68 -12.68
C CYS D 18 -10.88 -21.59 -12.18
N GLY D 19 -11.06 -21.77 -10.88
CA GLY D 19 -12.35 -21.59 -10.25
C GLY D 19 -12.35 -20.56 -9.15
N PHE D 20 -13.55 -20.04 -8.89
CA PHE D 20 -13.78 -19.12 -7.77
C PHE D 20 -14.99 -19.67 -7.00
N GLY D 21 -14.84 -19.82 -5.69
CA GLY D 21 -15.89 -20.43 -4.88
C GLY D 21 -15.94 -20.07 -3.41
N ASP D 22 -16.69 -20.88 -2.67
CA ASP D 22 -16.98 -20.66 -1.26
C ASP D 22 -16.77 -22.00 -0.53
N SER D 23 -17.50 -22.24 0.55
CA SER D 23 -17.28 -23.42 1.34
C SER D 23 -17.30 -24.70 0.52
N ARG D 24 -18.16 -24.72 -0.49
CA ARG D 24 -18.42 -25.92 -1.25
C ARG D 24 -17.30 -26.28 -2.23
N SER D 25 -16.24 -25.48 -2.25
CA SER D 25 -15.04 -25.82 -3.02
C SER D 25 -13.75 -25.47 -2.27
N ASP D 26 -13.83 -25.43 -0.94
CA ASP D 26 -12.75 -25.04 -0.08
C ASP D 26 -12.31 -26.26 0.71
N CYS D 27 -11.14 -26.80 0.34
CA CYS D 27 -10.56 -27.96 0.99
C CYS D 27 -10.00 -27.70 2.40
N THR D 28 -9.86 -26.44 2.78
CA THR D 28 -9.42 -26.11 4.13
C THR D 28 -10.59 -26.18 5.11
N ASN D 29 -11.81 -26.22 4.58
CA ASN D 29 -13.01 -26.41 5.38
C ASN D 29 -12.84 -27.71 6.17
N PRO D 30 -13.02 -27.64 7.49
CA PRO D 30 -12.68 -28.82 8.32
C PRO D 30 -13.43 -30.09 7.89
N GLN D 31 -14.66 -29.92 7.41
CA GLN D 31 -15.52 -31.01 6.96
C GLN D 31 -15.19 -31.58 5.57
N SER D 32 -14.18 -31.03 4.91
CA SER D 32 -13.83 -31.51 3.57
C SER D 32 -13.31 -32.95 3.64
N PRO D 33 -13.66 -33.79 2.66
CA PRO D 33 -14.38 -33.52 1.42
C PRO D 33 -15.90 -33.66 1.50
N MET D 34 -16.45 -33.94 2.68
CA MET D 34 -17.89 -34.18 2.82
C MET D 34 -18.70 -32.89 2.60
N SER D 35 -18.05 -31.75 2.80
CA SER D 35 -18.67 -30.44 2.59
C SER D 35 -18.49 -29.92 1.16
N LEU D 36 -17.81 -30.67 0.30
CA LEU D 36 -17.52 -30.26 -1.08
C LEU D 36 -18.68 -30.60 -2.07
N ASP D 37 -18.85 -29.74 -3.06
CA ASP D 37 -19.65 -30.02 -4.25
C ASP D 37 -18.80 -30.27 -5.48
N ILE D 38 -17.50 -30.08 -5.37
CA ILE D 38 -16.57 -30.40 -6.46
C ILE D 38 -15.77 -31.62 -6.08
N PRO D 39 -15.11 -32.27 -7.08
CA PRO D 39 -14.14 -33.31 -6.76
C PRO D 39 -13.02 -32.68 -5.94
N GLN D 40 -12.62 -33.37 -4.88
CA GLN D 40 -11.57 -32.88 -3.99
C GLN D 40 -10.26 -32.62 -4.70
N GLN D 41 -9.94 -33.43 -5.71
CA GLN D 41 -8.71 -33.27 -6.48
C GLN D 41 -8.65 -31.96 -7.27
N LEU D 42 -9.77 -31.28 -7.41
CA LEU D 42 -9.82 -30.00 -8.09
C LEU D 42 -9.75 -28.79 -7.19
N CYS D 43 -9.68 -29.00 -5.87
CA CYS D 43 -9.50 -27.89 -4.92
C CYS D 43 -8.35 -26.91 -5.26
N PRO D 44 -7.17 -27.41 -5.68
CA PRO D 44 -6.05 -26.52 -6.09
C PRO D 44 -6.36 -25.53 -7.20
N LYS D 45 -7.34 -25.83 -8.05
CA LYS D 45 -7.72 -24.95 -9.14
C LYS D 45 -8.63 -23.82 -8.73
N PHE D 46 -9.22 -23.94 -7.54
CA PHE D 46 -10.17 -22.94 -7.04
C PHE D 46 -9.53 -21.95 -6.07
N SER D 47 -10.00 -20.71 -6.12
CA SER D 47 -9.78 -19.71 -5.10
C SER D 47 -11.11 -19.58 -4.37
N SER D 48 -11.16 -20.15 -3.18
CA SER D 48 -12.40 -20.33 -2.43
C SER D 48 -12.20 -20.12 -0.91
N LYS D 49 -13.24 -19.60 -0.26
CA LYS D 49 -13.22 -19.48 1.19
C LYS D 49 -14.62 -19.69 1.74
N SER D 50 -14.72 -20.63 2.69
CA SER D 50 -15.96 -20.85 3.45
C SER D 50 -16.60 -19.55 3.97
N SER D 51 -17.91 -19.40 3.75
CA SER D 51 -18.69 -18.25 4.16
C SER D 51 -18.43 -16.98 3.36
N SER D 52 -17.53 -17.00 2.39
CA SER D 52 -17.30 -15.77 1.65
C SER D 52 -17.99 -15.77 0.29
N SER D 53 -18.03 -14.59 -0.33
CA SER D 53 -18.38 -14.47 -1.76
C SER D 53 -17.58 -13.34 -2.39
N MET D 54 -17.55 -13.30 -3.72
CA MET D 54 -16.79 -12.26 -4.40
C MET D 54 -17.39 -10.89 -4.21
N PHE D 55 -18.72 -10.83 -4.15
CA PHE D 55 -19.47 -9.56 -3.90
C PHE D 55 -19.25 -9.08 -2.47
N LEU D 56 -19.48 -9.98 -1.53
CA LEU D 56 -19.30 -9.64 -0.15
C LEU D 56 -17.90 -9.07 0.07
N SER D 57 -16.88 -9.76 -0.45
CA SER D 57 -15.50 -9.41 -0.19
C SER D 57 -15.09 -8.09 -0.87
N LEU D 58 -15.72 -7.75 -1.98
CA LEU D 58 -15.50 -6.42 -2.56
C LEU D 58 -15.91 -5.28 -1.59
N HIS D 59 -17.08 -5.40 -0.95
CA HIS D 59 -17.65 -4.32 -0.14
C HIS D 59 -17.21 -4.33 1.32
N TRP D 60 -16.98 -5.51 1.87
CA TRP D 60 -16.55 -5.59 3.28
C TRP D 60 -15.22 -6.33 3.49
N ASN D 61 -14.50 -5.84 4.49
CA ASN D 61 -13.46 -6.58 5.13
C ASN D 61 -14.12 -7.44 6.20
N ASN D 62 -13.34 -7.98 7.11
CA ASN D 62 -13.89 -8.90 8.10
C ASN D 62 -14.68 -8.17 9.18
N HIS D 63 -15.88 -8.68 9.47
CA HIS D 63 -16.64 -8.26 10.66
C HIS D 63 -17.41 -9.47 11.15
N SER D 64 -18.06 -9.34 12.31
CA SER D 64 -18.96 -10.39 12.75
C SER D 64 -20.01 -10.52 11.64
N SER D 65 -20.23 -11.71 11.14
CA SER D 65 -21.25 -11.87 10.07
C SER D 65 -20.77 -11.54 8.64
N PHE D 66 -19.52 -11.12 8.49
CA PHE D 66 -18.91 -10.88 7.17
C PHE D 66 -17.54 -11.53 7.09
N VAL D 67 -17.45 -12.66 6.39
CA VAL D 67 -16.18 -13.32 6.13
C VAL D 67 -15.64 -12.90 4.77
N SER D 68 -14.64 -12.03 4.78
CA SER D 68 -14.02 -11.46 3.59
C SER D 68 -12.78 -12.27 3.21
N TYR D 69 -12.57 -12.48 1.91
CA TYR D 69 -11.48 -13.26 1.41
C TYR D 69 -10.86 -12.52 0.26
N ASP D 70 -9.55 -12.51 0.17
CA ASP D 70 -8.93 -11.85 -0.95
C ASP D 70 -8.76 -12.82 -2.14
N TYR D 71 -9.88 -13.05 -2.80
CA TYR D 71 -9.96 -13.84 -4.04
C TYR D 71 -8.86 -13.46 -5.03
N PHE D 72 -8.31 -14.50 -5.65
CA PHE D 72 -7.22 -14.37 -6.58
C PHE D 72 -7.06 -15.65 -7.39
N ASN D 73 -7.25 -15.55 -8.70
CA ASN D 73 -6.90 -16.69 -9.55
C ASN D 73 -6.66 -16.26 -10.99
N CYS D 74 -5.97 -17.11 -11.74
CA CYS D 74 -5.65 -16.85 -13.13
C CYS D 74 -6.08 -18.01 -13.99
N GLY D 75 -6.82 -17.74 -15.05
CA GLY D 75 -7.06 -18.78 -16.05
C GLY D 75 -7.79 -18.21 -17.24
N VAL D 76 -7.45 -18.70 -18.44
CA VAL D 76 -8.19 -18.30 -19.64
C VAL D 76 -9.68 -18.69 -19.54
N GLU D 77 -9.93 -19.88 -19.03
CA GLU D 77 -11.29 -20.35 -18.79
C GLU D 77 -11.53 -20.27 -17.30
N LYS D 78 -12.76 -19.93 -16.92
CA LYS D 78 -13.04 -19.64 -15.53
C LYS D 78 -14.42 -20.19 -15.13
N VAL D 79 -14.50 -20.80 -13.95
CA VAL D 79 -15.75 -21.40 -13.42
C VAL D 79 -16.04 -20.71 -12.12
N PHE D 80 -17.17 -20.05 -12.02
CA PHE D 80 -17.60 -19.42 -10.77
C PHE D 80 -18.65 -20.28 -10.10
N TYR D 81 -18.44 -20.57 -8.82
CA TYR D 81 -19.47 -21.22 -8.00
C TYR D 81 -19.52 -20.64 -6.60
N GLU D 82 -20.04 -19.43 -6.52
CA GLU D 82 -20.24 -18.77 -5.27
C GLU D 82 -21.32 -17.73 -5.48
N GLY D 83 -21.68 -17.06 -4.39
CA GLY D 83 -22.68 -16.03 -4.43
C GLY D 83 -23.64 -16.14 -3.28
N VAL D 84 -23.90 -17.37 -2.83
CA VAL D 84 -24.92 -17.63 -1.85
C VAL D 84 -24.65 -16.89 -0.52
N ASN D 85 -23.39 -16.74 -0.15
CA ASN D 85 -23.07 -16.07 1.11
C ASN D 85 -23.43 -14.58 1.18
N PHE D 86 -23.96 -14.04 0.08
CA PHE D 86 -24.76 -12.80 0.16
C PHE D 86 -26.12 -13.00 -0.54
N SER D 87 -27.11 -13.38 0.26
CA SER D 87 -28.44 -13.68 -0.23
C SER D 87 -29.47 -13.05 0.73
N PRO D 88 -30.78 -13.10 0.39
CA PRO D 88 -31.80 -12.55 1.31
C PRO D 88 -31.82 -13.18 2.72
N ARG D 89 -31.36 -14.40 2.88
CA ARG D 89 -31.18 -15.03 4.19
C ARG D 89 -30.43 -14.09 5.17
N LYS D 90 -29.46 -13.36 4.64
CA LYS D 90 -28.68 -12.39 5.44
C LYS D 90 -29.53 -11.24 6.01
N GLN D 91 -30.60 -10.91 5.30
CA GLN D 91 -31.51 -9.81 5.63
C GLN D 91 -30.76 -8.46 5.70
N TYR D 92 -29.72 -8.31 4.86
CA TYR D 92 -28.91 -7.11 4.92
C TYR D 92 -29.49 -5.92 4.16
N SER D 93 -29.42 -4.75 4.80
CA SER D 93 -29.52 -3.46 4.14
C SER D 93 -28.89 -2.35 5.02
N CYS D 94 -28.78 -1.15 4.47
CA CYS D 94 -27.97 -0.11 5.11
C CYS D 94 -28.78 1.17 5.25
N TRP D 95 -29.27 1.68 4.13
CA TRP D 95 -30.18 2.80 4.18
C TRP D 95 -31.57 2.29 3.79
N ASP D 96 -32.40 3.07 3.10
CA ASP D 96 -33.80 2.62 2.91
C ASP D 96 -34.03 1.71 1.69
N GLU D 97 -32.94 1.26 1.05
CA GLU D 97 -33.03 0.43 -0.15
C GLU D 97 -33.58 -0.98 0.03
N GLY D 98 -33.58 -1.48 1.25
CA GLY D 98 -34.15 -2.80 1.53
C GLY D 98 -33.24 -3.94 1.13
N VAL D 99 -33.65 -5.15 1.51
CA VAL D 99 -32.95 -6.38 1.15
C VAL D 99 -32.85 -6.49 -0.40
N ASP D 100 -33.97 -6.20 -1.07
CA ASP D 100 -34.04 -6.23 -2.53
C ASP D 100 -33.01 -5.29 -3.14
N GLY D 101 -32.80 -4.14 -2.49
CA GLY D 101 -31.87 -3.16 -3.00
C GLY D 101 -30.53 -3.80 -3.17
N TRP D 102 -30.10 -4.54 -2.15
CA TRP D 102 -28.78 -5.18 -2.18
C TRP D 102 -28.69 -6.39 -3.13
N ILE D 103 -29.81 -7.07 -3.36
CA ILE D 103 -29.84 -8.14 -4.36
C ILE D 103 -29.67 -7.54 -5.75
N GLU D 104 -30.28 -6.39 -6.00
CA GLU D 104 -30.01 -5.61 -7.22
C GLU D 104 -28.52 -5.26 -7.31
N LEU D 105 -27.92 -4.73 -6.23
CA LEU D 105 -26.49 -4.40 -6.27
C LEU D 105 -25.63 -5.60 -6.63
N LYS D 106 -25.98 -6.74 -6.03
CA LYS D 106 -25.32 -8.00 -6.24
C LYS D 106 -25.35 -8.38 -7.70
N THR D 107 -26.52 -8.24 -8.31
CA THR D 107 -26.71 -8.58 -9.72
C THR D 107 -25.83 -7.69 -10.60
N ARG D 108 -25.86 -6.38 -10.32
CA ARG D 108 -25.00 -5.41 -11.02
C ARG D 108 -23.52 -5.77 -10.94
N PHE D 109 -23.05 -6.11 -9.73
CA PHE D 109 -21.64 -6.44 -9.56
C PHE D 109 -21.27 -7.67 -10.37
N TYR D 110 -22.00 -8.78 -10.21
CA TYR D 110 -21.69 -9.98 -10.97
C TYR D 110 -21.75 -9.81 -12.50
N THR D 111 -22.70 -9.03 -12.99
CA THR D 111 -22.79 -8.72 -14.40
C THR D 111 -21.45 -8.11 -14.87
N LYS D 112 -20.96 -7.10 -14.14
CA LYS D 112 -19.70 -6.45 -14.51
C LYS D 112 -18.53 -7.39 -14.38
N LEU D 113 -18.48 -8.15 -13.29
CA LEU D 113 -17.39 -9.08 -13.07
C LEU D 113 -17.21 -10.04 -14.24
N TYR D 114 -18.29 -10.72 -14.59
CA TYR D 114 -18.30 -11.70 -15.66
C TYR D 114 -17.88 -11.03 -16.97
N GLN D 115 -18.45 -9.85 -17.24
CA GLN D 115 -18.07 -9.07 -18.44
C GLN D 115 -16.56 -8.84 -18.51
N MET D 116 -15.97 -8.31 -17.45
CA MET D 116 -14.56 -7.92 -17.46
C MET D 116 -13.64 -9.14 -17.52
N ALA D 117 -14.09 -10.21 -16.86
CA ALA D 117 -13.40 -11.49 -16.75
C ALA D 117 -13.05 -12.12 -18.10
N THR D 118 -13.93 -11.94 -19.09
CA THR D 118 -13.82 -12.59 -20.39
C THR D 118 -12.62 -12.10 -21.20
N THR D 119 -12.09 -10.92 -20.87
CA THR D 119 -10.89 -10.43 -21.56
C THR D 119 -9.75 -10.29 -20.59
N SER D 120 -9.84 -11.01 -19.48
CA SER D 120 -8.76 -11.08 -18.51
C SER D 120 -8.30 -12.52 -18.27
N ARG D 121 -7.03 -12.69 -17.94
CA ARG D 121 -6.60 -13.98 -17.46
C ARG D 121 -6.70 -14.03 -15.94
N CYS D 122 -6.15 -13.01 -15.28
CA CYS D 122 -6.04 -12.96 -13.82
C CYS D 122 -7.01 -11.97 -13.21
N ILE D 123 -7.53 -12.35 -12.04
CA ILE D 123 -8.46 -11.56 -11.30
C ILE D 123 -8.01 -11.61 -9.84
N LYS D 124 -7.71 -10.44 -9.29
CA LYS D 124 -7.15 -10.34 -7.94
C LYS D 124 -7.85 -9.23 -7.19
N LEU D 125 -8.45 -9.57 -6.04
CA LEU D 125 -9.04 -8.58 -5.15
C LEU D 125 -7.95 -7.96 -4.32
N ILE D 126 -7.75 -6.64 -4.45
CA ILE D 126 -6.67 -5.97 -3.71
C ILE D 126 -7.18 -4.90 -2.79
N GLN D 127 -6.42 -4.67 -1.72
CA GLN D 127 -6.58 -3.54 -0.85
C GLN D 127 -5.83 -2.37 -1.48
N LEU D 128 -6.51 -1.24 -1.65
CA LEU D 128 -5.88 -0.06 -2.24
C LEU D 128 -5.09 0.68 -1.16
N GLN D 129 -4.07 1.45 -1.55
CA GLN D 129 -3.40 2.36 -0.61
C GLN D 129 -4.46 3.42 -0.26
N ALA D 130 -4.51 3.82 1.00
CA ALA D 130 -5.33 4.96 1.43
C ALA D 130 -4.78 6.22 0.77
N PRO D 131 -5.65 7.20 0.48
CA PRO D 131 -5.16 8.48 -0.01
C PRO D 131 -4.11 9.06 0.95
N SER D 132 -3.03 9.60 0.38
CA SER D 132 -1.87 10.03 1.15
C SER D 132 -2.16 11.23 2.05
N SER D 133 -3.16 12.02 1.70
CA SER D 133 -3.55 13.14 2.51
C SER D 133 -5.03 12.94 2.77
N LEU D 134 -5.39 12.85 4.04
CA LEU D 134 -6.80 12.72 4.42
C LEU D 134 -7.06 13.72 5.52
N PRO D 135 -8.05 14.60 5.32
CA PRO D 135 -8.44 15.44 6.43
C PRO D 135 -9.13 14.59 7.50
N THR D 136 -9.52 15.26 8.59
CA THR D 136 -10.32 14.64 9.62
C THR D 136 -11.60 14.08 9.02
N LEU D 137 -11.91 12.83 9.38
CA LEU D 137 -13.07 12.13 8.83
C LEU D 137 -13.82 11.37 9.94
N GLN D 138 -15.15 11.44 9.90
CA GLN D 138 -15.98 10.64 10.77
C GLN D 138 -16.62 9.55 9.91
N ALA D 139 -16.52 8.30 10.35
CA ALA D 139 -17.15 7.20 9.62
C ALA D 139 -18.64 7.45 9.43
N GLY D 140 -19.13 7.13 8.24
CA GLY D 140 -20.55 7.10 8.03
C GLY D 140 -21.14 5.90 8.74
N VAL D 141 -22.47 5.80 8.72
CA VAL D 141 -23.15 4.65 9.31
C VAL D 141 -24.35 4.26 8.44
N CYS D 142 -24.85 3.04 8.66
CA CYS D 142 -26.15 2.65 8.11
C CYS D 142 -27.27 3.15 9.02
N ARG D 143 -28.37 3.60 8.42
CA ARG D 143 -29.58 3.91 9.17
C ARG D 143 -30.09 2.67 9.89
N THR D 144 -29.90 1.51 9.27
CA THR D 144 -30.33 0.23 9.85
C THR D 144 -29.42 -0.17 11.01
N ASN D 145 -28.31 0.53 11.16
CA ASN D 145 -27.27 0.18 12.13
C ASN D 145 -26.52 -1.12 11.83
N LYS D 146 -26.74 -1.71 10.67
CA LYS D 146 -25.93 -2.85 10.26
C LYS D 146 -24.58 -2.34 9.74
N GLN D 147 -23.68 -3.24 9.37
CA GLN D 147 -22.31 -2.81 9.03
C GLN D 147 -22.21 -2.05 7.71
N LEU D 148 -21.75 -0.80 7.78
CA LEU D 148 -21.52 0.02 6.58
C LEU D 148 -20.43 -0.65 5.74
N PRO D 149 -20.57 -0.69 4.41
CA PRO D 149 -19.46 -1.16 3.57
C PRO D 149 -18.14 -0.43 3.86
N ASP D 150 -17.05 -1.18 3.86
CA ASP D 150 -15.70 -0.67 3.94
C ASP D 150 -15.26 -0.11 2.59
N ASN D 151 -15.88 -0.57 1.51
CA ASN D 151 -15.53 -0.14 0.16
C ASN D 151 -16.82 0.05 -0.64
N PRO D 152 -17.02 1.25 -1.23
CA PRO D 152 -16.18 2.41 -1.08
C PRO D 152 -16.30 2.95 0.33
N ARG D 153 -15.31 3.71 0.76
CA ARG D 153 -15.42 4.41 2.03
C ARG D 153 -16.46 5.54 1.90
N LEU D 154 -17.38 5.60 2.84
CA LEU D 154 -18.30 6.75 2.99
C LEU D 154 -17.96 7.38 4.31
N ALA D 155 -17.52 8.63 4.26
CA ALA D 155 -17.12 9.31 5.50
C ALA D 155 -17.48 10.75 5.41
N LEU D 156 -17.44 11.40 6.57
CA LEU D 156 -17.88 12.77 6.71
C LEU D 156 -16.79 13.70 7.16
N LEU D 157 -16.55 14.68 6.31
CA LEU D 157 -15.65 15.78 6.55
C LEU D 157 -16.18 16.71 7.60
N SER D 158 -15.26 17.47 8.18
CA SER D 158 -15.59 18.41 9.26
C SER D 158 -16.19 19.72 8.78
N ASP D 159 -16.18 19.98 7.47
CA ASP D 159 -16.71 21.22 6.92
C ASP D 159 -17.60 20.87 5.73
N THR D 160 -18.08 21.91 5.04
CA THR D 160 -18.92 21.70 3.85
C THR D 160 -18.30 22.32 2.59
N VAL D 161 -16.98 22.46 2.55
CA VAL D 161 -16.28 23.06 1.41
C VAL D 161 -15.94 21.96 0.39
N PRO D 162 -15.97 22.29 -0.92
CA PRO D 162 -15.50 21.33 -1.93
C PRO D 162 -14.03 20.89 -1.76
N THR D 163 -13.79 19.61 -1.96
CA THR D 163 -12.58 18.98 -1.52
C THR D 163 -12.31 17.80 -2.44
N SER D 164 -11.05 17.39 -2.51
CA SER D 164 -10.65 16.22 -3.26
C SER D 164 -9.50 15.52 -2.57
N VAL D 165 -9.59 14.19 -2.46
CA VAL D 165 -8.48 13.36 -2.06
C VAL D 165 -8.07 12.54 -3.28
N GLN D 166 -6.81 12.13 -3.32
CA GLN D 166 -6.31 11.36 -4.43
C GLN D 166 -6.22 9.88 -4.08
N PHE D 167 -6.80 9.03 -4.93
CA PHE D 167 -6.59 7.58 -4.83
C PHE D 167 -5.87 7.02 -6.06
N VAL D 168 -5.09 5.97 -5.81
CA VAL D 168 -4.30 5.30 -6.83
C VAL D 168 -4.85 3.90 -7.11
N LEU D 169 -5.16 3.64 -8.37
CA LEU D 169 -5.41 2.28 -8.85
C LEU D 169 -4.09 1.81 -9.46
N PRO D 170 -3.43 0.82 -8.85
CA PRO D 170 -2.05 0.55 -9.28
C PRO D 170 -1.95 -0.19 -10.60
N GLY D 171 -0.79 -0.13 -11.24
CA GLY D 171 -0.56 -0.80 -12.51
C GLY D 171 -0.31 -2.29 -12.31
N SER D 172 -0.06 -2.70 -11.08
CA SER D 172 0.18 -4.10 -10.79
C SER D 172 0.05 -4.36 -9.30
N SER D 173 -0.09 -5.65 -8.98
CA SER D 173 -0.08 -6.12 -7.61
C SER D 173 0.75 -7.42 -7.54
N GLY D 174 1.84 -7.40 -6.77
CA GLY D 174 2.76 -8.54 -6.77
C GLY D 174 3.18 -8.80 -8.19
N THR D 175 3.03 -10.04 -8.66
CA THR D 175 3.33 -10.37 -10.05
C THR D 175 2.14 -10.23 -11.00
N THR D 176 0.97 -9.79 -10.54
CA THR D 176 -0.18 -9.64 -11.41
C THR D 176 -0.19 -8.22 -11.99
N ILE D 177 -0.35 -8.11 -13.30
CA ILE D 177 -0.52 -6.80 -13.95
C ILE D 177 -1.97 -6.42 -13.84
N CYS D 178 -2.22 -5.14 -13.53
CA CYS D 178 -3.57 -4.61 -13.52
C CYS D 178 -3.71 -3.69 -14.72
N THR D 179 -4.21 -4.22 -15.84
CA THR D 179 -4.57 -3.37 -16.98
C THR D 179 -5.94 -2.67 -16.74
N LYS D 180 -6.69 -3.16 -15.76
CA LYS D 180 -7.96 -2.52 -15.45
C LYS D 180 -8.43 -2.90 -14.07
N HIS D 181 -9.44 -2.20 -13.59
CA HIS D 181 -9.96 -2.38 -12.23
C HIS D 181 -11.47 -2.33 -12.22
N LEU D 182 -12.09 -3.25 -11.48
CA LEU D 182 -13.52 -3.19 -11.19
C LEU D 182 -13.62 -2.48 -9.84
N VAL D 183 -14.23 -1.30 -9.86
CA VAL D 183 -14.25 -0.43 -8.67
C VAL D 183 -15.67 0.04 -8.42
N PRO D 184 -16.11 -0.02 -7.15
CA PRO D 184 -17.46 0.41 -6.85
C PRO D 184 -17.56 1.92 -6.67
N PHE D 185 -18.64 2.50 -7.18
CA PHE D 185 -18.97 3.91 -6.94
C PHE D 185 -20.34 3.92 -6.27
N CYS D 186 -20.43 4.45 -5.04
CA CYS D 186 -21.70 4.46 -4.35
C CYS D 186 -22.01 5.81 -3.75
N TYR D 187 -23.30 5.97 -3.46
CA TYR D 187 -23.84 7.21 -2.94
C TYR D 187 -25.18 6.97 -2.24
N LEU D 188 -25.62 7.99 -1.50
CA LEU D 188 -26.93 8.00 -0.87
C LEU D 188 -27.84 8.90 -1.72
N ASN D 189 -28.84 8.30 -2.32
CA ASN D 189 -29.63 9.01 -3.30
C ASN D 189 -30.83 9.68 -2.67
N HIS D 190 -31.70 10.24 -3.51
CA HIS D 190 -32.95 10.89 -3.09
C HIS D 190 -32.78 12.20 -2.31
N GLY D 191 -32.11 13.17 -2.95
CA GLY D 191 -32.12 14.57 -2.48
C GLY D 191 -31.03 14.96 -1.50
N CYS D 192 -31.15 16.17 -0.96
CA CYS D 192 -30.19 16.67 0.03
C CYS D 192 -30.25 15.82 1.30
N PHE D 193 -29.18 15.88 2.07
CA PHE D 193 -29.01 14.95 3.17
C PHE D 193 -28.80 15.74 4.44
N THR D 194 -29.58 15.44 5.47
CA THR D 194 -29.49 16.23 6.71
C THR D 194 -28.36 15.69 7.59
N THR D 195 -27.36 16.53 7.83
CA THR D 195 -26.36 16.22 8.85
C THR D 195 -25.92 17.47 9.58
N GLY D 196 -25.75 17.32 10.90
CA GLY D 196 -25.29 18.38 11.80
C GLY D 196 -25.84 19.77 11.54
N GLY D 197 -27.09 19.85 11.12
CA GLY D 197 -27.68 21.10 10.63
C GLY D 197 -29.04 20.72 10.09
N SER D 198 -29.50 21.09 8.88
CA SER D 198 -28.80 21.53 7.65
C SER D 198 -28.88 20.42 6.59
N CYS D 199 -29.74 20.60 5.58
CA CYS D 199 -29.87 19.63 4.49
C CYS D 199 -28.85 19.96 3.41
N LEU D 200 -27.84 19.09 3.28
CA LEU D 200 -26.71 19.37 2.40
C LEU D 200 -26.75 18.61 1.08
N PRO D 201 -26.30 19.24 0.00
CA PRO D 201 -26.24 18.49 -1.25
C PRO D 201 -25.30 17.28 -1.13
N PHE D 202 -25.73 16.15 -1.69
CA PHE D 202 -24.89 14.98 -1.78
C PHE D 202 -24.30 14.94 -3.18
N GLY D 203 -23.03 15.29 -3.29
CA GLY D 203 -22.35 15.33 -4.60
C GLY D 203 -20.94 14.79 -4.46
N VAL D 204 -20.70 13.63 -5.09
CA VAL D 204 -19.41 12.98 -5.10
C VAL D 204 -19.10 12.44 -6.48
N SER D 205 -17.82 12.26 -6.77
CA SER D 205 -17.40 11.89 -8.11
C SER D 205 -16.01 11.29 -8.08
N TYR D 206 -15.73 10.44 -9.06
CA TYR D 206 -14.40 9.95 -9.34
C TYR D 206 -13.94 10.64 -10.63
N VAL D 207 -12.80 11.30 -10.59
CA VAL D 207 -12.37 12.12 -11.74
C VAL D 207 -10.88 12.07 -12.00
N SER D 208 -10.50 11.92 -13.26
CA SER D 208 -9.12 12.18 -13.72
C SER D 208 -9.17 13.04 -14.99
N ASP D 209 -8.02 13.31 -15.58
CA ASP D 209 -7.94 13.92 -16.91
C ASP D 209 -8.80 13.18 -17.93
N SER D 210 -8.86 11.87 -17.75
CA SER D 210 -9.40 10.95 -18.74
C SER D 210 -10.64 10.18 -18.31
N PHE D 211 -11.31 10.62 -17.25
CA PHE D 211 -12.39 9.85 -16.64
C PHE D 211 -13.28 10.75 -15.81
N TYR D 212 -14.59 10.56 -15.96
CA TYR D 212 -15.57 11.15 -15.05
C TYR D 212 -16.72 10.19 -14.73
N TYR D 213 -17.03 10.06 -13.44
CA TYR D 213 -18.23 9.42 -13.01
C TYR D 213 -18.64 10.04 -11.71
N GLY D 214 -19.89 10.52 -11.65
CA GLY D 214 -20.37 11.25 -10.49
C GLY D 214 -21.86 11.21 -10.31
N TYR D 215 -22.28 11.81 -9.21
CA TYR D 215 -23.66 11.91 -8.81
C TYR D 215 -23.79 13.22 -8.04
N TYR D 216 -24.89 13.94 -8.25
CA TYR D 216 -25.18 15.15 -7.51
C TYR D 216 -26.68 15.29 -7.29
N ASP D 217 -27.07 15.61 -6.07
CA ASP D 217 -28.47 15.96 -5.81
C ASP D 217 -28.57 16.90 -4.63
N ALA D 218 -29.22 18.03 -4.87
CA ALA D 218 -29.52 19.02 -3.85
C ALA D 218 -31.02 19.14 -3.59
N THR D 219 -31.85 18.29 -4.21
CA THR D 219 -33.30 18.47 -4.15
C THR D 219 -33.84 18.53 -2.72
N PRO D 220 -34.62 19.57 -2.39
CA PRO D 220 -35.18 19.64 -1.04
C PRO D 220 -36.21 18.54 -0.73
N GLN D 221 -36.37 18.25 0.55
CA GLN D 221 -37.33 17.25 1.04
C GLN D 221 -38.61 17.98 1.39
N ILE D 222 -39.78 17.47 0.99
CA ILE D 222 -41.08 18.13 1.32
C ILE D 222 -41.64 17.67 2.66
N GLY D 223 -42.11 16.43 2.71
CA GLY D 223 -42.48 15.79 3.98
C GLY D 223 -41.21 15.55 4.77
N SER D 224 -41.12 16.14 5.97
CA SER D 224 -39.91 16.03 6.80
C SER D 224 -39.50 14.57 7.16
N THR D 225 -40.27 13.60 6.67
CA THR D 225 -39.82 12.21 6.58
C THR D 225 -38.86 12.04 5.38
N GLU D 226 -37.55 12.04 5.67
CA GLU D 226 -36.50 12.04 4.65
C GLU D 226 -35.94 10.63 4.40
N SER D 227 -35.81 10.25 3.13
CA SER D 227 -35.40 8.89 2.76
C SER D 227 -34.23 8.83 1.75
N HIS D 228 -33.29 7.92 1.95
CA HIS D 228 -32.17 7.69 1.02
C HIS D 228 -31.87 6.20 0.85
N ASP D 229 -31.51 5.82 -0.38
CA ASP D 229 -31.02 4.48 -0.67
C ASP D 229 -29.52 4.55 -0.86
N TYR D 230 -28.81 3.51 -0.36
CA TYR D 230 -27.38 3.29 -0.67
C TYR D 230 -27.36 2.59 -2.01
N VAL D 231 -26.81 3.27 -3.01
CA VAL D 231 -26.76 2.79 -4.39
C VAL D 231 -25.31 2.68 -4.87
N CYS D 232 -25.00 1.63 -5.60
CA CYS D 232 -23.69 1.48 -6.23
C CYS D 232 -23.77 1.19 -7.72
N ASP D 233 -22.76 1.68 -8.45
CA ASP D 233 -22.45 1.22 -9.78
C ASP D 233 -21.08 0.62 -9.72
N TYR D 234 -20.84 -0.36 -10.59
CA TYR D 234 -19.60 -1.11 -10.62
C TYR D 234 -18.82 -0.72 -11.89
N LEU D 235 -17.67 -0.06 -11.73
CA LEU D 235 -17.01 0.66 -12.83
C LEU D 235 -15.75 -0.03 -13.34
N PHE D 236 -15.56 0.04 -14.66
CA PHE D 236 -14.31 -0.29 -15.34
C PHE D 236 -13.41 0.96 -15.24
N MET D 237 -12.27 0.84 -14.57
CA MET D 237 -11.36 1.99 -14.47
C MET D 237 -9.95 1.52 -14.80
N GLU D 238 -9.23 2.34 -15.57
CA GLU D 238 -7.84 2.06 -15.89
C GLU D 238 -6.94 2.37 -14.70
N PRO D 239 -5.78 1.72 -14.64
CA PRO D 239 -4.86 2.08 -13.58
C PRO D 239 -4.48 3.55 -13.72
N GLY D 240 -4.18 4.18 -12.59
CA GLY D 240 -3.73 5.55 -12.54
C GLY D 240 -4.13 6.23 -11.24
N THR D 241 -3.92 7.55 -11.21
CA THR D 241 -4.30 8.37 -10.08
C THR D 241 -5.58 9.10 -10.39
N TYR D 242 -6.47 9.20 -9.42
CA TYR D 242 -7.78 9.84 -9.58
C TYR D 242 -8.08 10.73 -8.40
N ASN D 243 -8.94 11.71 -8.62
CA ASN D 243 -9.55 12.44 -7.54
C ASN D 243 -10.85 11.80 -7.15
N ALA D 244 -11.03 11.62 -5.84
CA ALA D 244 -12.33 11.38 -5.24
C ALA D 244 -12.80 12.75 -4.76
N SER D 245 -13.74 13.33 -5.48
CA SER D 245 -14.14 14.70 -5.25
C SER D 245 -15.50 14.79 -4.59
N THR D 246 -15.69 15.86 -3.83
CA THR D 246 -16.98 16.12 -3.24
C THR D 246 -17.29 17.59 -3.34
N VAL D 247 -18.58 17.93 -3.43
CA VAL D 247 -19.03 19.31 -3.31
C VAL D 247 -19.00 19.78 -1.86
N GLY D 248 -18.88 18.86 -0.92
CA GLY D 248 -18.81 19.20 0.48
C GLY D 248 -19.35 18.09 1.38
N LYS D 249 -18.78 18.00 2.58
CA LYS D 249 -19.22 17.12 3.67
C LYS D 249 -19.05 15.62 3.42
N PHE D 250 -19.65 15.10 2.37
CA PHE D 250 -19.63 13.65 2.16
C PHE D 250 -18.43 13.28 1.28
N LEU D 251 -17.70 12.23 1.67
CA LEU D 251 -16.54 11.75 0.91
C LEU D 251 -16.72 10.26 0.64
N VAL D 252 -16.59 9.90 -0.63
CA VAL D 252 -16.64 8.52 -1.08
C VAL D 252 -15.41 8.26 -1.95
N TYR D 253 -14.62 7.24 -1.57
CA TYR D 253 -13.46 6.81 -2.37
C TYR D 253 -13.24 5.32 -2.15
N PRO D 254 -12.72 4.62 -3.18
CA PRO D 254 -12.56 3.17 -3.08
C PRO D 254 -11.36 2.73 -2.23
N THR D 255 -11.54 1.63 -1.51
CA THR D 255 -10.50 1.07 -0.68
C THR D 255 -10.12 -0.33 -1.12
N LYS D 256 -10.90 -0.95 -2.02
CA LYS D 256 -10.55 -2.21 -2.67
C LYS D 256 -11.00 -2.20 -4.12
N SER D 257 -10.29 -2.94 -4.96
CA SER D 257 -10.76 -3.19 -6.32
C SER D 257 -10.39 -4.62 -6.77
N TYR D 258 -11.12 -5.08 -7.78
CA TYR D 258 -10.67 -6.24 -8.54
C TYR D 258 -9.69 -5.80 -9.62
N CYS D 259 -8.43 -6.12 -9.38
CA CYS D 259 -7.35 -5.95 -10.36
C CYS D 259 -7.43 -7.06 -11.41
N MET D 260 -7.44 -6.67 -12.69
CA MET D 260 -7.44 -7.63 -13.78
C MET D 260 -6.42 -7.29 -14.84
N ASP D 261 -5.80 -8.32 -15.42
CA ASP D 261 -4.95 -8.14 -16.61
C ASP D 261 -5.76 -8.33 -17.91
N THR D 262 -5.07 -8.37 -19.03
CA THR D 262 -5.71 -8.50 -20.33
C THR D 262 -5.12 -9.72 -21.05
N MET D 263 -5.98 -10.54 -21.63
CA MET D 263 -5.55 -11.59 -22.55
C MET D 263 -6.05 -11.19 -23.93
N ASN D 264 -5.35 -11.67 -24.94
CA ASN D 264 -5.63 -11.25 -26.30
C ASN D 264 -6.74 -12.07 -26.98
N ILE D 265 -7.41 -12.94 -26.20
CA ILE D 265 -8.64 -13.67 -26.59
C ILE D 265 -9.81 -13.35 -25.65
N THR D 266 -11.03 -13.49 -26.15
CA THR D 266 -12.24 -13.21 -25.38
C THR D 266 -13.00 -14.50 -25.16
N VAL D 267 -13.01 -14.98 -23.91
CA VAL D 267 -13.55 -16.30 -23.59
C VAL D 267 -14.71 -16.16 -22.57
N PRO D 268 -15.89 -16.73 -22.88
CA PRO D 268 -16.99 -16.55 -21.91
C PRO D 268 -16.65 -17.28 -20.62
N VAL D 269 -17.08 -16.73 -19.49
CA VAL D 269 -16.96 -17.42 -18.18
C VAL D 269 -18.10 -18.42 -17.98
N GLN D 270 -17.96 -19.30 -17.01
CA GLN D 270 -19.00 -20.25 -16.64
C GLN D 270 -19.41 -19.95 -15.19
N ALA D 271 -20.71 -19.92 -14.92
CA ALA D 271 -21.20 -19.75 -13.52
C ALA D 271 -22.19 -20.84 -13.18
N VAL D 272 -22.07 -21.43 -12.00
CA VAL D 272 -23.02 -22.44 -11.54
C VAL D 272 -23.94 -21.83 -10.47
N GLN D 273 -25.23 -22.13 -10.58
CA GLN D 273 -26.23 -21.61 -9.64
C GLN D 273 -25.81 -21.85 -8.20
N SER D 274 -25.83 -20.79 -7.40
CA SER D 274 -25.37 -20.78 -5.99
C SER D 274 -26.49 -20.40 -5.03
N ILE D 275 -27.08 -21.41 -4.39
CA ILE D 275 -28.24 -21.20 -3.54
C ILE D 275 -28.19 -22.01 -2.24
N TRP D 276 -29.12 -21.69 -1.36
CA TRP D 276 -29.34 -22.45 -0.14
C TRP D 276 -30.38 -23.54 -0.37
N SER D 277 -30.43 -24.51 0.54
CA SER D 277 -31.56 -25.44 0.64
C SER D 277 -32.83 -24.64 0.89
N GLU D 278 -33.97 -25.31 0.80
CA GLU D 278 -35.28 -24.64 0.79
C GLU D 278 -35.67 -23.95 2.08
N GLN D 279 -35.04 -24.27 3.19
CA GLN D 279 -35.42 -23.61 4.44
C GLN D 279 -34.88 -22.17 4.61
N TYR D 280 -33.97 -21.76 3.74
CA TYR D 280 -33.49 -20.38 3.70
C TYR D 280 -33.86 -19.65 2.40
N ALA D 281 -33.91 -18.32 2.48
CA ALA D 281 -34.20 -17.47 1.33
C ALA D 281 -32.95 -17.29 0.42
N SER D 282 -33.11 -17.67 -0.84
CA SER D 282 -32.07 -17.46 -1.87
C SER D 282 -32.50 -16.36 -2.84
N ASP D 283 -31.63 -16.06 -3.82
CA ASP D 283 -31.95 -15.13 -4.89
C ASP D 283 -31.51 -15.70 -6.24
N ASP D 284 -31.83 -14.99 -7.32
CA ASP D 284 -31.41 -15.40 -8.66
C ASP D 284 -30.38 -14.41 -9.26
N ALA D 285 -29.56 -13.79 -8.42
CA ALA D 285 -28.62 -12.78 -8.90
C ALA D 285 -27.59 -13.38 -9.84
N ILE D 286 -27.11 -14.59 -9.55
CA ILE D 286 -26.11 -15.22 -10.39
C ILE D 286 -26.71 -15.49 -11.76
N GLY D 287 -27.92 -16.05 -11.79
CA GLY D 287 -28.60 -16.33 -13.04
C GLY D 287 -28.94 -15.10 -13.86
N GLN D 288 -29.40 -14.04 -13.18
CA GLN D 288 -29.72 -12.81 -13.87
C GLN D 288 -28.46 -12.12 -14.41
N ALA D 289 -27.34 -12.25 -13.69
CA ALA D 289 -26.05 -11.68 -14.09
C ALA D 289 -25.33 -12.50 -15.17
N CYS D 290 -25.47 -13.81 -15.14
CA CYS D 290 -24.69 -14.68 -16.05
C CYS D 290 -25.45 -14.86 -17.35
N LYS D 291 -25.21 -13.94 -18.29
CA LYS D 291 -25.97 -13.83 -19.56
C LYS D 291 -25.05 -13.93 -20.77
N ALA D 292 -25.60 -14.42 -21.88
CA ALA D 292 -24.93 -14.32 -23.19
C ALA D 292 -24.73 -12.84 -23.46
N PRO D 293 -23.61 -12.49 -24.12
CA PRO D 293 -22.62 -13.39 -24.68
C PRO D 293 -21.42 -13.71 -23.78
N TYR D 294 -21.44 -13.22 -22.55
CA TYR D 294 -20.21 -13.21 -21.74
C TYR D 294 -20.13 -14.33 -20.67
N CYS D 295 -21.24 -15.00 -20.42
CA CYS D 295 -21.27 -15.98 -19.34
C CYS D 295 -22.22 -17.12 -19.72
N ILE D 296 -21.76 -18.34 -19.42
CA ILE D 296 -22.53 -19.55 -19.62
C ILE D 296 -23.12 -19.97 -18.27
N PHE D 297 -24.43 -19.91 -18.13
CA PHE D 297 -25.07 -20.18 -16.82
C PHE D 297 -25.47 -21.65 -16.73
N TYR D 298 -25.00 -22.36 -15.71
CA TYR D 298 -25.50 -23.73 -15.43
C TYR D 298 -26.45 -23.69 -14.22
N ASN D 299 -27.74 -23.68 -14.49
CA ASN D 299 -28.73 -23.59 -13.43
C ASN D 299 -28.98 -24.97 -12.81
N LYS D 300 -29.47 -24.97 -11.57
CA LYS D 300 -29.97 -26.20 -10.96
C LYS D 300 -31.43 -26.42 -11.37
N THR D 301 -31.78 -27.68 -11.64
CA THR D 301 -33.19 -28.07 -11.84
C THR D 301 -33.82 -28.72 -10.62
N THR D 302 -33.03 -28.96 -9.57
CA THR D 302 -33.49 -29.52 -8.32
C THR D 302 -33.16 -28.52 -7.21
N PRO D 303 -33.80 -28.67 -6.05
CA PRO D 303 -33.38 -27.85 -4.91
C PRO D 303 -32.01 -28.31 -4.41
N TYR D 304 -31.38 -27.50 -3.56
CA TYR D 304 -30.13 -27.92 -2.94
C TYR D 304 -30.44 -29.09 -1.99
N THR D 305 -30.02 -30.28 -2.42
CA THR D 305 -30.44 -31.55 -1.80
C THR D 305 -29.21 -32.38 -1.45
N VAL D 306 -29.01 -32.59 -0.15
CA VAL D 306 -27.87 -33.33 0.35
C VAL D 306 -28.36 -34.71 0.87
N THR D 307 -27.81 -35.77 0.32
CA THR D 307 -28.06 -37.13 0.83
C THR D 307 -26.79 -37.63 1.54
N ASN D 308 -25.61 -37.14 1.13
CA ASN D 308 -24.33 -37.60 1.69
C ASN D 308 -23.34 -36.44 1.88
N GLY D 309 -23.64 -35.55 2.82
CA GLY D 309 -22.86 -34.33 3.04
C GLY D 309 -22.79 -33.92 4.51
N SER D 310 -22.15 -32.80 4.79
CA SER D 310 -21.81 -32.41 6.16
C SER D 310 -22.99 -31.73 6.83
N ASP D 311 -23.86 -31.16 5.99
CA ASP D 311 -25.15 -30.65 6.45
C ASP D 311 -26.07 -30.39 5.26
N ALA D 312 -27.27 -29.92 5.51
CA ALA D 312 -28.26 -29.70 4.47
C ALA D 312 -27.81 -28.70 3.40
N ASN D 313 -26.77 -27.91 3.68
CA ASN D 313 -26.31 -26.90 2.74
C ASN D 313 -24.91 -27.14 2.13
N HIS D 314 -24.40 -28.35 2.30
CA HIS D 314 -23.11 -28.72 1.75
C HIS D 314 -23.16 -30.16 1.26
N GLY D 315 -23.08 -30.34 -0.05
CA GLY D 315 -22.99 -31.65 -0.67
C GLY D 315 -24.14 -31.97 -1.59
N ASP D 316 -24.52 -31.00 -2.43
CA ASP D 316 -25.66 -31.17 -3.33
C ASP D 316 -25.38 -32.23 -4.42
N ASP D 317 -26.30 -33.17 -4.56
CA ASP D 317 -26.13 -34.25 -5.52
C ASP D 317 -26.08 -33.76 -6.95
N GLU D 318 -26.93 -32.83 -7.31
CA GLU D 318 -26.94 -32.34 -8.70
C GLU D 318 -25.65 -31.59 -9.06
N VAL D 319 -25.24 -30.66 -8.20
CA VAL D 319 -24.02 -29.91 -8.49
C VAL D 319 -22.79 -30.83 -8.52
N ARG D 320 -22.72 -31.80 -7.61
CA ARG D 320 -21.59 -32.76 -7.61
C ARG D 320 -21.47 -33.50 -8.96
N MET D 321 -22.62 -33.88 -9.51
CA MET D 321 -22.69 -34.54 -10.81
C MET D 321 -22.25 -33.55 -11.91
N MET D 322 -22.75 -32.34 -11.87
CA MET D 322 -22.31 -31.33 -12.84
C MET D 322 -20.81 -31.08 -12.80
N MET D 323 -20.25 -30.98 -11.60
CA MET D 323 -18.81 -30.71 -11.41
C MET D 323 -17.86 -31.83 -11.83
N GLN D 324 -18.37 -33.06 -11.98
CA GLN D 324 -17.63 -34.14 -12.65
C GLN D 324 -17.19 -33.75 -14.06
N GLY D 325 -17.92 -32.81 -14.66
CA GLY D 325 -17.59 -32.25 -15.98
C GLY D 325 -16.16 -31.74 -16.07
N LEU D 326 -15.68 -31.18 -14.97
CA LEU D 326 -14.36 -30.57 -14.90
C LEU D 326 -13.24 -31.60 -14.92
N LEU D 327 -13.58 -32.88 -14.77
CA LEU D 327 -12.61 -33.96 -14.95
C LEU D 327 -12.59 -34.47 -16.41
N ARG D 328 -13.50 -34.00 -17.26
CA ARG D 328 -13.66 -34.60 -18.58
C ARG D 328 -12.69 -34.08 -19.63
N ASN D 329 -12.45 -34.96 -20.60
CA ASN D 329 -11.86 -34.61 -21.88
C ASN D 329 -12.86 -33.77 -22.71
N SER D 330 -12.51 -32.50 -22.93
CA SER D 330 -13.38 -31.53 -23.60
C SER D 330 -12.66 -30.65 -24.63
N SER D 331 -13.33 -30.42 -25.75
CA SER D 331 -12.93 -29.44 -26.75
C SER D 331 -13.97 -28.38 -27.03
N CYS D 332 -15.13 -28.53 -26.42
CA CYS D 332 -16.27 -27.65 -26.65
C CYS D 332 -17.04 -27.40 -25.38
N ILE D 333 -17.26 -26.13 -25.07
CA ILE D 333 -17.92 -25.71 -23.83
C ILE D 333 -19.15 -24.89 -24.20
N SER D 334 -20.30 -25.18 -23.55
CA SER D 334 -21.59 -24.62 -23.96
C SER D 334 -22.59 -24.69 -22.80
N PRO D 335 -23.78 -24.08 -22.95
CA PRO D 335 -24.75 -24.14 -21.86
C PRO D 335 -25.34 -25.53 -21.66
N GLN D 336 -25.24 -26.37 -22.71
CA GLN D 336 -25.65 -27.77 -22.64
C GLN D 336 -24.59 -28.62 -21.95
N GLY D 337 -23.39 -28.07 -21.77
CA GLY D 337 -22.31 -28.78 -21.10
C GLY D 337 -21.15 -29.00 -22.06
N SER D 338 -20.24 -29.92 -21.71
CA SER D 338 -19.00 -30.14 -22.47
C SER D 338 -19.04 -31.32 -23.42
N THR D 339 -18.30 -31.23 -24.53
CA THR D 339 -18.02 -32.39 -25.36
C THR D 339 -16.55 -32.49 -25.72
N PRO D 340 -16.07 -33.71 -25.95
CA PRO D 340 -14.77 -33.88 -26.59
C PRO D 340 -14.85 -33.55 -28.09
N LEU D 341 -13.72 -33.67 -28.78
CA LEU D 341 -13.61 -33.30 -30.19
C LEU D 341 -14.37 -34.34 -30.96
N ALA D 342 -15.34 -33.93 -31.78
CA ALA D 342 -16.20 -34.85 -32.51
C ALA D 342 -16.90 -34.14 -33.68
N LEU D 343 -17.27 -34.89 -34.69
CA LEU D 343 -18.00 -34.32 -35.81
C LEU D 343 -19.43 -33.91 -35.43
N TYR D 344 -20.10 -34.77 -34.65
CA TYR D 344 -21.55 -34.69 -34.46
C TYR D 344 -21.94 -34.77 -32.98
N SER D 345 -22.92 -33.93 -32.62
CA SER D 345 -23.53 -33.92 -31.30
C SER D 345 -24.90 -34.54 -31.40
N THR D 346 -25.27 -35.32 -30.38
CA THR D 346 -26.61 -35.91 -30.30
C THR D 346 -27.68 -34.88 -29.91
N GLU D 347 -27.28 -33.68 -29.53
CA GLU D 347 -28.24 -32.62 -29.32
C GLU D 347 -27.73 -31.25 -29.71
N MET D 348 -28.67 -30.33 -29.91
CA MET D 348 -28.36 -28.96 -30.25
C MET D 348 -27.52 -28.30 -29.15
N ILE D 349 -26.50 -27.60 -29.59
CA ILE D 349 -25.59 -26.86 -28.72
C ILE D 349 -25.88 -25.37 -28.98
N TYR D 350 -26.22 -24.62 -27.94
CA TYR D 350 -26.60 -23.24 -28.11
C TYR D 350 -25.46 -22.32 -27.65
N GLU D 351 -25.69 -21.00 -27.73
CA GLU D 351 -24.71 -20.00 -27.32
C GLU D 351 -24.92 -19.52 -25.88
N PRO D 352 -23.85 -19.04 -25.21
CA PRO D 352 -22.49 -18.91 -25.74
C PRO D 352 -21.76 -20.24 -25.70
N ASN D 353 -20.89 -20.45 -26.66
CA ASN D 353 -20.02 -21.65 -26.65
C ASN D 353 -18.63 -21.28 -27.15
N TYR D 354 -17.64 -22.09 -26.82
CA TYR D 354 -16.30 -21.87 -27.36
C TYR D 354 -15.53 -23.17 -27.51
N GLY D 355 -14.44 -23.12 -28.23
CA GLY D 355 -13.69 -24.30 -28.61
C GLY D 355 -14.08 -24.71 -30.01
N SER D 356 -13.91 -25.98 -30.34
CA SER D 356 -14.37 -26.52 -31.62
C SER D 356 -15.52 -27.47 -31.29
N CYS D 357 -16.73 -27.11 -31.77
CA CYS D 357 -17.94 -27.79 -31.33
C CYS D 357 -18.51 -28.68 -32.42
N PRO D 358 -19.03 -29.85 -32.03
CA PRO D 358 -19.64 -30.78 -32.99
C PRO D 358 -20.91 -30.15 -33.46
N GLN D 359 -21.32 -30.51 -34.66
CA GLN D 359 -22.54 -29.98 -35.20
C GLN D 359 -23.69 -30.97 -34.98
N PHE D 360 -24.89 -30.43 -34.84
CA PHE D 360 -26.07 -31.25 -34.58
C PHE D 360 -26.31 -32.30 -35.65
N TYR D 361 -26.37 -33.55 -35.21
CA TYR D 361 -26.34 -34.70 -36.12
C TYR D 361 -27.41 -34.70 -37.20
N LYS D 362 -28.59 -34.20 -36.87
CA LYS D 362 -29.71 -34.28 -37.79
C LYS D 362 -29.51 -33.42 -39.01
N LEU D 363 -28.78 -32.32 -38.87
CA LEU D 363 -28.50 -31.46 -40.06
C LEU D 363 -27.79 -32.21 -41.22
N PHE D 364 -27.02 -33.24 -40.89
CA PHE D 364 -26.28 -34.03 -41.88
C PHE D 364 -26.92 -35.35 -42.31
N ASP D 365 -28.16 -35.60 -41.87
CA ASP D 365 -28.88 -36.80 -42.26
C ASP D 365 -29.23 -36.77 -43.75
N THR D 366 -28.98 -37.89 -44.44
CA THR D 366 -29.15 -37.99 -45.85
C THR D 366 -30.31 -38.92 -46.22
N SER D 367 -31.15 -39.31 -45.25
CA SER D 367 -32.12 -40.40 -45.48
C SER D 367 -33.35 -39.93 -46.23
N GLY D 368 -33.56 -38.62 -46.23
CA GLY D 368 -34.79 -38.04 -46.70
C GLY D 368 -35.86 -37.97 -45.63
N ASN D 369 -35.58 -38.44 -44.41
CA ASN D 369 -36.61 -38.55 -43.37
C ASN D 369 -36.82 -37.24 -42.62
N GLU D 370 -35.79 -36.38 -42.54
CA GLU D 370 -35.75 -35.24 -41.59
C GLU D 370 -36.08 -33.87 -42.21
C1 NAG E . -4.38 16.31 7.47
C2 NAG E . -3.44 15.77 6.38
C3 NAG E . -2.81 16.92 5.59
C4 NAG E . -3.89 17.85 5.07
C5 NAG E . -4.85 18.27 6.18
C6 NAG E . -6.07 19.04 5.69
C7 NAG E . -2.30 13.63 6.73
C8 NAG E . -1.21 12.85 7.43
N2 NAG E . -2.41 14.94 7.00
O3 NAG E . -2.08 16.38 4.53
O4 NAG E . -3.24 19.02 4.65
O5 NAG E . -5.33 17.16 6.89
O6 NAG E . -6.78 19.50 6.83
O7 NAG E . -3.02 13.06 5.92
C1 NAG E . -3.39 19.33 3.26
C2 NAG E . -3.22 20.82 3.03
C3 NAG E . -3.38 21.17 1.56
C4 NAG E . -2.49 20.30 0.68
C5 NAG E . -2.68 18.83 1.08
C6 NAG E . -1.80 17.90 0.23
C7 NAG E . -3.95 22.09 4.96
C8 NAG E . -5.10 22.83 5.59
N2 NAG E . -4.20 21.57 3.76
O3 NAG E . -3.05 22.53 1.42
O4 NAG E . -2.94 20.46 -0.64
O5 NAG E . -2.43 18.66 2.50
O6 NAG E . -0.57 17.70 0.88
O7 NAG E . -2.86 21.99 5.53
C1 BMA E . -1.96 21.01 -1.54
C2 BMA E . -2.35 20.57 -2.96
C3 BMA E . -1.40 21.19 -3.98
C4 BMA E . -1.48 22.71 -3.78
C5 BMA E . -0.95 23.01 -2.37
C6 BMA E . -0.78 24.50 -2.08
O2 BMA E . -3.72 20.91 -3.17
O3 BMA E . -1.68 20.83 -5.35
O4 BMA E . -0.73 23.38 -4.81
O5 BMA E . -1.87 22.45 -1.43
O6 BMA E . 0.27 24.65 -1.10
C1 NAG F . 17.09 24.80 28.70
C2 NAG F . 17.57 23.78 29.73
C3 NAG F . 16.56 23.72 30.88
C4 NAG F . 16.35 25.11 31.48
C5 NAG F . 15.99 26.08 30.36
C6 NAG F . 15.80 27.51 30.88
C7 NAG F . 18.95 21.90 28.94
C8 NAG F . 18.94 20.48 28.41
N2 NAG F . 17.75 22.45 29.18
O3 NAG F . 17.05 22.84 31.87
O4 NAG F . 15.24 25.08 32.34
O5 NAG F . 16.99 26.05 29.38
O6 NAG F . 17.04 27.97 31.34
O7 NAG F . 20.00 22.51 29.15
C1 NAG F . 15.57 25.61 33.64
C2 NAG F . 14.33 26.10 34.38
C3 NAG F . 14.75 26.58 35.76
C4 NAG F . 15.37 25.39 36.47
C5 NAG F . 16.62 25.01 35.67
C6 NAG F . 17.40 23.88 36.32
C7 NAG F . 12.50 27.06 33.09
C8 NAG F . 11.91 28.31 32.48
N2 NAG F . 13.64 27.21 33.75
O3 NAG F . 13.64 27.10 36.48
O4 NAG F . 15.67 25.78 37.79
O5 NAG F . 16.20 24.59 34.38
O6 NAG F . 16.46 22.90 36.71
O7 NAG F . 11.94 25.97 32.93
C1 NAG G . 33.86 32.19 4.06
C2 NAG G . 34.27 32.71 2.68
C3 NAG G . 35.72 32.36 2.35
C4 NAG G . 36.61 32.78 3.48
C5 NAG G . 36.10 32.16 4.79
C6 NAG G . 36.98 32.59 5.96
C7 NAG G . 32.53 32.82 1.02
C8 NAG G . 31.77 32.12 -0.09
N2 NAG G . 33.48 32.14 1.61
O3 NAG G . 36.04 33.10 1.19
O4 NAG G . 37.94 32.39 3.21
O5 NAG G . 34.78 32.61 5.03
O6 NAG G . 36.86 33.99 6.18
O7 NAG G . 32.25 33.96 1.35
C1 NAG G . 38.82 33.51 3.10
C2 NAG G . 40.23 32.99 3.19
C3 NAG G . 41.31 34.04 2.91
C4 NAG G . 41.03 34.78 1.64
C5 NAG G . 39.60 35.31 1.74
C6 NAG G . 39.22 36.12 0.52
C7 NAG G . 40.58 31.14 4.70
C8 NAG G . 40.92 30.68 6.08
N2 NAG G . 40.51 32.44 4.50
O3 NAG G . 42.52 33.37 2.78
O4 NAG G . 41.97 35.85 1.54
O5 NAG G . 38.63 34.27 1.91
O6 NAG G . 38.28 37.05 1.04
O7 NAG G . 40.39 30.34 3.78
C1 NAG H . 40.50 -18.01 37.17
C2 NAG H . 40.35 -16.88 38.14
C3 NAG H . 41.58 -16.00 38.11
C4 NAG H . 42.84 -16.79 38.37
C5 NAG H . 42.89 -18.02 37.47
C6 NAG H . 43.98 -19.02 37.88
C7 NAG H . 38.18 -15.81 38.42
C8 NAG H . 37.08 -15.01 37.75
N2 NAG H . 39.22 -16.12 37.68
O3 NAG H . 41.32 -14.95 39.03
O4 NAG H . 44.03 -16.04 38.12
O5 NAG H . 41.67 -18.75 37.44
O6 NAG H . 44.21 -19.91 36.80
O7 NAG H . 38.07 -16.14 39.58
C1 NAG H . 44.65 -15.46 39.29
C2 NAG H . 46.13 -15.21 38.98
C3 NAG H . 46.79 -14.45 40.12
C4 NAG H . 46.05 -13.14 40.38
C5 NAG H . 44.59 -13.51 40.70
C6 NAG H . 43.73 -12.27 40.94
C7 NAG H . 47.27 -16.93 37.59
C8 NAG H . 47.90 -18.27 37.66
N2 NAG H . 46.80 -16.49 38.75
O3 NAG H . 48.16 -14.21 39.82
O4 NAG H . 46.66 -12.40 41.42
O5 NAG H . 44.02 -14.25 39.64
O6 NAG H . 43.55 -11.56 39.72
O7 NAG H . 47.22 -16.32 36.52
C1 BMA H . 47.23 -11.13 40.99
C2 BMA H . 46.88 -10.06 42.03
C3 BMA H . 47.59 -8.72 41.79
C4 BMA H . 49.09 -9.01 41.63
C5 BMA H . 49.24 -9.95 40.44
C6 BMA H . 50.69 -10.12 39.98
O2 BMA H . 47.27 -10.57 43.30
O3 BMA H . 47.30 -7.80 42.86
O4 BMA H . 49.89 -7.84 41.42
O5 BMA H . 48.65 -11.20 40.83
O6 BMA H . 51.48 -10.90 40.88
C1 NAG I . 39.45 -4.38 9.33
C2 NAG I . 38.04 -4.41 8.74
C3 NAG I . 37.70 -5.76 8.14
C4 NAG I . 38.80 -6.17 7.16
C5 NAG I . 40.16 -6.15 7.86
C6 NAG I . 41.26 -6.53 6.86
C7 NAG I . 36.46 -2.81 9.63
C8 NAG I . 35.31 -2.53 10.57
N2 NAG I . 36.95 -4.04 9.64
O3 NAG I . 36.51 -5.54 7.44
O4 NAG I . 38.51 -7.50 6.80
O5 NAG I . 40.43 -4.87 8.40
O6 NAG I . 41.27 -5.54 5.88
O7 NAG I . 36.93 -1.93 8.90
C1 NAG I . 38.41 -7.64 5.38
C2 NAG I . 38.57 -9.12 5.04
C3 NAG I . 38.23 -9.39 3.57
C4 NAG I . 36.94 -8.69 3.17
C5 NAG I . 37.04 -7.21 3.56
C6 NAG I . 35.76 -6.48 3.22
C7 NAG I . 40.36 -10.10 6.44
C8 NAG I . 41.82 -10.44 6.52
N2 NAG I . 39.94 -9.52 5.30
O3 NAG I . 38.10 -10.79 3.37
O4 NAG I . 36.77 -8.77 1.78
O5 NAG I . 37.18 -7.15 4.95
O6 NAG I . 34.70 -7.20 3.84
O7 NAG I . 39.60 -10.32 7.39
C1 NAG J . -8.77 -1.91 -40.77
C2 NAG J . -8.05 -1.91 -39.42
C3 NAG J . -7.16 -0.67 -39.30
C4 NAG J . -6.30 -0.42 -40.54
C5 NAG J . -7.12 -0.54 -41.84
C6 NAG J . -6.24 -0.60 -43.07
C7 NAG J . -9.10 -2.82 -37.37
C8 NAG J . -10.21 -2.68 -36.36
N2 NAG J . -9.05 -1.93 -38.36
O3 NAG J . -6.37 -0.78 -38.13
O4 NAG J . -5.73 0.88 -40.46
O5 NAG J . -7.89 -1.73 -41.86
O6 NAG J . -5.38 -1.71 -43.01
O7 NAG J . -8.30 -3.74 -37.24
C1 NAG J . -4.28 0.86 -40.35
C2 NAG J . -3.73 2.20 -40.86
C3 NAG J . -2.24 2.39 -40.53
C4 NAG J . -1.93 1.97 -39.09
C5 NAG J . -2.42 0.54 -38.92
C6 NAG J . -1.97 -0.09 -37.61
C7 NAG J . -4.97 2.77 -42.94
C8 NAG J . -4.94 2.69 -44.44
N2 NAG J . -3.91 2.24 -42.31
O3 NAG J . -1.86 3.73 -40.79
O4 NAG J . -0.54 2.00 -38.81
O5 NAG J . -3.83 0.58 -39.04
O6 NAG J . -2.27 0.76 -36.53
O7 NAG J . -5.91 3.29 -42.36
C1 BMA J . -0.07 3.29 -38.34
C2 BMA J . 1.03 3.06 -37.30
C3 BMA J . 1.53 4.42 -36.80
C4 BMA J . 2.02 5.25 -37.99
C5 BMA J . 0.88 5.41 -39.00
C6 BMA J . 1.31 6.21 -40.24
O2 BMA J . 2.12 2.30 -37.85
O3 BMA J . 2.56 4.25 -35.81
O4 BMA J . 2.48 6.53 -37.54
O5 BMA J . 0.41 4.11 -39.41
O6 BMA J . 0.20 6.40 -41.12
C1 NAG K . -10.51 -12.38 7.41
C2 NAG K . -9.31 -12.21 6.53
C3 NAG K . -8.76 -13.59 6.19
C4 NAG K . -8.39 -14.37 7.43
C5 NAG K . -9.59 -14.38 8.35
C6 NAG K . -9.22 -14.98 9.70
C7 NAG K . -9.20 -10.33 4.99
C8 NAG K . -9.74 -9.72 3.72
N2 NAG K . -9.71 -11.53 5.35
O3 NAG K . -7.65 -13.42 5.36
O4 NAG K . -8.23 -15.73 7.08
O5 NAG K . -10.04 -13.09 8.55
O6 NAG K . -10.28 -14.72 10.59
O7 NAG K . -8.35 -9.74 5.64
C1 NAG K . -6.93 -16.28 7.39
C2 NAG K . -7.07 -17.79 7.49
C3 NAG K . -5.70 -18.42 7.72
C4 NAG K . -4.77 -17.98 6.59
C5 NAG K . -4.71 -16.46 6.60
C6 NAG K . -3.80 -15.96 5.49
C7 NAG K . -9.28 -18.49 8.30
C8 NAG K . -10.11 -18.84 9.50
N2 NAG K . -8.00 -18.17 8.54
O3 NAG K . -5.81 -19.81 7.70
O4 NAG K . -3.50 -18.58 6.76
O5 NAG K . -6.00 -15.92 6.39
O6 NAG K . -4.47 -16.25 4.29
O7 NAG K . -9.79 -18.49 7.18
C1 NAG L . -10.34 -36.85 -26.13
C2 NAG L . -9.14 -37.77 -26.24
C3 NAG L . -8.67 -37.93 -27.68
C4 NAG L . -9.84 -38.18 -28.62
C5 NAG L . -10.98 -37.18 -28.37
C6 NAG L . -12.26 -37.52 -29.12
C7 NAG L . -7.48 -37.74 -24.42
C8 NAG L . -6.41 -36.88 -23.80
N2 NAG L . -8.07 -37.18 -25.47
O3 NAG L . -7.79 -39.02 -27.65
O4 NAG L . -9.45 -38.09 -29.98
O5 NAG L . -11.34 -37.25 -27.02
O6 NAG L . -12.70 -38.77 -28.65
O7 NAG L . -7.78 -38.85 -23.99
C1 NAG L . -9.43 -39.40 -30.58
C2 NAG L . -9.39 -39.24 -32.09
C3 NAG L . -9.14 -40.57 -32.83
C4 NAG L . -8.08 -41.44 -32.15
C5 NAG L . -8.35 -41.49 -30.65
C6 NAG L . -7.31 -42.29 -29.87
C7 NAG L . -10.75 -37.39 -32.93
C8 NAG L . -12.10 -36.95 -33.40
N2 NAG L . -10.65 -38.66 -32.55
O3 NAG L . -8.73 -40.32 -34.15
O4 NAG L . -8.06 -42.71 -32.76
O5 NAG L . -8.33 -40.16 -30.14
O6 NAG L . -7.34 -41.79 -28.55
O7 NAG L . -9.80 -36.62 -32.93
C1 NAG M . -32.89 -21.10 -12.50
C2 NAG M . -33.68 -19.91 -12.99
C3 NAG M . -34.65 -19.40 -11.94
C4 NAG M . -35.53 -20.55 -11.47
C5 NAG M . -34.58 -21.59 -10.92
C6 NAG M . -35.35 -22.78 -10.38
C7 NAG M . -32.44 -18.60 -14.65
C8 NAG M . -31.50 -17.45 -14.95
N2 NAG M . -32.77 -18.84 -13.36
O3 NAG M . -35.41 -18.40 -12.56
O4 NAG M . -36.26 -20.07 -10.38
O5 NAG M . -33.78 -22.07 -11.95
O6 NAG M . -36.05 -23.33 -11.44
O7 NAG M . -32.86 -19.31 -15.54
C1 NAG M . -37.67 -20.06 -10.60
C2 NAG M . -38.35 -19.96 -9.23
C3 NAG M . -39.84 -19.78 -9.33
C4 NAG M . -40.20 -18.70 -10.34
C5 NAG M . -39.42 -18.89 -11.66
C6 NAG M . -39.70 -17.80 -12.71
C7 NAG M . -37.07 -21.14 -7.53
C8 NAG M . -36.90 -22.44 -6.82
N2 NAG M . -38.06 -21.12 -8.44
O3 NAG M . -40.26 -19.47 -8.03
O4 NAG M . -41.56 -18.86 -10.71
O5 NAG M . -38.03 -18.95 -11.40
O6 NAG M . -39.38 -16.54 -12.17
O7 NAG M . -36.30 -20.18 -7.30
C1 BMA M . -42.50 -18.05 -9.97
C2 BMA M . -43.82 -18.04 -10.71
C3 BMA M . -44.80 -17.07 -10.03
C4 BMA M . -44.92 -17.36 -8.54
C5 BMA M . -43.58 -17.66 -7.87
C6 BMA M . -43.80 -18.27 -6.50
O2 BMA M . -44.35 -19.37 -10.70
O3 BMA M . -46.10 -17.21 -10.62
O4 BMA M . -45.48 -16.20 -7.90
O5 BMA M . -42.77 -18.55 -8.65
O6 BMA M . -42.50 -18.50 -5.94
C1 MAN M . -42.59 -18.84 -4.56
C2 MAN M . -41.21 -18.59 -3.94
C3 MAN M . -40.22 -19.71 -4.32
C4 MAN M . -40.82 -21.11 -4.15
C5 MAN M . -42.17 -21.19 -4.84
C6 MAN M . -42.83 -22.56 -4.60
O2 MAN M . -41.36 -18.41 -2.54
O3 MAN M . -39.03 -19.69 -3.57
O4 MAN M . -39.93 -22.06 -4.68
O5 MAN M . -43.01 -20.18 -4.32
O6 MAN M . -43.08 -22.65 -3.21
C1 MAN M . -37.93 -19.03 -4.25
C2 MAN M . -36.66 -19.42 -3.50
C3 MAN M . -36.64 -18.78 -2.10
C4 MAN M . -36.93 -17.27 -2.18
C5 MAN M . -38.20 -17.04 -3.01
C6 MAN M . -38.54 -15.57 -3.17
O2 MAN M . -35.51 -19.04 -4.23
O3 MAN M . -35.38 -19.06 -1.54
O4 MAN M . -37.08 -16.73 -0.88
O5 MAN M . -38.03 -17.63 -4.29
O6 MAN M . -37.93 -15.10 -4.35
C1 MAN M . -43.50 -23.96 -2.77
C2 MAN M . -43.53 -23.88 -1.25
C3 MAN M . -42.09 -23.83 -0.70
C4 MAN M . -41.30 -25.02 -1.21
C5 MAN M . -41.33 -25.00 -2.75
C6 MAN M . -40.51 -26.08 -3.46
O2 MAN M . -44.22 -25.00 -0.74
O3 MAN M . -42.08 -23.77 0.71
O4 MAN M . -39.99 -24.89 -0.70
O5 MAN M . -42.69 -25.06 -3.18
O6 MAN M . -40.71 -27.38 -2.94
C1 MAN M . -46.82 -15.96 -10.67
C2 MAN M . -48.30 -16.28 -10.42
C3 MAN M . -49.15 -16.08 -11.67
C4 MAN M . -48.44 -16.60 -12.92
C5 MAN M . -47.02 -16.00 -13.03
C6 MAN M . -46.92 -15.10 -14.26
O2 MAN M . -48.81 -15.50 -9.35
O3 MAN M . -49.45 -14.71 -11.85
O4 MAN M . -48.37 -18.01 -12.89
O5 MAN M . -46.63 -15.27 -11.89
O6 MAN M . -47.31 -15.86 -15.39
C1 NAG N . 8.61 44.25 12.05
C2 NAG N . 9.61 45.29 11.59
C3 NAG N . 9.36 45.83 10.19
C4 NAG N . 9.03 44.70 9.20
C5 NAG N . 7.97 43.78 9.82
C6 NAG N . 7.49 42.68 8.87
C7 NAG N . 10.58 46.49 13.46
C8 NAG N . 10.49 47.64 14.44
N2 NAG N . 9.62 46.38 12.55
O3 NAG N . 10.51 46.53 9.74
O4 NAG N . 8.59 45.26 7.96
O5 NAG N . 8.49 43.25 11.04
O6 NAG N . 8.10 41.44 9.12
O7 NAG N . 11.51 45.71 13.52
C1 NAG O . 5.07 -15.42 11.20
C2 NAG O . 6.29 -15.68 10.28
C3 NAG O . 6.19 -17.00 9.49
C4 NAG O . 5.84 -18.16 10.42
C5 NAG O . 4.52 -17.77 11.09
C6 NAG O . 3.90 -18.91 11.91
C7 NAG O . 7.64 -13.80 9.36
C8 NAG O . 7.74 -12.71 8.32
N2 NAG O . 6.55 -14.60 9.32
O3 NAG O . 7.44 -17.19 8.89
O4 NAG O . 5.78 -19.41 9.72
O5 NAG O . 4.73 -16.63 11.90
O6 NAG O . 4.23 -18.83 13.29
O7 NAG O . 8.54 -13.87 10.20
C1 NAG P . 51.20 13.02 30.91
C2 NAG P . 52.46 12.28 31.44
C3 NAG P . 52.53 12.14 32.97
C4 NAG P . 51.89 13.32 33.70
C5 NAG P . 50.51 13.55 33.09
C6 NAG P . 49.56 14.46 33.87
C7 NAG P . 53.21 10.70 29.72
C8 NAG P . 53.10 9.30 29.13
N2 NAG P . 52.46 10.97 30.79
O3 NAG P . 53.87 12.00 33.38
O4 NAG P . 51.77 13.02 35.09
O5 NAG P . 50.72 14.03 31.79
O6 NAG P . 50.25 15.56 34.42
O7 NAG P . 53.97 11.52 29.23
C1 SID Q . -26.49 14.17 12.33
O1A SID Q . -25.49 13.94 11.61
C2 SID Q . -27.32 12.95 12.81
O2 SID Q . -26.87 12.57 14.15
C3 SID Q . -28.83 13.31 12.84
O1B SID Q . -26.88 15.30 12.69
C4 SID Q . -29.47 13.34 11.42
O4 SID Q . -30.90 13.44 11.50
C5 SID Q . -29.09 12.12 10.56
N5 SID Q . -29.53 12.30 9.16
C6 SID Q . -27.58 12.02 10.59
O6 SID Q . -27.09 11.81 11.94
C7 SID Q . -27.10 10.83 9.80
O7 SID Q . -27.71 9.61 10.28
C8 SID Q . -25.61 10.75 9.97
O8 SID Q . -24.99 11.81 9.22
C9 SID Q . -25.16 9.38 9.52
S9 SID Q . -23.51 9.46 8.78
C10 SID Q . -30.41 11.49 8.56
O10 SID Q . -30.93 10.51 9.08
C11 SID Q . -30.73 11.84 7.11
CA9 SID Q . -23.85 9.14 7.10
OA9 SID Q . -23.81 7.98 6.71
CM2 SID Q . -25.46 12.26 14.26
CM9 SID Q . -24.14 10.30 6.15
C1 NAG R . -7.57 16.68 -9.03
C2 NAG R . -6.60 16.48 -10.18
C3 NAG R . -5.63 17.64 -10.28
C4 NAG R . -6.28 19.01 -10.20
C5 NAG R . -7.41 19.09 -9.17
C6 NAG R . -8.32 20.26 -9.55
C7 NAG R . -6.02 14.14 -10.84
C8 NAG R . -5.18 12.94 -10.53
N2 NAG R . -5.86 15.23 -10.04
O3 NAG R . -4.98 17.59 -11.52
O4 NAG R . -5.29 19.97 -9.91
O5 NAG R . -8.21 17.93 -9.14
O6 NAG R . -8.71 20.99 -8.41
O7 NAG R . -6.79 14.11 -11.79
C1 NAG S . -20.82 -41.12 1.22
C2 NAG S . -20.97 -42.53 0.65
C3 NAG S . -20.02 -43.51 1.34
C4 NAG S . -18.61 -42.95 1.32
C5 NAG S . -18.59 -41.52 1.88
C6 NAG S . -17.18 -40.94 1.83
C7 NAG S . -23.15 -43.05 -0.39
C8 NAG S . -24.54 -43.54 -0.19
N2 NAG S . -22.35 -43.01 0.70
O3 NAG S . -20.01 -44.75 0.64
O4 NAG S . -17.76 -43.78 2.10
O5 NAG S . -19.48 -40.68 1.17
O6 NAG S . -16.30 -41.81 1.14
O7 NAG S . -22.79 -42.68 -1.52
#